data_7P6Q
#
_entry.id   7P6Q
#
_cell.length_a   150.628
_cell.length_b   132.544
_cell.length_c   92.178
_cell.angle_alpha   90.000
_cell.angle_beta   109.070
_cell.angle_gamma   90.000
#
_symmetry.space_group_name_H-M   'C 1 2 1'
#
loop_
_entity.id
_entity.type
_entity.pdbx_description
1 polymer 'Rho-associated protein kinase 2'
2 non-polymer 4-(3-fluoranylpyridin-4-yl)-~{N}-[(1~{R})-1-(3-methoxyphenyl)ethyl]piperazine-1-carboxamide
3 water water
#
_entity_poly.entity_id   1
_entity_poly.type   'polypeptide(L)'
_entity_poly.pdbx_seq_one_letter_code
;GDGAGASRQRKLEALIRDPRSPINVESLLDGLNSLVLDLDFPALRKNKNIDNFLNRYEKIVKKIRGLQMKAEDYDVVKVI
GRGAFGEVQLVRHKASQKVYAMKLLSKFEMIKRSDSAFFWEERDIMAFANSPWVVQLFYAFQDDRYLYMVMEYMPGGDLV
NLMSNYDVPEKWAKFYTAEVVLALDAIHSMGLIHRDVKPDNMLLDKHGHLKLADFGTCMKMDETGMVHCDTAVGTPDYIS
PEVLKSQGGDGFYGRECDWWSVGVFLYEMLVGDTPFYADSLVGTYSKIMDHKNSLCFPEDAEISKHAKNLICAFLTDREV
RLGRNGVEEIRQHPFFKNDQWHWDNIRETAAPVVPELSSDIDSSNFDDIEDDKGDVETFPIPKAFVGNQLPFIGFTYYR
;
_entity_poly.pdbx_strand_id   A,B,C,D
#
loop_
_chem_comp.id
_chem_comp.type
_chem_comp.name
_chem_comp.formula
5YO non-polymer 4-(3-fluoranylpyridin-4-yl)-~{N}-[(1~{R})-1-(3-methoxyphenyl)ethyl]piperazine-1-carboxamide 'C19 H23 F N4 O2'
#
# COMPACT_ATOMS: atom_id res chain seq x y z
N ALA A 6 -45.22 -30.23 22.97
CA ALA A 6 -46.10 -30.99 22.02
C ALA A 6 -45.78 -30.61 20.55
N SER A 7 -46.71 -29.95 19.85
CA SER A 7 -46.38 -29.33 18.57
C SER A 7 -45.26 -28.28 18.70
N ARG A 8 -45.16 -27.64 19.87
CA ARG A 8 -44.08 -26.70 20.19
C ARG A 8 -42.68 -27.30 20.05
N GLN A 9 -42.49 -28.54 20.48
CA GLN A 9 -41.18 -29.20 20.36
C GLN A 9 -40.89 -29.50 18.89
N ARG A 10 -41.95 -29.82 18.15
CA ARG A 10 -41.85 -29.99 16.68
C ARG A 10 -41.53 -28.66 15.96
N LYS A 11 -42.19 -27.60 16.38
CA LYS A 11 -41.98 -26.25 15.81
C LYS A 11 -40.54 -25.82 15.98
N LEU A 12 -40.07 -25.94 17.22
CA LEU A 12 -38.69 -25.60 17.61
C LEU A 12 -37.66 -26.44 16.85
N GLU A 13 -37.89 -27.75 16.78
CA GLU A 13 -37.04 -28.67 16.00
C GLU A 13 -36.97 -28.25 14.52
N ALA A 14 -38.11 -27.83 13.98
CA ALA A 14 -38.19 -27.35 12.58
C ALA A 14 -37.37 -26.09 12.31
N LEU A 15 -37.34 -25.18 13.28
CA LEU A 15 -36.47 -23.98 13.21
C LEU A 15 -35.01 -24.37 13.13
N ILE A 16 -34.63 -25.28 14.00
CA ILE A 16 -33.26 -25.79 14.08
C ILE A 16 -32.86 -26.61 12.84
N ARG A 17 -33.80 -27.32 12.23
CA ARG A 17 -33.52 -28.08 11.00
C ARG A 17 -33.18 -27.17 9.83
N ASP A 18 -33.91 -26.06 9.74
CA ASP A 18 -33.85 -25.14 8.60
C ASP A 18 -32.46 -24.51 8.38
N PRO A 19 -31.83 -24.71 7.20
CA PRO A 19 -30.52 -24.10 6.96
C PRO A 19 -30.47 -22.57 6.87
N ARG A 20 -31.62 -21.92 6.65
CA ARG A 20 -31.73 -20.45 6.68
C ARG A 20 -31.87 -19.88 8.10
N SER A 21 -32.03 -20.74 9.10
CA SER A 21 -32.32 -20.28 10.46
C SER A 21 -31.08 -19.76 11.19
N PRO A 22 -31.24 -18.67 11.94
CA PRO A 22 -30.15 -18.23 12.82
C PRO A 22 -29.84 -19.19 13.98
N ILE A 23 -30.73 -20.14 14.23
CA ILE A 23 -30.54 -21.13 15.30
C ILE A 23 -30.42 -22.55 14.78
N ASN A 24 -30.00 -22.72 13.52
CA ASN A 24 -29.53 -24.05 13.07
C ASN A 24 -28.33 -24.55 13.89
N VAL A 25 -28.07 -25.85 13.81
CA VAL A 25 -26.99 -26.49 14.58
C VAL A 25 -25.63 -25.78 14.43
N GLU A 26 -25.29 -25.44 13.20
CA GLU A 26 -24.00 -24.82 12.93
C GLU A 26 -23.90 -23.45 13.61
N SER A 27 -24.99 -22.68 13.55
CA SER A 27 -25.07 -21.39 14.24
C SER A 27 -24.99 -21.52 15.75
N LEU A 28 -25.73 -22.47 16.29
CA LEU A 28 -25.68 -22.73 17.71
C LEU A 28 -24.25 -23.07 18.17
N LEU A 29 -23.55 -23.88 17.37
CA LEU A 29 -22.13 -24.19 17.64
C LEU A 29 -21.24 -22.96 17.53
N ASP A 30 -21.47 -22.14 16.52
CA ASP A 30 -20.76 -20.86 16.43
C ASP A 30 -20.94 -20.09 17.73
N GLY A 31 -22.18 -20.00 18.18
CA GLY A 31 -22.53 -19.41 19.48
C GLY A 31 -21.63 -19.88 20.61
N LEU A 32 -21.45 -21.19 20.71
CA LEU A 32 -20.59 -21.80 21.74
C LEU A 32 -19.11 -21.46 21.53
N ASN A 33 -18.59 -21.81 20.35
CA ASN A 33 -17.20 -21.50 20.01
C ASN A 33 -16.84 -20.04 20.24
N SER A 34 -17.70 -19.14 19.80
CA SER A 34 -17.50 -17.70 19.96
C SER A 34 -17.43 -17.30 21.41
N LEU A 35 -18.38 -17.79 22.20
CA LEU A 35 -18.41 -17.52 23.64
C LEU A 35 -17.11 -17.96 24.32
N VAL A 36 -16.62 -19.14 23.95
CA VAL A 36 -15.37 -19.68 24.50
C VAL A 36 -14.16 -18.84 24.05
N LEU A 37 -14.12 -18.50 22.78
CA LEU A 37 -13.07 -17.60 22.26
C LEU A 37 -13.07 -16.22 22.91
N ASP A 38 -14.27 -15.70 23.20
CA ASP A 38 -14.43 -14.35 23.78
C ASP A 38 -14.10 -14.29 25.26
N LEU A 39 -14.35 -15.38 25.97
CA LEU A 39 -14.14 -15.47 27.41
C LEU A 39 -12.77 -16.05 27.83
N ASP A 40 -12.14 -16.88 26.98
CA ASP A 40 -10.86 -17.60 27.34
C ASP A 40 -9.61 -16.71 27.27
N PHE A 41 -9.50 -15.87 28.29
CA PHE A 41 -8.37 -14.96 28.48
C PHE A 41 -8.11 -14.86 29.98
N PRO A 42 -6.81 -14.84 30.39
CA PRO A 42 -6.47 -14.96 31.82
C PRO A 42 -7.21 -13.99 32.74
N ALA A 43 -7.35 -12.74 32.29
CA ALA A 43 -7.98 -11.68 33.09
C ALA A 43 -9.43 -11.99 33.41
N LEU A 44 -10.12 -12.49 32.39
CA LEU A 44 -11.55 -12.80 32.49
C LEU A 44 -11.79 -14.02 33.39
N ARG A 45 -10.85 -14.95 33.44
CA ARG A 45 -10.99 -16.17 34.27
C ARG A 45 -10.85 -15.93 35.79
N LYS A 46 -10.47 -14.72 36.19
CA LYS A 46 -10.57 -14.29 37.59
C LYS A 46 -12.04 -14.27 38.06
N ASN A 47 -12.96 -14.14 37.10
CA ASN A 47 -14.40 -14.34 37.34
C ASN A 47 -14.68 -15.85 37.41
N LYS A 48 -15.17 -16.31 38.54
CA LYS A 48 -15.40 -17.75 38.77
C LYS A 48 -16.47 -18.36 37.87
N ASN A 49 -17.51 -17.59 37.54
CA ASN A 49 -18.53 -18.04 36.57
C ASN A 49 -17.88 -18.44 35.25
N ILE A 50 -17.04 -17.54 34.78
CA ILE A 50 -16.33 -17.69 33.51
C ILE A 50 -15.35 -18.85 33.59
N ASP A 51 -14.56 -18.93 34.66
CA ASP A 51 -13.53 -19.96 34.78
C ASP A 51 -14.11 -21.37 34.79
N ASN A 52 -15.08 -21.58 35.65
CA ASN A 52 -15.77 -22.87 35.77
C ASN A 52 -16.54 -23.27 34.51
N PHE A 53 -17.18 -22.30 33.85
CA PHE A 53 -17.81 -22.55 32.54
C PHE A 53 -16.80 -23.08 31.53
N LEU A 54 -15.66 -22.40 31.42
CA LEU A 54 -14.60 -22.80 30.47
C LEU A 54 -14.03 -24.19 30.78
N ASN A 55 -13.79 -24.46 32.06
CA ASN A 55 -13.35 -25.78 32.50
C ASN A 55 -14.32 -26.87 32.12
N ARG A 56 -15.60 -26.63 32.37
CA ARG A 56 -16.65 -27.56 31.96
C ARG A 56 -16.66 -27.85 30.46
N TYR A 57 -16.50 -26.79 29.68
CA TYR A 57 -16.54 -26.88 28.20
C TYR A 57 -15.16 -26.91 27.49
N GLU A 58 -14.07 -27.12 28.24
CA GLU A 58 -12.71 -27.16 27.65
C GLU A 58 -12.53 -28.38 26.74
N LYS A 59 -12.78 -29.56 27.28
CA LYS A 59 -12.64 -30.83 26.54
C LYS A 59 -13.52 -30.88 25.27
N ILE A 60 -14.82 -30.69 25.45
CA ILE A 60 -15.78 -30.83 24.36
C ILE A 60 -15.53 -29.84 23.20
N VAL A 61 -15.04 -28.64 23.51
CA VAL A 61 -14.76 -27.60 22.50
C VAL A 61 -13.46 -27.90 21.77
N LYS A 62 -12.52 -28.58 22.42
CA LYS A 62 -11.35 -29.12 21.71
C LYS A 62 -11.83 -30.11 20.66
N LYS A 63 -12.56 -31.12 21.13
CA LYS A 63 -13.11 -32.20 20.27
C LYS A 63 -13.83 -31.60 19.03
N ILE A 64 -14.70 -30.62 19.25
CA ILE A 64 -15.46 -29.94 18.19
C ILE A 64 -14.56 -29.22 17.18
N ARG A 65 -13.55 -28.51 17.68
CA ARG A 65 -12.63 -27.77 16.81
C ARG A 65 -11.91 -28.72 15.86
N GLY A 66 -11.56 -29.89 16.38
CA GLY A 66 -10.94 -30.96 15.58
C GLY A 66 -11.85 -31.56 14.52
N LEU A 67 -13.08 -31.86 14.92
CA LEU A 67 -14.06 -32.43 13.99
C LEU A 67 -14.53 -31.45 12.91
N GLN A 68 -14.75 -30.20 13.29
CA GLN A 68 -15.29 -29.18 12.39
C GLN A 68 -14.32 -28.80 11.33
N MET A 69 -14.88 -28.32 10.22
CA MET A 69 -14.11 -27.89 9.09
C MET A 69 -13.23 -26.71 9.49
N LYS A 70 -12.03 -26.69 8.92
CA LYS A 70 -11.02 -25.70 9.26
C LYS A 70 -10.05 -25.48 8.10
N ALA A 71 -9.36 -24.34 8.14
CA ALA A 71 -8.38 -23.96 7.09
C ALA A 71 -7.32 -25.04 6.83
N GLU A 72 -6.94 -25.71 7.91
CA GLU A 72 -5.96 -26.83 7.85
C GLU A 72 -6.44 -27.99 6.97
N ASP A 73 -7.74 -28.13 6.79
CA ASP A 73 -8.33 -29.17 5.91
C ASP A 73 -8.07 -28.94 4.41
N TYR A 74 -7.62 -27.73 4.07
CA TYR A 74 -7.28 -27.32 2.70
C TYR A 74 -5.79 -27.00 2.56
N ASP A 75 -5.23 -27.36 1.41
CA ASP A 75 -3.87 -26.94 0.98
C ASP A 75 -3.97 -25.73 0.07
N VAL A 76 -3.24 -24.67 0.40
CA VAL A 76 -3.25 -23.44 -0.39
C VAL A 76 -2.28 -23.62 -1.53
N VAL A 77 -2.79 -23.48 -2.74
CA VAL A 77 -2.00 -23.61 -3.96
C VAL A 77 -1.48 -22.26 -4.44
N LYS A 78 -2.37 -21.27 -4.51
CA LYS A 78 -1.98 -19.91 -4.96
C LYS A 78 -2.98 -18.87 -4.47
N VAL A 79 -2.50 -17.65 -4.25
CA VAL A 79 -3.38 -16.49 -4.01
C VAL A 79 -3.74 -15.95 -5.37
N ILE A 80 -5.03 -15.97 -5.68
CA ILE A 80 -5.54 -15.56 -7.00
C ILE A 80 -6.28 -14.24 -6.97
N GLY A 81 -6.49 -13.71 -5.76
CA GLY A 81 -7.10 -12.40 -5.60
C GLY A 81 -6.78 -11.77 -4.26
N ARG A 82 -6.70 -10.45 -4.25
CA ARG A 82 -6.62 -9.65 -3.04
C ARG A 82 -7.77 -8.63 -3.10
N GLY A 83 -8.36 -8.36 -1.94
CA GLY A 83 -9.46 -7.40 -1.81
C GLY A 83 -9.39 -6.60 -0.52
N ALA A 84 -10.32 -5.67 -0.36
CA ALA A 84 -10.33 -4.68 0.75
C ALA A 84 -10.16 -5.28 2.13
N PHE A 85 -10.81 -6.41 2.38
CA PHE A 85 -10.78 -7.08 3.70
C PHE A 85 -10.19 -8.49 3.69
N GLY A 86 -9.61 -8.91 2.57
CA GLY A 86 -8.79 -10.13 2.59
C GLY A 86 -8.26 -10.57 1.24
N GLU A 87 -8.36 -11.87 1.00
CA GLU A 87 -7.81 -12.48 -0.20
C GLU A 87 -8.58 -13.71 -0.62
N VAL A 88 -8.37 -14.06 -1.88
CA VAL A 88 -8.92 -15.26 -2.47
C VAL A 88 -7.78 -16.21 -2.82
N GLN A 89 -7.95 -17.46 -2.40
CA GLN A 89 -6.97 -18.49 -2.53
C GLN A 89 -7.51 -19.59 -3.39
N LEU A 90 -6.73 -20.03 -4.36
CA LEU A 90 -6.94 -21.33 -4.99
C LEU A 90 -6.48 -22.40 -4.00
N VAL A 91 -7.38 -23.31 -3.67
CA VAL A 91 -7.08 -24.36 -2.69
C VAL A 91 -7.46 -25.75 -3.18
N ARG A 92 -6.98 -26.75 -2.46
CA ARG A 92 -7.39 -28.13 -2.66
C ARG A 92 -7.70 -28.74 -1.32
N HIS A 93 -8.89 -29.35 -1.19
CA HIS A 93 -9.31 -30.00 0.07
C HIS A 93 -8.59 -31.33 0.17
N LYS A 94 -7.80 -31.48 1.24
CA LYS A 94 -6.79 -32.57 1.37
C LYS A 94 -7.38 -33.96 1.16
N ALA A 95 -8.47 -34.24 1.86
CA ALA A 95 -9.17 -35.54 1.81
C ALA A 95 -9.79 -35.87 0.46
N SER A 96 -10.76 -35.07 0.04
CA SER A 96 -11.44 -35.24 -1.27
C SER A 96 -10.55 -34.97 -2.50
N GLN A 97 -9.47 -34.23 -2.29
CA GLN A 97 -8.56 -33.78 -3.38
C GLN A 97 -9.20 -32.78 -4.35
N LYS A 98 -10.37 -32.26 -3.98
CA LYS A 98 -11.16 -31.40 -4.87
C LYS A 98 -10.69 -29.97 -4.77
N VAL A 99 -10.71 -29.27 -5.89
CA VAL A 99 -10.19 -27.91 -5.97
C VAL A 99 -11.30 -26.89 -5.83
N TYR A 100 -11.04 -25.86 -5.06
CA TYR A 100 -12.01 -24.80 -4.81
C TYR A 100 -11.32 -23.44 -4.81
N ALA A 101 -12.12 -22.39 -4.95
CA ALA A 101 -11.69 -21.05 -4.60
C ALA A 101 -12.17 -20.78 -3.19
N MET A 102 -11.29 -20.18 -2.38
CA MET A 102 -11.58 -19.89 -0.98
C MET A 102 -11.36 -18.43 -0.68
N LYS A 103 -12.43 -17.74 -0.29
CA LYS A 103 -12.35 -16.32 0.01
C LYS A 103 -12.18 -16.18 1.50
N LEU A 104 -11.19 -15.37 1.88
CA LEU A 104 -10.90 -15.10 3.29
C LEU A 104 -11.25 -13.68 3.61
N LEU A 105 -11.87 -13.46 4.76
CA LEU A 105 -12.17 -12.10 5.25
C LEU A 105 -11.66 -11.93 6.67
N SER A 106 -10.89 -10.87 6.87
CA SER A 106 -10.28 -10.57 8.18
C SER A 106 -11.28 -10.00 9.17
N LYS A 107 -11.45 -10.69 10.30
CA LYS A 107 -12.37 -10.23 11.35
C LYS A 107 -11.91 -8.89 11.92
N PHE A 108 -10.64 -8.83 12.31
CA PHE A 108 -10.04 -7.61 12.84
C PHE A 108 -10.32 -6.41 11.95
N GLU A 109 -10.03 -6.55 10.66
CA GLU A 109 -10.15 -5.43 9.73
C GLU A 109 -11.60 -4.98 9.60
N MET A 110 -12.49 -5.93 9.38
CA MET A 110 -13.93 -5.67 9.29
C MET A 110 -14.44 -4.90 10.50
N ILE A 111 -14.07 -5.36 11.68
CA ILE A 111 -14.47 -4.70 12.94
C ILE A 111 -13.84 -3.31 12.96
N LYS A 112 -12.51 -3.26 12.87
CA LYS A 112 -11.72 -2.01 12.91
C LYS A 112 -12.29 -0.96 11.94
N ARG A 113 -12.57 -1.37 10.72
CA ARG A 113 -13.05 -0.45 9.67
C ARG A 113 -14.57 -0.46 9.53
N SER A 114 -15.25 -0.45 10.67
CA SER A 114 -16.74 -0.41 10.81
C SER A 114 -17.57 -0.99 9.64
N ASP A 115 -17.18 -2.18 9.21
CA ASP A 115 -17.82 -2.83 8.08
C ASP A 115 -17.85 -4.34 8.33
N SER A 116 -18.89 -4.79 9.05
CA SER A 116 -19.00 -6.18 9.54
C SER A 116 -20.38 -6.86 9.27
N ALA A 117 -21.06 -6.44 8.21
CA ALA A 117 -22.36 -7.05 7.80
C ALA A 117 -22.54 -7.38 6.30
N PHE A 118 -21.68 -6.87 5.42
CA PHE A 118 -21.77 -7.16 3.96
C PHE A 118 -21.73 -8.65 3.59
N PHE A 119 -20.98 -9.43 4.35
CA PHE A 119 -20.74 -10.85 4.05
C PHE A 119 -21.99 -11.71 4.12
N TRP A 120 -22.94 -11.31 4.96
CA TRP A 120 -24.18 -12.08 5.16
C TRP A 120 -24.93 -12.28 3.83
N GLU A 121 -25.25 -11.19 3.14
CA GLU A 121 -25.91 -11.30 1.80
C GLU A 121 -25.04 -12.02 0.81
N GLU A 122 -23.75 -11.72 0.82
CA GLU A 122 -22.80 -12.40 -0.07
C GLU A 122 -22.84 -13.91 0.16
N ARG A 123 -22.85 -14.32 1.40
CA ARG A 123 -22.91 -15.74 1.76
C ARG A 123 -24.21 -16.36 1.30
N ASP A 124 -25.30 -15.72 1.68
CA ASP A 124 -26.64 -16.18 1.34
C ASP A 124 -26.86 -16.28 -0.17
N ILE A 125 -26.48 -15.24 -0.91
CA ILE A 125 -26.60 -15.23 -2.39
C ILE A 125 -25.95 -16.47 -2.95
N MET A 126 -24.74 -16.73 -2.51
CA MET A 126 -23.93 -17.80 -3.06
C MET A 126 -24.37 -19.19 -2.60
N ALA A 127 -24.80 -19.28 -1.35
CA ALA A 127 -25.32 -20.51 -0.77
C ALA A 127 -26.64 -20.97 -1.39
N PHE A 128 -27.53 -20.02 -1.63
CA PHE A 128 -28.95 -20.30 -1.89
C PHE A 128 -29.54 -19.85 -3.25
N ALA A 129 -28.81 -19.03 -4.01
CA ALA A 129 -29.29 -18.55 -5.34
C ALA A 129 -29.72 -19.71 -6.21
N ASN A 130 -28.91 -20.76 -6.16
CA ASN A 130 -29.19 -22.00 -6.84
C ASN A 130 -29.41 -21.75 -8.32
N SER A 131 -28.41 -21.15 -8.93
CA SER A 131 -28.51 -20.53 -10.26
C SER A 131 -27.20 -20.65 -11.01
N PRO A 132 -27.25 -21.00 -12.30
CA PRO A 132 -25.99 -21.11 -13.07
C PRO A 132 -25.29 -19.79 -13.34
N TRP A 133 -25.95 -18.67 -13.08
CA TRP A 133 -25.32 -17.34 -13.18
C TRP A 133 -24.61 -16.86 -11.91
N VAL A 134 -24.72 -17.64 -10.84
CA VAL A 134 -24.17 -17.26 -9.55
C VAL A 134 -23.26 -18.37 -9.02
N VAL A 135 -22.09 -17.97 -8.52
CA VAL A 135 -21.08 -18.92 -8.10
C VAL A 135 -21.55 -19.62 -6.85
N GLN A 136 -21.30 -20.92 -6.79
CA GLN A 136 -21.84 -21.75 -5.71
C GLN A 136 -20.89 -21.73 -4.54
N LEU A 137 -21.44 -21.49 -3.36
CA LEU A 137 -20.75 -21.72 -2.10
C LEU A 137 -21.04 -23.13 -1.61
N PHE A 138 -19.99 -23.87 -1.28
CA PHE A 138 -20.14 -25.21 -0.72
C PHE A 138 -20.03 -25.20 0.78
N TYR A 139 -19.07 -24.45 1.27
CA TYR A 139 -18.83 -24.35 2.71
C TYR A 139 -18.53 -22.92 3.09
N ALA A 140 -18.99 -22.55 4.27
CA ALA A 140 -18.54 -21.37 4.95
C ALA A 140 -18.17 -21.79 6.37
N PHE A 141 -17.04 -21.27 6.84
CA PHE A 141 -16.57 -21.56 8.20
C PHE A 141 -15.68 -20.43 8.70
N GLN A 142 -15.32 -20.52 9.98
CA GLN A 142 -14.49 -19.48 10.61
C GLN A 142 -13.48 -20.03 11.63
N ASP A 143 -12.36 -19.32 11.71
CA ASP A 143 -11.39 -19.34 12.81
C ASP A 143 -11.64 -18.13 13.70
N ASP A 144 -10.83 -18.00 14.75
CA ASP A 144 -10.74 -16.74 15.52
C ASP A 144 -10.30 -15.50 14.74
N ARG A 145 -9.53 -15.69 13.66
CA ARG A 145 -9.00 -14.56 12.85
C ARG A 145 -9.85 -14.22 11.63
N TYR A 146 -10.40 -15.25 11.00
CA TYR A 146 -10.94 -15.15 9.63
C TYR A 146 -12.30 -15.79 9.41
N LEU A 147 -13.05 -15.22 8.47
CA LEU A 147 -14.16 -15.90 7.81
C LEU A 147 -13.64 -16.49 6.52
N TYR A 148 -14.07 -17.71 6.21
CA TYR A 148 -13.74 -18.42 4.99
C TYR A 148 -15.01 -18.74 4.21
N MET A 149 -14.94 -18.57 2.89
CA MET A 149 -15.98 -19.05 1.99
C MET A 149 -15.41 -19.90 0.88
N VAL A 150 -15.73 -21.20 0.90
CA VAL A 150 -15.31 -22.15 -0.12
C VAL A 150 -16.34 -22.19 -1.25
N MET A 151 -15.89 -21.78 -2.42
CA MET A 151 -16.74 -21.63 -3.59
C MET A 151 -16.19 -22.50 -4.67
N GLU A 152 -16.93 -22.58 -5.77
CA GLU A 152 -16.44 -23.32 -6.93
C GLU A 152 -15.49 -22.47 -7.74
N TYR A 153 -14.39 -23.08 -8.17
CA TYR A 153 -13.31 -22.36 -8.80
C TYR A 153 -13.72 -22.03 -10.23
N MET A 154 -13.51 -20.77 -10.61
CA MET A 154 -13.85 -20.27 -11.96
C MET A 154 -12.58 -20.07 -12.76
N PRO A 155 -12.13 -21.12 -13.48
CA PRO A 155 -10.76 -21.11 -14.01
C PRO A 155 -10.57 -20.23 -15.21
N GLY A 156 -11.68 -19.82 -15.81
CA GLY A 156 -11.63 -18.93 -16.99
C GLY A 156 -11.23 -17.49 -16.71
N GLY A 157 -11.17 -17.13 -15.44
CA GLY A 157 -10.78 -15.77 -15.02
C GLY A 157 -11.89 -14.77 -15.24
N ASP A 158 -11.56 -13.49 -15.06
CA ASP A 158 -12.58 -12.43 -15.16
C ASP A 158 -12.61 -11.76 -16.53
N LEU A 159 -13.61 -10.93 -16.75
CA LEU A 159 -13.77 -10.22 -18.04
C LEU A 159 -12.74 -9.13 -18.28
N VAL A 160 -12.16 -8.60 -17.20
CA VAL A 160 -11.08 -7.60 -17.30
C VAL A 160 -9.90 -8.25 -18.03
N ASN A 161 -9.58 -9.46 -17.58
CA ASN A 161 -8.59 -10.32 -18.21
C ASN A 161 -8.86 -10.56 -19.68
N LEU A 162 -10.10 -10.95 -19.99
CA LEU A 162 -10.52 -11.26 -21.38
C LEU A 162 -10.33 -10.06 -22.31
N MET A 163 -10.89 -8.93 -21.90
CA MET A 163 -10.80 -7.67 -22.68
C MET A 163 -9.35 -7.22 -22.91
N SER A 164 -8.49 -7.43 -21.92
CA SER A 164 -7.05 -7.12 -22.07
C SER A 164 -6.29 -8.08 -23.00
N ASN A 165 -6.78 -9.30 -23.17
CA ASN A 165 -6.14 -10.33 -24.04
C ASN A 165 -6.79 -10.57 -25.39
N TYR A 166 -7.92 -9.91 -25.65
CA TYR A 166 -8.59 -10.00 -26.95
C TYR A 166 -9.22 -8.66 -27.34
N ASP A 167 -9.07 -8.29 -28.61
CA ASP A 167 -10.00 -7.37 -29.27
C ASP A 167 -11.28 -8.18 -29.34
N VAL A 168 -12.33 -7.63 -28.76
CA VAL A 168 -13.59 -8.34 -28.64
C VAL A 168 -14.43 -7.92 -29.83
N PRO A 169 -14.77 -8.87 -30.73
CA PRO A 169 -15.70 -8.51 -31.80
C PRO A 169 -17.12 -8.43 -31.26
N GLU A 170 -17.99 -7.82 -32.05
CA GLU A 170 -19.36 -7.53 -31.62
C GLU A 170 -20.13 -8.79 -31.25
N LYS A 171 -19.99 -9.83 -32.06
CA LYS A 171 -20.65 -11.13 -31.79
C LYS A 171 -20.34 -11.68 -30.39
N TRP A 172 -19.09 -11.55 -29.97
CA TRP A 172 -18.66 -11.92 -28.60
C TRP A 172 -19.34 -11.04 -27.58
N ALA A 173 -19.18 -9.74 -27.75
CA ALA A 173 -19.78 -8.74 -26.86
C ALA A 173 -21.27 -8.97 -26.68
N LYS A 174 -21.94 -9.30 -27.77
CA LYS A 174 -23.37 -9.66 -27.77
C LYS A 174 -23.62 -10.84 -26.82
N PHE A 175 -22.80 -11.86 -26.95
CA PHE A 175 -22.88 -13.05 -26.08
C PHE A 175 -22.71 -12.67 -24.61
N TYR A 176 -21.59 -12.01 -24.31
CA TYR A 176 -21.24 -11.68 -22.92
C TYR A 176 -22.27 -10.73 -22.29
N THR A 177 -22.68 -9.74 -23.07
CA THR A 177 -23.69 -8.79 -22.60
C THR A 177 -24.99 -9.51 -22.25
N ALA A 178 -25.42 -10.39 -23.14
CA ALA A 178 -26.65 -11.15 -22.93
C ALA A 178 -26.57 -12.02 -21.67
N GLU A 179 -25.39 -12.61 -21.46
CA GLU A 179 -25.17 -13.41 -20.25
C GLU A 179 -25.20 -12.53 -18.99
N VAL A 180 -24.56 -11.38 -19.05
CA VAL A 180 -24.65 -10.42 -17.96
C VAL A 180 -26.11 -10.02 -17.72
N VAL A 181 -26.86 -9.76 -18.80
CA VAL A 181 -28.29 -9.39 -18.69
C VAL A 181 -29.08 -10.43 -17.90
N LEU A 182 -28.96 -11.69 -18.30
CA LEU A 182 -29.67 -12.77 -17.59
C LEU A 182 -29.23 -12.97 -16.13
N ALA A 183 -27.93 -12.82 -15.89
CA ALA A 183 -27.33 -12.93 -14.55
C ALA A 183 -27.89 -11.88 -13.61
N LEU A 184 -27.89 -10.64 -14.08
CA LEU A 184 -28.45 -9.54 -13.32
C LEU A 184 -29.94 -9.72 -13.08
N ASP A 185 -30.64 -10.25 -14.08
CA ASP A 185 -32.07 -10.51 -13.90
C ASP A 185 -32.32 -11.51 -12.77
N ALA A 186 -31.46 -12.51 -12.69
CA ALA A 186 -31.54 -13.50 -11.60
C ALA A 186 -31.37 -12.85 -10.23
N ILE A 187 -30.34 -12.02 -10.14
CA ILE A 187 -30.04 -11.28 -8.90
C ILE A 187 -31.23 -10.43 -8.51
N HIS A 188 -31.77 -9.72 -9.50
CA HIS A 188 -32.97 -8.88 -9.32
C HIS A 188 -34.22 -9.67 -8.85
N SER A 189 -34.39 -10.86 -9.40
CA SER A 189 -35.45 -11.77 -8.97
C SER A 189 -35.34 -12.20 -7.51
N MET A 190 -34.11 -12.29 -7.01
CA MET A 190 -33.85 -12.61 -5.59
C MET A 190 -34.09 -11.42 -4.66
N GLY A 191 -34.53 -10.31 -5.23
CA GLY A 191 -34.87 -9.12 -4.47
C GLY A 191 -33.69 -8.21 -4.19
N LEU A 192 -32.65 -8.36 -4.99
CA LEU A 192 -31.36 -7.68 -4.77
C LEU A 192 -31.00 -6.69 -5.89
N ILE A 193 -30.40 -5.57 -5.48
CA ILE A 193 -29.69 -4.66 -6.38
C ILE A 193 -28.20 -4.91 -6.15
N HIS A 194 -27.47 -5.13 -7.24
CA HIS A 194 -26.03 -5.45 -7.19
C HIS A 194 -25.17 -4.27 -6.71
N ARG A 195 -25.42 -3.10 -7.30
CA ARG A 195 -24.73 -1.80 -7.00
C ARG A 195 -23.27 -1.65 -7.47
N ASP A 196 -22.69 -2.70 -8.02
CA ASP A 196 -21.27 -2.69 -8.41
C ASP A 196 -21.00 -3.70 -9.54
N VAL A 197 -21.74 -3.53 -10.62
CA VAL A 197 -21.60 -4.34 -11.83
C VAL A 197 -20.39 -3.81 -12.60
N LYS A 198 -19.33 -4.58 -12.60
CA LYS A 198 -18.11 -4.25 -13.33
C LYS A 198 -17.48 -5.58 -13.77
N PRO A 199 -16.61 -5.56 -14.79
CA PRO A 199 -16.07 -6.83 -15.31
C PRO A 199 -15.15 -7.58 -14.35
N ASP A 200 -14.67 -6.87 -13.33
CA ASP A 200 -13.94 -7.49 -12.20
C ASP A 200 -14.80 -8.50 -11.47
N ASN A 201 -16.10 -8.24 -11.42
CA ASN A 201 -17.10 -9.09 -10.75
C ASN A 201 -17.79 -10.10 -11.66
N MET A 202 -17.22 -10.33 -12.82
CA MET A 202 -17.77 -11.21 -13.84
C MET A 202 -16.71 -12.22 -14.13
N LEU A 203 -17.07 -13.50 -13.99
CA LEU A 203 -16.12 -14.59 -14.02
C LEU A 203 -16.55 -15.66 -15.01
N LEU A 204 -15.57 -16.32 -15.61
CA LEU A 204 -15.79 -17.36 -16.61
C LEU A 204 -15.46 -18.75 -16.09
N ASP A 205 -16.41 -19.66 -16.24
CA ASP A 205 -16.28 -21.05 -15.78
C ASP A 205 -15.40 -21.87 -16.72
N LYS A 206 -15.18 -23.15 -16.38
CA LYS A 206 -14.37 -24.08 -17.21
C LYS A 206 -14.78 -24.10 -18.70
N HIS A 207 -16.05 -23.84 -18.97
CA HIS A 207 -16.59 -23.79 -20.34
C HIS A 207 -16.73 -22.38 -20.96
N GLY A 208 -16.17 -21.37 -20.29
CA GLY A 208 -16.14 -19.99 -20.80
C GLY A 208 -17.40 -19.17 -20.63
N HIS A 209 -18.31 -19.69 -19.82
CA HIS A 209 -19.59 -19.05 -19.51
C HIS A 209 -19.56 -18.25 -18.22
N LEU A 210 -20.32 -17.16 -18.23
CA LEU A 210 -20.38 -16.21 -17.15
C LEU A 210 -20.99 -16.78 -15.86
N LYS A 211 -20.39 -16.38 -14.75
CA LYS A 211 -21.05 -16.40 -13.43
C LYS A 211 -20.62 -15.16 -12.67
N LEU A 212 -21.53 -14.61 -11.90
CA LEU A 212 -21.24 -13.45 -11.07
C LEU A 212 -20.62 -13.88 -9.75
N ALA A 213 -19.66 -13.09 -9.30
CA ALA A 213 -19.01 -13.27 -8.01
C ALA A 213 -18.68 -11.91 -7.42
N ASP A 214 -18.32 -11.94 -6.14
CA ASP A 214 -18.20 -10.73 -5.31
C ASP A 214 -19.54 -10.00 -5.21
N PHE A 215 -20.34 -10.43 -4.23
CA PHE A 215 -21.62 -9.81 -3.90
C PHE A 215 -21.57 -8.93 -2.65
N GLY A 216 -20.42 -8.29 -2.43
CA GLY A 216 -20.18 -7.46 -1.24
C GLY A 216 -20.92 -6.13 -1.17
N THR A 217 -21.39 -5.63 -2.32
CA THR A 217 -22.19 -4.39 -2.43
C THR A 217 -23.70 -4.64 -2.53
N CYS A 218 -24.10 -5.89 -2.70
CA CYS A 218 -25.52 -6.24 -2.89
C CYS A 218 -26.37 -5.84 -1.71
N MET A 219 -27.52 -5.26 -2.03
CA MET A 219 -28.48 -4.80 -1.02
C MET A 219 -29.84 -5.41 -1.33
N LYS A 220 -30.57 -5.73 -0.27
CA LYS A 220 -31.95 -6.21 -0.40
C LYS A 220 -32.79 -4.99 -0.71
N MET A 221 -33.67 -5.10 -1.71
CA MET A 221 -34.63 -4.03 -2.03
C MET A 221 -35.76 -3.97 -0.98
N ASP A 222 -36.45 -2.85 -0.96
CA ASP A 222 -37.74 -2.71 -0.24
C ASP A 222 -38.94 -3.13 -1.13
N THR A 235 -14.77 1.85 -7.44
CA THR A 235 -14.30 2.41 -8.71
C THR A 235 -15.45 3.04 -9.50
N PRO A 236 -15.27 4.29 -9.90
CA PRO A 236 -16.34 5.14 -10.39
C PRO A 236 -16.76 4.92 -11.85
N ASP A 237 -15.87 4.41 -12.69
CA ASP A 237 -16.10 4.24 -14.15
C ASP A 237 -17.49 3.68 -14.51
N TYR A 238 -17.93 2.71 -13.72
CA TYR A 238 -19.20 2.02 -13.94
C TYR A 238 -20.42 2.51 -13.12
N ILE A 239 -20.20 3.44 -12.20
CA ILE A 239 -21.27 3.97 -11.36
C ILE A 239 -22.19 4.89 -12.16
N SER A 240 -23.47 4.83 -11.84
CA SER A 240 -24.52 5.62 -12.51
C SER A 240 -24.69 7.00 -11.87
N PRO A 241 -25.20 7.99 -12.62
CA PRO A 241 -25.36 9.34 -12.07
C PRO A 241 -26.26 9.44 -10.83
N GLU A 242 -27.33 8.66 -10.78
CA GLU A 242 -28.22 8.69 -9.60
C GLU A 242 -27.49 8.26 -8.34
N VAL A 243 -26.73 7.18 -8.44
CA VAL A 243 -25.94 6.64 -7.31
C VAL A 243 -24.87 7.67 -6.91
N LEU A 244 -24.31 8.37 -7.89
CA LEU A 244 -23.33 9.41 -7.63
C LEU A 244 -23.98 10.53 -6.81
N LYS A 245 -25.04 11.12 -7.36
CA LYS A 245 -25.76 12.24 -6.67
C LYS A 245 -26.40 11.83 -5.32
N SER A 246 -26.71 10.54 -5.15
CA SER A 246 -27.36 10.03 -3.90
C SER A 246 -26.44 10.11 -2.70
N GLN A 247 -25.19 9.74 -2.92
CA GLN A 247 -24.22 9.52 -1.83
C GLN A 247 -23.87 10.79 -1.02
N GLY A 248 -24.32 11.97 -1.49
CA GLY A 248 -24.33 13.20 -0.70
C GLY A 248 -25.63 13.37 0.07
N ASP A 250 -29.69 12.63 1.73
CA ASP A 250 -29.61 11.32 1.07
C ASP A 250 -30.40 11.26 -0.25
N GLY A 251 -30.19 10.15 -0.95
CA GLY A 251 -30.94 9.75 -2.16
C GLY A 251 -31.19 8.24 -2.15
N PHE A 252 -32.22 7.82 -2.87
CA PHE A 252 -32.56 6.39 -3.05
C PHE A 252 -32.52 6.02 -4.54
N TYR A 253 -32.39 4.72 -4.82
CA TYR A 253 -32.29 4.22 -6.21
C TYR A 253 -32.64 2.73 -6.34
N GLY A 254 -32.86 2.30 -7.58
CA GLY A 254 -33.39 0.98 -7.90
C GLY A 254 -32.54 0.11 -8.83
N ARG A 255 -33.17 -0.95 -9.31
CA ARG A 255 -32.54 -1.94 -10.16
C ARG A 255 -31.98 -1.35 -11.46
N GLU A 256 -32.60 -0.28 -11.95
CA GLU A 256 -32.11 0.44 -13.15
C GLU A 256 -30.64 0.92 -13.09
N CYS A 257 -30.11 1.11 -11.88
CA CYS A 257 -28.70 1.54 -11.73
C CYS A 257 -27.69 0.48 -12.17
N ASP A 258 -28.07 -0.78 -12.06
CA ASP A 258 -27.25 -1.87 -12.58
C ASP A 258 -27.26 -1.87 -14.11
N TRP A 259 -28.40 -1.58 -14.70
CA TRP A 259 -28.49 -1.52 -16.17
C TRP A 259 -27.63 -0.43 -16.79
N TRP A 260 -27.47 0.69 -16.08
CA TRP A 260 -26.47 1.72 -16.47
C TRP A 260 -25.12 1.05 -16.69
N SER A 261 -24.67 0.34 -15.67
CA SER A 261 -23.38 -0.36 -15.69
C SER A 261 -23.19 -1.33 -16.84
N VAL A 262 -24.28 -1.96 -17.29
CA VAL A 262 -24.22 -2.86 -18.46
C VAL A 262 -23.92 -2.05 -19.73
N GLY A 263 -24.56 -0.89 -19.82
CA GLY A 263 -24.27 0.09 -20.88
C GLY A 263 -22.79 0.38 -20.95
N VAL A 264 -22.22 0.75 -19.82
CA VAL A 264 -20.77 1.00 -19.70
C VAL A 264 -19.96 -0.20 -20.18
N PHE A 265 -20.38 -1.39 -19.73
CA PHE A 265 -19.67 -2.65 -19.99
C PHE A 265 -19.60 -2.92 -21.48
N LEU A 266 -20.75 -2.79 -22.12
CA LEU A 266 -20.86 -3.01 -23.57
C LEU A 266 -19.99 -2.02 -24.35
N TYR A 267 -19.98 -0.76 -23.89
CA TYR A 267 -19.11 0.25 -24.47
C TYR A 267 -17.68 -0.19 -24.32
N GLU A 268 -17.27 -0.54 -23.10
CA GLU A 268 -15.87 -0.94 -22.85
C GLU A 268 -15.44 -2.10 -23.75
N MET A 269 -16.31 -3.09 -23.90
CA MET A 269 -15.99 -4.23 -24.75
C MET A 269 -15.79 -3.84 -26.20
N LEU A 270 -16.76 -3.11 -26.74
CA LEU A 270 -16.74 -2.75 -28.17
C LEU A 270 -15.71 -1.69 -28.55
N VAL A 271 -15.60 -0.65 -27.72
CA VAL A 271 -14.71 0.50 -27.96
C VAL A 271 -13.30 0.22 -27.42
N GLY A 272 -13.20 -0.42 -26.26
CA GLY A 272 -11.89 -0.75 -25.65
C GLY A 272 -11.39 0.21 -24.58
N ASP A 273 -12.02 1.37 -24.48
CA ASP A 273 -11.84 2.27 -23.34
C ASP A 273 -13.21 2.50 -22.72
N THR A 274 -13.20 3.01 -21.50
CA THR A 274 -14.44 3.32 -20.75
C THR A 274 -15.07 4.63 -21.30
N PRO A 275 -16.41 4.69 -21.40
CA PRO A 275 -17.08 5.85 -21.98
C PRO A 275 -16.75 7.19 -21.32
N PHE A 276 -16.61 7.17 -20.00
CA PHE A 276 -16.35 8.40 -19.23
C PHE A 276 -14.98 8.39 -18.56
N TYR A 277 -14.03 7.72 -19.21
CA TYR A 277 -12.65 7.68 -18.73
C TYR A 277 -12.11 9.08 -18.51
N ALA A 278 -11.44 9.25 -17.38
CA ALA A 278 -10.54 10.38 -17.14
C ALA A 278 -9.37 9.92 -16.29
N ASP A 279 -8.32 10.73 -16.28
CA ASP A 279 -7.07 10.39 -15.59
C ASP A 279 -7.30 10.36 -14.09
N SER A 280 -7.97 11.41 -13.61
CA SER A 280 -8.47 11.47 -12.22
C SER A 280 -9.85 10.81 -12.08
N LEU A 281 -10.20 10.49 -10.84
CA LEU A 281 -11.55 10.04 -10.49
C LEU A 281 -12.57 11.19 -10.61
N VAL A 282 -12.23 12.35 -10.04
CA VAL A 282 -13.09 13.56 -10.11
C VAL A 282 -13.51 13.90 -11.55
N GLY A 283 -12.57 13.74 -12.48
CA GLY A 283 -12.85 13.98 -13.89
C GLY A 283 -13.92 13.04 -14.41
N THR A 284 -13.78 11.78 -14.02
CA THR A 284 -14.75 10.73 -14.38
C THR A 284 -16.13 11.02 -13.83
N TYR A 285 -16.21 11.33 -12.53
CA TYR A 285 -17.51 11.71 -11.91
C TYR A 285 -18.15 12.84 -12.71
N SER A 286 -17.36 13.89 -12.92
CA SER A 286 -17.77 15.07 -13.68
C SER A 286 -18.32 14.72 -15.08
N LYS A 287 -17.61 13.83 -15.80
CA LYS A 287 -18.06 13.30 -17.10
C LYS A 287 -19.36 12.50 -17.03
N ILE A 288 -19.43 11.58 -16.07
CA ILE A 288 -20.64 10.75 -15.86
C ILE A 288 -21.87 11.63 -15.61
N MET A 289 -21.72 12.57 -14.68
CA MET A 289 -22.78 13.55 -14.38
C MET A 289 -23.24 14.30 -15.64
N ASP A 290 -22.27 14.67 -16.48
CA ASP A 290 -22.50 15.36 -17.77
C ASP A 290 -22.68 14.39 -18.99
N HIS A 291 -23.23 13.21 -18.74
CA HIS A 291 -23.30 12.16 -19.78
C HIS A 291 -24.04 12.54 -21.06
N LYS A 292 -25.06 13.40 -20.93
CA LYS A 292 -25.83 13.90 -22.10
C LYS A 292 -24.90 14.49 -23.18
N ASN A 293 -23.87 15.21 -22.74
CA ASN A 293 -22.84 15.84 -23.59
C ASN A 293 -21.53 15.05 -23.71
N SER A 294 -21.10 14.40 -22.63
CA SER A 294 -19.77 13.75 -22.56
C SER A 294 -19.63 12.40 -23.34
N LEU A 295 -20.73 11.67 -23.50
CA LEU A 295 -20.71 10.35 -24.18
C LEU A 295 -20.47 10.56 -25.66
N CYS A 296 -19.29 10.18 -26.13
CA CYS A 296 -18.94 10.28 -27.54
C CYS A 296 -18.29 9.00 -28.07
N PHE A 297 -18.91 8.40 -29.09
CA PHE A 297 -18.33 7.21 -29.75
C PHE A 297 -17.19 7.64 -30.65
N PRO A 298 -15.97 7.13 -30.43
CA PRO A 298 -14.87 7.62 -31.26
C PRO A 298 -15.08 7.27 -32.72
N GLU A 299 -14.66 8.17 -33.60
CA GLU A 299 -14.93 8.02 -35.05
C GLU A 299 -14.28 6.79 -35.69
N ASP A 300 -13.18 6.31 -35.09
CA ASP A 300 -12.48 5.08 -35.54
C ASP A 300 -13.04 3.76 -34.97
N ALA A 301 -14.03 3.83 -34.10
CA ALA A 301 -14.58 2.64 -33.42
C ALA A 301 -15.51 1.83 -34.33
N GLU A 302 -15.16 0.56 -34.55
CA GLU A 302 -15.90 -0.34 -35.46
C GLU A 302 -17.14 -0.94 -34.77
N ILE A 303 -18.26 -0.20 -34.82
CA ILE A 303 -19.43 -0.47 -33.94
C ILE A 303 -20.72 -0.23 -34.69
N SER A 304 -21.69 -1.14 -34.51
CA SER A 304 -22.94 -1.04 -35.24
C SER A 304 -23.88 0.04 -34.69
N LYS A 305 -24.91 0.34 -35.48
CA LYS A 305 -25.94 1.31 -35.09
C LYS A 305 -26.74 0.70 -33.92
N HIS A 306 -27.15 -0.55 -34.08
CA HIS A 306 -27.86 -1.29 -33.02
C HIS A 306 -27.08 -1.27 -31.70
N ALA A 307 -25.78 -1.53 -31.78
CA ALA A 307 -24.92 -1.52 -30.59
C ALA A 307 -24.92 -0.14 -29.92
N LYS A 308 -24.68 0.88 -30.73
CA LYS A 308 -24.74 2.30 -30.29
C LYS A 308 -26.10 2.65 -29.67
N ASN A 309 -27.15 2.15 -30.29
CA ASN A 309 -28.53 2.37 -29.82
C ASN A 309 -28.72 1.83 -28.39
N LEU A 310 -28.34 0.57 -28.21
CA LEU A 310 -28.48 -0.11 -26.91
C LEU A 310 -27.72 0.65 -25.84
N ILE A 311 -26.45 0.94 -26.14
CA ILE A 311 -25.57 1.66 -25.18
C ILE A 311 -26.24 2.94 -24.73
N CYS A 312 -26.69 3.71 -25.70
CA CYS A 312 -27.40 4.96 -25.44
C CYS A 312 -28.68 4.76 -24.64
N ALA A 313 -29.40 3.68 -24.95
CA ALA A 313 -30.62 3.31 -24.19
C ALA A 313 -30.33 3.08 -22.71
N PHE A 314 -29.17 2.52 -22.41
CA PHE A 314 -28.71 2.29 -21.02
C PHE A 314 -28.12 3.55 -20.37
N LEU A 315 -27.41 4.34 -21.15
CA LEU A 315 -26.67 5.51 -20.62
C LEU A 315 -27.49 6.81 -20.64
N THR A 316 -28.69 6.72 -20.08
CA THR A 316 -29.60 7.86 -19.91
C THR A 316 -29.84 8.13 -18.43
N ASP A 317 -30.57 9.21 -18.18
CA ASP A 317 -31.13 9.50 -16.85
C ASP A 317 -31.99 8.33 -16.39
N ARG A 318 -31.96 8.07 -15.09
CA ARG A 318 -32.67 6.93 -14.45
C ARG A 318 -34.13 6.79 -14.89
N GLU A 319 -34.80 7.94 -15.00
CA GLU A 319 -36.24 8.02 -15.24
C GLU A 319 -36.66 7.34 -16.54
N VAL A 320 -35.84 7.48 -17.58
CA VAL A 320 -36.18 6.97 -18.91
C VAL A 320 -35.33 5.76 -19.37
N ARG A 321 -34.57 5.19 -18.44
CA ARG A 321 -33.54 4.19 -18.78
C ARG A 321 -34.11 2.81 -19.15
N LEU A 322 -33.46 2.15 -20.10
CA LEU A 322 -33.85 0.80 -20.52
C LEU A 322 -33.67 -0.13 -19.34
N GLY A 323 -34.65 -0.99 -19.13
CA GLY A 323 -34.72 -1.84 -17.93
C GLY A 323 -35.38 -1.22 -16.70
N ARG A 324 -36.03 -0.07 -16.89
CA ARG A 324 -36.95 0.49 -15.88
C ARG A 324 -38.21 -0.38 -15.84
N ASN A 325 -38.69 -0.77 -17.02
CA ASN A 325 -39.90 -1.64 -17.16
C ASN A 325 -39.57 -3.13 -17.19
N GLY A 326 -38.51 -3.52 -16.48
CA GLY A 326 -38.03 -4.90 -16.51
C GLY A 326 -37.22 -5.27 -17.74
N VAL A 327 -36.82 -6.54 -17.76
CA VAL A 327 -35.82 -7.07 -18.67
C VAL A 327 -36.32 -7.35 -20.10
N GLU A 328 -37.64 -7.54 -20.28
CA GLU A 328 -38.17 -7.94 -21.59
C GLU A 328 -37.74 -6.99 -22.72
N GLU A 329 -37.87 -5.70 -22.44
CA GLU A 329 -37.49 -4.66 -23.42
C GLU A 329 -36.01 -4.72 -23.77
N ILE A 330 -35.17 -5.07 -22.81
CA ILE A 330 -33.74 -5.35 -23.07
C ILE A 330 -33.59 -6.58 -23.98
N ARG A 331 -34.21 -7.67 -23.57
CA ARG A 331 -34.15 -8.93 -24.33
C ARG A 331 -34.64 -8.74 -25.78
N GLN A 332 -35.69 -7.94 -25.94
CA GLN A 332 -36.29 -7.71 -27.28
C GLN A 332 -35.51 -6.72 -28.18
N HIS A 333 -34.45 -6.10 -27.67
CA HIS A 333 -33.65 -5.11 -28.42
C HIS A 333 -32.91 -5.79 -29.57
N PRO A 334 -32.89 -5.15 -30.76
CA PRO A 334 -32.41 -5.83 -31.98
C PRO A 334 -30.91 -6.12 -32.09
N PHE A 335 -30.09 -5.35 -31.36
CA PHE A 335 -28.67 -5.71 -31.13
C PHE A 335 -28.49 -7.19 -30.77
N PHE A 336 -29.38 -7.72 -29.94
CA PHE A 336 -29.32 -9.13 -29.50
C PHE A 336 -29.77 -10.18 -30.50
N LYS A 337 -30.31 -9.76 -31.64
CA LYS A 337 -30.70 -10.72 -32.70
C LYS A 337 -29.45 -11.41 -33.24
N ASN A 338 -29.50 -12.75 -33.37
CA ASN A 338 -28.34 -13.55 -33.86
C ASN A 338 -28.67 -14.99 -34.28
N ASP A 339 -27.74 -15.58 -35.03
CA ASP A 339 -27.85 -16.94 -35.56
C ASP A 339 -27.38 -18.08 -34.64
N GLN A 340 -26.78 -17.73 -33.50
CA GLN A 340 -26.06 -18.69 -32.61
C GLN A 340 -26.86 -19.18 -31.39
N TRP A 341 -27.57 -18.26 -30.72
CA TRP A 341 -28.27 -18.57 -29.45
C TRP A 341 -29.58 -17.84 -29.27
N HIS A 342 -30.44 -18.41 -28.42
N HIS A 342 -30.44 -18.42 -28.43
CA HIS A 342 -31.65 -17.74 -27.89
CA HIS A 342 -31.65 -17.76 -27.89
C HIS A 342 -31.45 -17.49 -26.39
C HIS A 342 -31.44 -17.49 -26.39
N TRP A 343 -32.36 -16.73 -25.79
CA TRP A 343 -32.26 -16.38 -24.36
C TRP A 343 -32.47 -17.56 -23.43
N ASP A 344 -33.36 -18.46 -23.82
CA ASP A 344 -33.68 -19.67 -23.03
C ASP A 344 -32.57 -20.76 -23.03
N ASN A 345 -31.63 -20.67 -23.97
CA ASN A 345 -30.55 -21.66 -24.12
C ASN A 345 -29.10 -21.14 -24.21
N ILE A 346 -28.91 -19.82 -24.11
CA ILE A 346 -27.60 -19.17 -24.39
C ILE A 346 -26.45 -19.86 -23.66
N ARG A 347 -26.68 -20.15 -22.38
CA ARG A 347 -25.65 -20.72 -21.48
C ARG A 347 -25.30 -22.18 -21.79
N GLU A 348 -26.23 -22.87 -22.42
CA GLU A 348 -26.02 -24.24 -22.92
C GLU A 348 -25.37 -24.29 -24.32
N THR A 349 -25.15 -23.12 -24.95
CA THR A 349 -24.47 -23.00 -26.27
C THR A 349 -22.96 -22.79 -26.12
N ALA A 350 -22.24 -22.91 -27.23
CA ALA A 350 -20.78 -22.80 -27.23
C ALA A 350 -20.32 -21.39 -26.95
N ALA A 351 -19.48 -21.25 -25.93
CA ALA A 351 -18.92 -19.95 -25.56
C ALA A 351 -17.86 -19.49 -26.59
N PRO A 352 -17.68 -18.16 -26.74
CA PRO A 352 -16.64 -17.64 -27.66
C PRO A 352 -15.24 -18.13 -27.34
N VAL A 353 -14.91 -18.13 -26.05
CA VAL A 353 -13.59 -18.50 -25.57
C VAL A 353 -13.75 -19.56 -24.48
N VAL A 354 -13.48 -20.81 -24.85
CA VAL A 354 -13.39 -21.90 -23.89
C VAL A 354 -11.95 -21.90 -23.39
N PRO A 355 -11.74 -21.82 -22.06
CA PRO A 355 -10.36 -21.79 -21.58
C PRO A 355 -9.66 -23.14 -21.80
N GLU A 356 -8.44 -23.07 -22.35
CA GLU A 356 -7.57 -24.25 -22.53
C GLU A 356 -6.75 -24.34 -21.26
N LEU A 357 -7.07 -25.33 -20.43
CA LEU A 357 -6.51 -25.44 -19.09
C LEU A 357 -5.71 -26.74 -18.95
N SER A 358 -4.50 -26.62 -18.43
CA SER A 358 -3.53 -27.74 -18.39
C SER A 358 -3.72 -28.69 -17.22
N SER A 359 -4.35 -28.19 -16.16
CA SER A 359 -4.61 -28.97 -14.96
C SER A 359 -5.73 -28.36 -14.11
N ASP A 360 -6.18 -29.12 -13.13
CA ASP A 360 -7.24 -28.64 -12.21
C ASP A 360 -6.84 -27.47 -11.31
N ILE A 361 -5.53 -27.21 -11.20
CA ILE A 361 -4.99 -26.02 -10.48
C ILE A 361 -4.42 -24.96 -11.40
N ASP A 362 -4.81 -24.99 -12.67
CA ASP A 362 -4.34 -24.00 -13.65
C ASP A 362 -4.95 -22.65 -13.33
N SER A 363 -4.10 -21.68 -12.99
CA SER A 363 -4.53 -20.31 -12.64
C SER A 363 -4.02 -19.26 -13.62
N SER A 364 -3.77 -19.67 -14.86
CA SER A 364 -3.09 -18.82 -15.86
C SER A 364 -3.90 -17.59 -16.25
N ASN A 365 -5.21 -17.70 -16.15
CA ASN A 365 -6.10 -16.55 -16.37
C ASN A 365 -6.24 -15.60 -15.17
N PHE A 366 -5.46 -15.83 -14.12
CA PHE A 366 -5.39 -14.92 -12.97
C PHE A 366 -4.01 -14.32 -12.82
N ASP A 367 -3.97 -13.00 -12.70
CA ASP A 367 -2.72 -12.27 -12.56
C ASP A 367 -2.05 -12.63 -11.25
N ASP A 368 -0.72 -12.55 -11.22
CA ASP A 368 0.03 -12.77 -9.99
C ASP A 368 -0.22 -11.62 -8.99
N ILE A 369 0.05 -11.93 -7.73
CA ILE A 369 -0.31 -11.06 -6.60
C ILE A 369 0.86 -11.04 -5.61
N GLU A 370 1.39 -9.84 -5.31
CA GLU A 370 2.36 -9.64 -4.20
C GLU A 370 1.70 -8.95 -2.98
N ASP A 371 2.10 -9.40 -1.76
CA ASP A 371 1.57 -8.84 -0.51
C ASP A 371 2.15 -7.46 -0.22
N VAL A 376 -0.60 -7.83 8.70
CA VAL A 376 -1.43 -8.60 9.62
C VAL A 376 -1.38 -8.04 11.04
N GLU A 377 -2.55 -8.00 11.67
CA GLU A 377 -2.67 -7.68 13.09
C GLU A 377 -3.98 -8.26 13.62
N THR A 378 -3.89 -8.87 14.81
CA THR A 378 -5.04 -9.49 15.49
C THR A 378 -5.66 -8.57 16.55
N PHE A 379 -6.78 -9.01 17.09
CA PHE A 379 -7.41 -8.33 18.24
C PHE A 379 -6.44 -8.32 19.44
N PRO A 380 -6.34 -7.19 20.14
CA PRO A 380 -5.56 -7.23 21.37
C PRO A 380 -6.22 -8.09 22.45
N ILE A 381 -5.40 -8.64 23.31
CA ILE A 381 -5.90 -9.40 24.45
C ILE A 381 -6.73 -8.41 25.29
N PRO A 382 -8.04 -8.66 25.42
CA PRO A 382 -8.91 -7.72 26.11
C PRO A 382 -8.82 -7.85 27.62
N LYS A 383 -9.04 -6.73 28.31
CA LYS A 383 -8.99 -6.68 29.76
C LYS A 383 -10.33 -7.03 30.37
N ALA A 384 -11.39 -6.80 29.61
CA ALA A 384 -12.74 -7.29 29.96
C ALA A 384 -13.43 -7.87 28.73
N PHE A 385 -14.60 -8.46 28.93
CA PHE A 385 -15.40 -8.99 27.83
C PHE A 385 -15.65 -7.89 26.80
N VAL A 386 -15.37 -8.18 25.54
CA VAL A 386 -15.65 -7.23 24.43
C VAL A 386 -16.46 -7.78 23.22
N GLY A 387 -16.54 -9.10 23.08
CA GLY A 387 -17.41 -9.73 22.09
C GLY A 387 -17.01 -9.56 20.63
N ASN A 388 -15.73 -9.67 20.35
CA ASN A 388 -15.23 -9.57 18.95
C ASN A 388 -15.69 -10.68 18.00
N GLN A 389 -16.08 -11.82 18.57
CA GLN A 389 -16.62 -12.93 17.80
C GLN A 389 -18.13 -12.90 17.62
N LEU A 390 -18.81 -12.03 18.36
CA LEU A 390 -20.28 -11.95 18.32
C LEU A 390 -20.87 -11.61 16.96
N PRO A 391 -20.22 -10.70 16.21
CA PRO A 391 -20.71 -10.32 14.87
C PRO A 391 -20.74 -11.42 13.80
N PHE A 392 -20.04 -12.53 14.07
CA PHE A 392 -19.88 -13.63 13.12
C PHE A 392 -20.55 -14.93 13.53
N ILE A 393 -21.34 -14.88 14.60
CA ILE A 393 -22.14 -16.03 14.99
C ILE A 393 -23.24 -16.19 13.96
N GLY A 394 -23.29 -17.38 13.39
CA GLY A 394 -24.23 -17.69 12.30
C GLY A 394 -23.58 -17.89 10.94
N PHE A 395 -22.33 -17.50 10.78
CA PHE A 395 -21.67 -17.56 9.48
C PHE A 395 -21.46 -18.97 8.96
N THR A 396 -21.25 -19.92 9.86
CA THR A 396 -20.85 -21.26 9.44
C THR A 396 -21.99 -21.90 8.68
N TYR A 397 -21.64 -22.47 7.53
CA TYR A 397 -22.60 -23.15 6.65
C TYR A 397 -21.93 -24.37 6.04
N TYR A 398 -22.56 -25.54 6.19
CA TYR A 398 -22.14 -26.79 5.47
C TYR A 398 -23.23 -27.21 4.47
N ARG A 399 -22.93 -27.16 3.18
CA ARG A 399 -23.87 -27.62 2.14
C ARG A 399 -23.92 -29.16 2.18
N ALA B 6 30.77 25.09 -0.63
CA ALA B 6 31.67 26.05 0.10
C ALA B 6 32.89 26.42 -0.79
N SER B 7 34.10 26.01 -0.41
CA SER B 7 35.26 26.07 -1.31
C SER B 7 35.05 25.24 -2.61
N ARG B 8 34.25 24.18 -2.51
CA ARG B 8 33.82 23.40 -3.70
C ARG B 8 33.13 24.23 -4.78
N GLN B 9 32.25 25.15 -4.40
CA GLN B 9 31.55 26.00 -5.37
C GLN B 9 32.55 26.95 -6.01
N ARG B 10 33.54 27.39 -5.23
CA ARG B 10 34.66 28.18 -5.76
C ARG B 10 35.57 27.36 -6.70
N LYS B 11 35.84 26.11 -6.33
CA LYS B 11 36.67 25.19 -7.16
C LYS B 11 36.00 24.96 -8.53
N LEU B 12 34.72 24.61 -8.48
CA LEU B 12 33.88 24.39 -9.67
C LEU B 12 33.79 25.62 -10.56
N GLU B 13 33.55 26.77 -9.95
CA GLU B 13 33.55 28.06 -10.68
C GLU B 13 34.88 28.30 -11.39
N ALA B 14 35.97 27.98 -10.71
CA ALA B 14 37.34 28.14 -11.26
C ALA B 14 37.62 27.26 -12.49
N LEU B 15 37.10 26.03 -12.48
CA LEU B 15 37.13 25.16 -13.66
C LEU B 15 36.42 25.81 -14.83
N ILE B 16 35.23 26.33 -14.56
CA ILE B 16 34.39 26.97 -15.59
C ILE B 16 35.00 28.28 -16.12
N ARG B 17 35.71 29.00 -15.26
CA ARG B 17 36.41 30.24 -15.69
C ARG B 17 37.55 29.96 -16.68
N ASP B 18 38.29 28.88 -16.43
CA ASP B 18 39.50 28.52 -17.19
C ASP B 18 39.25 28.28 -18.70
N PRO B 19 39.94 29.01 -19.60
CA PRO B 19 39.71 28.82 -21.04
C PRO B 19 40.22 27.50 -21.63
N ARG B 20 41.08 26.81 -20.90
CA ARG B 20 41.52 25.44 -21.28
C ARG B 20 40.55 24.33 -20.86
N SER B 21 39.53 24.67 -20.09
CA SER B 21 38.64 23.67 -19.50
C SER B 21 37.63 23.12 -20.50
N PRO B 22 37.42 21.79 -20.50
CA PRO B 22 36.32 21.23 -21.28
C PRO B 22 34.90 21.66 -20.81
N ILE B 23 34.80 22.25 -19.63
CA ILE B 23 33.53 22.74 -19.10
C ILE B 23 33.47 24.27 -18.93
N ASN B 24 34.30 25.00 -19.67
CA ASN B 24 34.08 26.45 -19.78
C ASN B 24 32.71 26.78 -20.40
N VAL B 25 32.28 28.02 -20.24
CA VAL B 25 30.96 28.47 -20.70
C VAL B 25 30.73 28.14 -22.19
N GLU B 26 31.72 28.38 -23.03
CA GLU B 26 31.56 28.16 -24.47
C GLU B 26 31.33 26.68 -24.76
N SER B 27 32.07 25.83 -24.08
CA SER B 27 31.89 24.37 -24.20
C SER B 27 30.55 23.90 -23.71
N LEU B 28 30.15 24.39 -22.56
CA LEU B 28 28.84 24.05 -22.01
C LEU B 28 27.71 24.45 -22.97
N LEU B 29 27.82 25.62 -23.58
CA LEU B 29 26.90 26.05 -24.66
C LEU B 29 26.96 25.15 -25.88
N ASP B 30 28.16 24.76 -26.31
CA ASP B 30 28.29 23.77 -27.40
C ASP B 30 27.49 22.53 -27.03
N GLY B 31 27.71 22.04 -25.82
CA GLY B 31 26.94 20.92 -25.26
C GLY B 31 25.45 21.03 -25.52
N LEU B 32 24.90 22.20 -25.21
CA LEU B 32 23.47 22.47 -25.39
C LEU B 32 23.08 22.52 -26.86
N ASN B 33 23.72 23.41 -27.61
CA ASN B 33 23.49 23.50 -29.05
C ASN B 33 23.53 22.15 -29.77
N SER B 34 24.58 21.38 -29.47
CA SER B 34 24.77 20.07 -30.08
C SER B 34 23.63 19.13 -29.77
N LEU B 35 23.27 19.08 -28.50
CA LEU B 35 22.17 18.23 -28.05
C LEU B 35 20.87 18.56 -28.80
N VAL B 36 20.61 19.84 -28.96
CA VAL B 36 19.41 20.30 -29.69
C VAL B 36 19.47 19.95 -31.18
N LEU B 37 20.62 20.19 -31.79
CA LEU B 37 20.86 19.80 -33.20
C LEU B 37 20.73 18.30 -33.45
N ASP B 38 21.17 17.50 -32.48
CA ASP B 38 21.16 16.05 -32.59
C ASP B 38 19.78 15.46 -32.36
N LEU B 39 18.98 16.10 -31.51
CA LEU B 39 17.63 15.63 -31.14
C LEU B 39 16.46 16.20 -31.97
N ASP B 40 16.63 17.40 -32.56
CA ASP B 40 15.53 18.10 -33.27
C ASP B 40 15.27 17.56 -34.69
N PHE B 41 14.62 16.40 -34.71
CA PHE B 41 14.18 15.73 -35.92
C PHE B 41 12.82 15.09 -35.65
N PRO B 42 11.88 15.14 -36.63
CA PRO B 42 10.49 14.72 -36.37
C PRO B 42 10.35 13.33 -35.74
N ALA B 43 11.15 12.37 -36.23
CA ALA B 43 11.10 10.97 -35.76
C ALA B 43 11.43 10.83 -34.27
N LEU B 44 12.45 11.59 -33.86
CA LEU B 44 12.93 11.58 -32.47
C LEU B 44 11.93 12.21 -31.51
N ARG B 45 11.17 13.19 -32.00
CA ARG B 45 10.19 13.91 -31.14
C ARG B 45 8.93 13.10 -30.78
N LYS B 46 8.76 11.93 -31.39
CA LYS B 46 7.77 10.95 -30.91
C LYS B 46 8.10 10.46 -29.48
N ASN B 47 9.38 10.56 -29.09
CA ASN B 47 9.82 10.34 -27.71
C ASN B 47 9.47 11.59 -26.93
N LYS B 48 8.62 11.43 -25.91
CA LYS B 48 8.12 12.56 -25.12
C LYS B 48 9.23 13.29 -24.33
N ASN B 49 10.22 12.55 -23.83
CA ASN B 49 11.37 13.17 -23.12
C ASN B 49 12.06 14.18 -24.02
N ILE B 50 12.28 13.75 -25.23
CA ILE B 50 12.93 14.55 -26.24
C ILE B 50 12.07 15.74 -26.66
N ASP B 51 10.79 15.51 -26.92
CA ASP B 51 9.91 16.58 -27.42
C ASP B 51 9.78 17.70 -26.41
N ASN B 52 9.47 17.33 -25.18
CA ASN B 52 9.33 18.31 -24.12
C ASN B 52 10.62 19.07 -23.78
N PHE B 53 11.75 18.36 -23.78
CA PHE B 53 13.05 19.01 -23.65
C PHE B 53 13.27 20.10 -24.69
N LEU B 54 13.02 19.74 -25.95
CA LEU B 54 13.17 20.69 -27.06
C LEU B 54 12.26 21.90 -26.96
N ASN B 55 10.99 21.66 -26.63
CA ASN B 55 10.02 22.73 -26.40
C ASN B 55 10.52 23.70 -25.36
N ARG B 56 10.98 23.16 -24.24
CA ARG B 56 11.57 23.97 -23.17
C ARG B 56 12.73 24.83 -23.65
N TYR B 57 13.60 24.24 -24.47
CA TYR B 57 14.81 24.91 -24.98
C TYR B 57 14.79 25.42 -26.44
N GLU B 58 13.61 25.48 -27.05
CA GLU B 58 13.49 25.96 -28.45
C GLU B 58 13.83 27.46 -28.61
N LYS B 59 13.13 28.30 -27.87
CA LYS B 59 13.30 29.77 -27.96
C LYS B 59 14.71 30.20 -27.59
N ILE B 60 15.17 29.75 -26.42
CA ILE B 60 16.47 30.20 -25.88
C ILE B 60 17.66 29.83 -26.79
N VAL B 61 17.55 28.68 -27.46
CA VAL B 61 18.61 28.23 -28.39
C VAL B 61 18.60 28.97 -29.73
N LYS B 62 17.43 29.40 -30.16
CA LYS B 62 17.38 30.37 -31.26
C LYS B 62 18.16 31.63 -30.83
N LYS B 63 17.73 32.24 -29.73
CA LYS B 63 18.34 33.50 -29.22
C LYS B 63 19.88 33.39 -29.21
N ILE B 64 20.38 32.29 -28.66
CA ILE B 64 21.83 32.02 -28.55
C ILE B 64 22.53 31.92 -29.90
N ARG B 65 21.91 31.22 -30.85
CA ARG B 65 22.49 31.09 -32.20
C ARG B 65 22.66 32.48 -32.87
N GLY B 66 21.70 33.35 -32.64
CA GLY B 66 21.75 34.74 -33.12
C GLY B 66 22.86 35.56 -32.49
N LEU B 67 22.97 35.47 -31.18
CA LEU B 67 23.97 36.24 -30.43
C LEU B 67 25.40 35.76 -30.66
N GLN B 68 25.57 34.44 -30.74
CA GLN B 68 26.89 33.83 -30.92
C GLN B 68 27.47 34.11 -32.28
N MET B 69 28.80 34.09 -32.33
CA MET B 69 29.56 34.30 -33.56
C MET B 69 29.18 33.23 -34.58
N LYS B 70 29.14 33.65 -35.83
CA LYS B 70 28.69 32.80 -36.94
C LYS B 70 29.32 33.23 -38.27
N ALA B 71 29.32 32.33 -39.25
CA ALA B 71 29.86 32.58 -40.60
C ALA B 71 29.30 33.85 -41.27
N GLU B 72 28.02 34.09 -41.04
CA GLU B 72 27.34 35.29 -41.53
C GLU B 72 27.97 36.60 -41.03
N ASP B 73 28.64 36.55 -39.87
CA ASP B 73 29.34 37.74 -39.32
C ASP B 73 30.56 38.18 -40.16
N TYR B 74 31.01 37.31 -41.07
CA TYR B 74 32.15 37.56 -41.97
C TYR B 74 31.73 37.57 -43.44
N ASP B 75 32.36 38.46 -44.21
CA ASP B 75 32.24 38.52 -45.68
C ASP B 75 33.42 37.79 -46.31
N VAL B 76 33.12 36.85 -47.19
CA VAL B 76 34.15 36.06 -47.88
C VAL B 76 34.65 36.84 -49.07
N VAL B 77 35.95 37.13 -49.06
CA VAL B 77 36.63 37.90 -50.13
C VAL B 77 37.17 36.97 -51.20
N LYS B 78 37.88 35.93 -50.77
CA LYS B 78 38.49 34.95 -51.69
C LYS B 78 38.77 33.62 -50.99
N VAL B 79 38.70 32.53 -51.72
CA VAL B 79 39.22 31.23 -51.26
C VAL B 79 40.71 31.22 -51.58
N ILE B 80 41.55 31.13 -50.56
CA ILE B 80 43.00 31.16 -50.72
C ILE B 80 43.68 29.79 -50.52
N GLY B 81 42.88 28.80 -50.11
CA GLY B 81 43.39 27.45 -49.90
C GLY B 81 42.27 26.43 -49.92
N ARG B 82 42.58 25.25 -50.43
CA ARG B 82 41.71 24.07 -50.36
C ARG B 82 42.55 22.99 -49.69
N GLY B 83 41.88 22.18 -48.89
CA GLY B 83 42.53 21.09 -48.17
C GLY B 83 41.64 19.87 -48.06
N ALA B 84 42.19 18.81 -47.47
CA ALA B 84 41.54 17.49 -47.44
C ALA B 84 40.11 17.49 -46.94
N PHE B 85 39.85 18.29 -45.91
CA PHE B 85 38.52 18.35 -45.25
C PHE B 85 37.81 19.71 -45.33
N GLY B 86 38.37 20.63 -46.12
CA GLY B 86 37.68 21.88 -46.39
C GLY B 86 38.46 22.90 -47.16
N GLU B 87 38.37 24.15 -46.72
CA GLU B 87 39.00 25.27 -47.41
C GLU B 87 39.36 26.41 -46.47
N VAL B 88 40.23 27.28 -46.97
CA VAL B 88 40.67 28.48 -46.28
C VAL B 88 40.20 29.66 -47.08
N GLN B 89 39.56 30.59 -46.38
CA GLN B 89 38.97 31.76 -46.96
C GLN B 89 39.63 32.99 -46.41
N LEU B 90 39.99 33.92 -47.29
CA LEU B 90 40.27 35.28 -46.89
C LEU B 90 38.92 35.94 -46.59
N VAL B 91 38.77 36.46 -45.38
CA VAL B 91 37.53 37.07 -44.93
C VAL B 91 37.72 38.46 -44.33
N ARG B 92 36.61 39.16 -44.20
CA ARG B 92 36.56 40.42 -43.44
C ARG B 92 35.37 40.36 -42.51
N HIS B 93 35.60 40.64 -41.24
CA HIS B 93 34.52 40.65 -40.24
C HIS B 93 33.72 41.94 -40.44
N LYS B 94 32.41 41.79 -40.70
CA LYS B 94 31.53 42.90 -41.16
C LYS B 94 31.55 44.13 -40.26
N ALA B 95 31.32 43.92 -38.97
CA ALA B 95 31.32 45.00 -37.96
C ALA B 95 32.66 45.72 -37.77
N SER B 96 33.68 44.99 -37.32
CA SER B 96 35.03 45.54 -37.10
C SER B 96 35.77 45.94 -38.38
N GLN B 97 35.35 45.38 -39.52
CA GLN B 97 36.01 45.56 -40.84
C GLN B 97 37.41 44.94 -40.90
N LYS B 98 37.76 44.13 -39.91
CA LYS B 98 39.08 43.55 -39.79
C LYS B 98 39.21 42.31 -40.66
N VAL B 99 40.40 42.12 -41.23
CA VAL B 99 40.65 41.02 -42.15
C VAL B 99 41.31 39.83 -41.44
N TYR B 100 40.85 38.64 -41.78
CA TYR B 100 41.36 37.40 -41.21
C TYR B 100 41.44 36.31 -42.26
N ALA B 101 42.22 35.29 -41.97
CA ALA B 101 42.14 34.03 -42.70
C ALA B 101 41.23 33.14 -41.89
N MET B 102 40.30 32.47 -42.56
CA MET B 102 39.33 31.59 -41.93
C MET B 102 39.40 30.18 -42.51
N LYS B 103 39.69 29.21 -41.66
CA LYS B 103 39.78 27.82 -42.08
C LYS B 103 38.48 27.14 -41.76
N LEU B 104 37.94 26.42 -42.73
CA LEU B 104 36.68 25.67 -42.59
C LEU B 104 36.99 24.21 -42.64
N LEU B 105 36.34 23.44 -41.76
CA LEU B 105 36.42 21.97 -41.77
C LEU B 105 35.03 21.34 -41.78
N SER B 106 34.82 20.43 -42.73
CA SER B 106 33.53 19.74 -42.91
C SER B 106 33.32 18.66 -41.86
N LYS B 107 32.26 18.81 -41.10
CA LYS B 107 31.89 17.79 -40.10
C LYS B 107 31.60 16.44 -40.77
N PHE B 108 30.71 16.46 -41.77
CA PHE B 108 30.34 15.23 -42.51
C PHE B 108 31.56 14.45 -42.97
N GLU B 109 32.47 15.14 -43.64
CA GLU B 109 33.64 14.51 -44.23
C GLU B 109 34.55 13.91 -43.13
N MET B 110 34.85 14.70 -42.11
CA MET B 110 35.64 14.25 -40.95
C MET B 110 35.08 12.97 -40.32
N ILE B 111 33.77 12.98 -40.09
CA ILE B 111 33.08 11.81 -39.52
C ILE B 111 33.20 10.66 -40.52
N LYS B 112 32.71 10.89 -41.74
CA LYS B 112 32.69 9.87 -42.83
C LYS B 112 34.07 9.22 -43.04
N ARG B 113 35.10 10.06 -43.09
CA ARG B 113 36.48 9.57 -43.31
C ARG B 113 37.27 9.38 -42.02
N SER B 114 36.60 8.76 -41.03
CA SER B 114 37.14 8.40 -39.69
C SER B 114 38.33 9.25 -39.16
N ASP B 115 38.18 10.56 -39.27
CA ASP B 115 39.23 11.49 -38.87
C ASP B 115 38.58 12.74 -38.27
N SER B 116 38.31 12.67 -36.96
CA SER B 116 37.54 13.70 -36.24
C SER B 116 38.15 14.14 -34.88
N ALA B 117 39.48 14.04 -34.77
CA ALA B 117 40.21 14.54 -33.58
C ALA B 117 41.43 15.45 -33.83
N PHE B 118 41.94 15.52 -35.06
CA PHE B 118 43.13 16.32 -35.38
C PHE B 118 43.01 17.80 -35.06
N PHE B 119 41.80 18.34 -35.20
CA PHE B 119 41.54 19.80 -35.05
C PHE B 119 41.77 20.31 -33.63
N TRP B 120 41.59 19.44 -32.64
CA TRP B 120 41.76 19.83 -31.23
C TRP B 120 43.14 20.40 -30.97
N GLU B 121 44.17 19.64 -31.30
CA GLU B 121 45.55 20.14 -31.12
C GLU B 121 45.80 21.35 -32.00
N GLU B 122 45.31 21.31 -33.24
CA GLU B 122 45.46 22.45 -34.18
C GLU B 122 44.87 23.71 -33.59
N ARG B 123 43.69 23.58 -32.99
CA ARG B 123 43.05 24.69 -32.33
C ARG B 123 43.85 25.19 -31.13
N ASP B 124 44.18 24.27 -30.24
CA ASP B 124 44.92 24.60 -29.02
C ASP B 124 46.27 25.24 -29.33
N ILE B 125 47.00 24.67 -30.29
CA ILE B 125 48.30 25.22 -30.72
C ILE B 125 48.12 26.67 -31.09
N MET B 126 47.18 26.95 -31.98
CA MET B 126 47.01 28.30 -32.50
C MET B 126 46.41 29.25 -31.46
N ALA B 127 45.55 28.74 -30.60
CA ALA B 127 44.93 29.54 -29.52
C ALA B 127 45.90 29.97 -28.41
N PHE B 128 46.76 29.04 -28.02
CA PHE B 128 47.53 29.15 -26.78
C PHE B 128 49.05 29.20 -26.89
N ALA B 129 49.61 28.93 -28.06
CA ALA B 129 51.06 28.89 -28.25
C ALA B 129 51.68 30.18 -27.79
N ASN B 130 50.98 31.27 -28.10
CA ASN B 130 51.36 32.61 -27.68
C ASN B 130 52.81 32.88 -28.08
N SER B 131 53.05 32.77 -29.37
CA SER B 131 54.39 32.71 -29.94
C SER B 131 54.41 33.36 -31.31
N PRO B 132 55.46 34.15 -31.60
CA PRO B 132 55.51 34.81 -32.92
C PRO B 132 55.81 33.87 -34.07
N TRP B 133 56.21 32.64 -33.76
CA TRP B 133 56.39 31.59 -34.79
C TRP B 133 55.14 30.79 -35.13
N VAL B 134 54.05 31.07 -34.42
CA VAL B 134 52.81 30.32 -34.61
C VAL B 134 51.66 31.28 -34.89
N VAL B 135 50.87 30.91 -35.88
CA VAL B 135 49.78 31.75 -36.33
C VAL B 135 48.73 31.80 -35.22
N GLN B 136 48.30 33.02 -34.90
CA GLN B 136 47.35 33.24 -33.83
C GLN B 136 45.92 32.94 -34.26
N LEU B 137 45.23 32.14 -33.47
CA LEU B 137 43.79 31.95 -33.57
C LEU B 137 43.09 32.99 -32.71
N PHE B 138 42.15 33.72 -33.30
CA PHE B 138 41.32 34.70 -32.57
C PHE B 138 39.99 34.11 -32.13
N TYR B 139 39.35 33.41 -33.05
CA TYR B 139 38.07 32.79 -32.79
C TYR B 139 38.02 31.39 -33.39
N ALA B 140 37.32 30.52 -32.69
CA ALA B 140 36.86 29.27 -33.24
C ALA B 140 35.38 29.16 -32.93
N PHE B 141 34.63 28.69 -33.92
CA PHE B 141 33.19 28.48 -33.76
C PHE B 141 32.68 27.43 -34.74
N GLN B 142 31.41 27.06 -34.58
CA GLN B 142 30.80 26.04 -35.43
C GLN B 142 29.34 26.29 -35.74
N ASP B 143 28.93 25.84 -36.92
CA ASP B 143 27.51 25.64 -37.27
C ASP B 143 27.28 24.11 -37.35
N ASP B 144 26.08 23.70 -37.72
CA ASP B 144 25.76 22.26 -37.92
C ASP B 144 26.58 21.55 -38.99
N ARG B 145 27.08 22.29 -39.97
CA ARG B 145 27.84 21.70 -41.09
C ARG B 145 29.36 21.74 -40.90
N TYR B 146 29.85 22.82 -40.30
CA TYR B 146 31.28 23.19 -40.34
C TYR B 146 31.88 23.62 -39.00
N LEU B 147 33.18 23.36 -38.88
CA LEU B 147 34.04 24.02 -37.89
C LEU B 147 34.75 25.14 -38.60
N TYR B 148 34.87 26.26 -37.90
CA TYR B 148 35.58 27.45 -38.39
C TYR B 148 36.69 27.82 -37.45
N MET B 149 37.84 28.19 -38.03
CA MET B 149 38.95 28.75 -37.29
C MET B 149 39.41 30.07 -37.90
N VAL B 150 39.22 31.15 -37.15
CA VAL B 150 39.60 32.50 -37.56
C VAL B 150 41.00 32.81 -37.03
N MET B 151 41.90 33.10 -37.95
CA MET B 151 43.33 33.23 -37.70
C MET B 151 43.83 34.54 -38.26
N GLU B 152 45.02 34.94 -37.84
CA GLU B 152 45.65 36.11 -38.42
C GLU B 152 46.07 35.80 -39.85
N TYR B 153 45.72 36.70 -40.77
CA TYR B 153 46.02 36.51 -42.18
C TYR B 153 47.50 36.73 -42.41
N MET B 154 48.11 35.83 -43.17
CA MET B 154 49.53 35.85 -43.51
C MET B 154 49.68 36.21 -44.98
N PRO B 155 49.77 37.52 -45.27
CA PRO B 155 49.72 37.95 -46.65
C PRO B 155 50.93 37.63 -47.52
N GLY B 156 52.07 37.30 -46.89
CA GLY B 156 53.32 36.99 -47.61
C GLY B 156 53.31 35.66 -48.33
N GLY B 157 52.29 34.86 -48.08
CA GLY B 157 52.12 33.56 -48.74
C GLY B 157 53.07 32.52 -48.16
N ASP B 158 53.13 31.36 -48.82
CA ASP B 158 53.97 30.26 -48.30
C ASP B 158 55.36 30.20 -48.96
N LEU B 159 56.23 29.36 -48.40
CA LEU B 159 57.61 29.20 -48.90
C LEU B 159 57.68 28.48 -50.26
N VAL B 160 56.65 27.69 -50.57
CA VAL B 160 56.55 27.05 -51.90
C VAL B 160 56.50 28.13 -52.97
N ASN B 161 55.63 29.09 -52.71
CA ASN B 161 55.52 30.30 -53.51
C ASN B 161 56.84 31.03 -53.70
N LEU B 162 57.53 31.28 -52.58
CA LEU B 162 58.80 32.04 -52.56
C LEU B 162 59.86 31.35 -53.41
N MET B 163 60.06 30.06 -53.15
CA MET B 163 61.04 29.24 -53.89
C MET B 163 60.77 29.18 -55.40
N SER B 164 59.50 29.11 -55.77
CA SER B 164 59.10 29.16 -57.19
C SER B 164 59.33 30.52 -57.87
N ASN B 165 59.33 31.60 -57.11
CA ASN B 165 59.49 32.98 -57.63
C ASN B 165 60.86 33.63 -57.40
N TYR B 166 61.74 32.94 -56.67
CA TYR B 166 63.13 33.38 -56.52
C TYR B 166 64.10 32.21 -56.52
N ASP B 167 65.21 32.37 -57.23
CA ASP B 167 66.42 31.61 -56.90
C ASP B 167 66.83 32.15 -55.54
N VAL B 168 66.92 31.25 -54.58
CA VAL B 168 67.18 31.62 -53.19
C VAL B 168 68.69 31.56 -52.97
N PRO B 169 69.34 32.70 -52.70
CA PRO B 169 70.74 32.60 -52.31
C PRO B 169 70.91 32.05 -50.90
N GLU B 170 72.14 31.66 -50.59
CA GLU B 170 72.42 30.97 -49.32
C GLU B 170 72.06 31.82 -48.11
N LYS B 171 72.40 33.11 -48.17
CA LYS B 171 72.11 34.06 -47.06
C LYS B 171 70.63 34.06 -46.68
N TRP B 172 69.77 34.04 -47.71
CA TRP B 172 68.33 33.91 -47.52
C TRP B 172 67.98 32.59 -46.85
N ALA B 173 68.43 31.50 -47.46
CA ALA B 173 68.17 30.14 -46.97
C ALA B 173 68.59 29.99 -45.51
N LYS B 174 69.73 30.59 -45.18
CA LYS B 174 70.23 30.65 -43.78
C LYS B 174 69.18 31.30 -42.86
N PHE B 175 68.66 32.45 -43.30
CA PHE B 175 67.62 33.16 -42.56
C PHE B 175 66.37 32.28 -42.35
N TYR B 176 65.82 31.79 -43.46
CA TYR B 176 64.56 31.03 -43.41
C TYR B 176 64.74 29.74 -42.60
N THR B 177 65.85 29.07 -42.80
CA THR B 177 66.12 27.83 -42.07
C THR B 177 66.16 28.10 -40.57
N ALA B 178 66.88 29.14 -40.20
CA ALA B 178 67.00 29.52 -38.79
C ALA B 178 65.66 29.86 -38.16
N GLU B 179 64.82 30.55 -38.93
CA GLU B 179 63.44 30.82 -38.49
C GLU B 179 62.61 29.54 -38.36
N VAL B 180 62.70 28.65 -39.33
CA VAL B 180 62.09 27.32 -39.20
C VAL B 180 62.61 26.59 -37.95
N VAL B 181 63.92 26.63 -37.73
CA VAL B 181 64.54 25.97 -36.55
C VAL B 181 63.89 26.47 -35.25
N LEU B 182 63.84 27.79 -35.08
CA LEU B 182 63.26 28.38 -33.86
C LEU B 182 61.75 28.07 -33.71
N ALA B 183 61.05 28.08 -34.82
CA ALA B 183 59.63 27.75 -34.86
C ALA B 183 59.37 26.34 -34.38
N LEU B 184 60.11 25.40 -34.96
CA LEU B 184 59.98 23.99 -34.57
C LEU B 184 60.34 23.79 -33.11
N ASP B 185 61.35 24.52 -32.65
CA ASP B 185 61.76 24.43 -31.25
C ASP B 185 60.61 24.84 -30.32
N ALA B 186 59.89 25.89 -30.72
CA ALA B 186 58.71 26.34 -29.97
C ALA B 186 57.64 25.26 -29.88
N ILE B 187 57.37 24.65 -31.03
CA ILE B 187 56.40 23.54 -31.13
C ILE B 187 56.80 22.39 -30.22
N HIS B 188 58.08 22.04 -30.30
CA HIS B 188 58.66 20.98 -29.48
C HIS B 188 58.59 21.28 -27.97
N SER B 189 58.80 22.54 -27.62
CA SER B 189 58.62 23.02 -26.22
C SER B 189 57.20 22.87 -25.67
N MET B 190 56.22 22.99 -26.56
CA MET B 190 54.81 22.74 -26.21
C MET B 190 54.47 21.24 -26.09
N GLY B 191 55.46 20.37 -26.27
CA GLY B 191 55.30 18.92 -26.11
C GLY B 191 54.83 18.20 -27.35
N LEU B 192 55.03 18.84 -28.50
CA LEU B 192 54.46 18.39 -29.77
C LEU B 192 55.51 18.00 -30.78
N ILE B 193 55.19 16.95 -31.56
CA ILE B 193 55.90 16.62 -32.80
C ILE B 193 54.99 17.04 -33.96
N HIS B 194 55.54 17.82 -34.87
CA HIS B 194 54.79 18.37 -36.03
C HIS B 194 54.35 17.27 -37.01
N ARG B 195 55.30 16.40 -37.39
CA ARG B 195 55.11 15.26 -38.34
C ARG B 195 54.89 15.58 -39.84
N ASP B 196 54.84 16.85 -40.18
CA ASP B 196 54.57 17.26 -41.57
C ASP B 196 55.16 18.65 -41.85
N VAL B 197 56.46 18.79 -41.59
CA VAL B 197 57.20 20.01 -41.87
C VAL B 197 57.51 20.05 -43.36
N LYS B 198 56.85 20.95 -44.06
CA LYS B 198 57.04 21.16 -45.49
C LYS B 198 56.80 22.65 -45.75
N PRO B 199 57.31 23.20 -46.86
CA PRO B 199 57.18 24.64 -47.10
C PRO B 199 55.75 25.12 -47.35
N ASP B 200 54.87 24.19 -47.68
CA ASP B 200 53.41 24.42 -47.73
C ASP B 200 52.85 24.91 -46.39
N ASN B 201 53.44 24.41 -45.31
CA ASN B 201 53.06 24.74 -43.93
C ASN B 201 53.87 25.86 -43.27
N MET B 202 54.55 26.63 -44.10
CA MET B 202 55.43 27.72 -43.66
C MET B 202 54.95 28.94 -44.36
N LEU B 203 54.62 29.96 -43.58
CA LEU B 203 53.94 31.14 -44.08
C LEU B 203 54.66 32.39 -43.68
N LEU B 204 54.57 33.39 -44.55
CA LEU B 204 55.24 34.69 -44.35
C LEU B 204 54.25 35.81 -44.01
N ASP B 205 54.53 36.52 -42.92
CA ASP B 205 53.69 37.61 -42.43
C ASP B 205 53.91 38.88 -43.26
N LYS B 206 53.18 39.95 -42.94
CA LYS B 206 53.33 41.24 -43.65
C LYS B 206 54.77 41.75 -43.81
N HIS B 207 55.62 41.41 -42.86
CA HIS B 207 57.04 41.80 -42.86
C HIS B 207 58.00 40.75 -43.39
N GLY B 208 57.47 39.69 -43.98
CA GLY B 208 58.29 38.64 -44.60
C GLY B 208 58.91 37.61 -43.67
N HIS B 209 58.44 37.58 -42.42
CA HIS B 209 58.90 36.64 -41.40
C HIS B 209 58.00 35.43 -41.25
N LEU B 210 58.63 34.32 -40.91
CA LEU B 210 57.98 33.02 -40.83
C LEU B 210 56.98 32.92 -39.68
N LYS B 211 55.89 32.24 -39.96
CA LYS B 211 55.04 31.62 -38.94
C LYS B 211 54.56 30.29 -39.47
N LEU B 212 54.43 29.33 -38.57
CA LEU B 212 53.90 28.02 -38.93
C LEU B 212 52.39 28.00 -38.89
N ALA B 213 51.82 27.27 -39.86
CA ALA B 213 50.39 27.04 -39.94
C ALA B 213 50.12 25.65 -40.47
N ASP B 214 48.86 25.23 -40.35
CA ASP B 214 48.42 23.84 -40.57
C ASP B 214 49.11 22.89 -39.59
N PHE B 215 48.50 22.75 -38.42
CA PHE B 215 48.98 21.83 -37.38
C PHE B 215 48.12 20.56 -37.29
N GLY B 216 47.59 20.13 -38.43
CA GLY B 216 46.70 18.97 -38.51
C GLY B 216 47.34 17.60 -38.24
N THR B 217 48.65 17.53 -38.40
CA THR B 217 49.40 16.28 -38.16
C THR B 217 50.04 16.23 -36.78
N CYS B 218 50.03 17.35 -36.06
CA CYS B 218 50.72 17.46 -34.77
C CYS B 218 50.18 16.46 -33.78
N MET B 219 51.10 15.84 -33.06
CA MET B 219 50.79 14.84 -32.01
C MET B 219 51.48 15.24 -30.72
N LYS B 220 50.80 15.01 -29.60
CA LYS B 220 51.36 15.27 -28.27
C LYS B 220 52.34 14.12 -28.03
N MET B 221 53.54 14.45 -27.56
CA MET B 221 54.54 13.42 -27.20
C MET B 221 54.16 12.72 -25.89
N ASP B 222 54.75 11.55 -25.68
CA ASP B 222 54.75 10.83 -24.39
C ASP B 222 55.93 11.26 -23.48
N THR B 235 52.34 13.79 -48.58
CA THR B 235 53.39 13.97 -49.59
C THR B 235 54.77 13.48 -49.09
N PRO B 236 55.40 12.58 -49.86
CA PRO B 236 56.53 11.79 -49.39
C PRO B 236 57.89 12.48 -49.39
N ASP B 237 58.08 13.47 -50.26
CA ASP B 237 59.39 14.16 -50.43
C ASP B 237 60.09 14.53 -49.11
N TYR B 238 59.31 15.00 -48.14
CA TYR B 238 59.81 15.49 -46.85
C TYR B 238 59.75 14.49 -45.67
N ILE B 239 59.17 13.31 -45.91
CA ILE B 239 59.04 12.27 -44.89
C ILE B 239 60.40 11.60 -44.61
N SER B 240 60.63 11.30 -43.33
CA SER B 240 61.87 10.68 -42.85
C SER B 240 61.82 9.15 -42.97
N PRO B 241 62.98 8.47 -43.09
CA PRO B 241 63.00 7.01 -43.20
C PRO B 241 62.36 6.25 -42.03
N GLU B 242 62.53 6.74 -40.79
CA GLU B 242 61.89 6.09 -39.63
C GLU B 242 60.36 6.09 -39.78
N VAL B 243 59.80 7.25 -40.14
CA VAL B 243 58.35 7.41 -40.32
C VAL B 243 57.87 6.51 -41.47
N LEU B 244 58.70 6.37 -42.50
CA LEU B 244 58.42 5.48 -43.65
C LEU B 244 58.35 4.01 -43.18
N LYS B 245 59.43 3.52 -42.58
CA LYS B 245 59.48 2.14 -42.04
C LYS B 245 58.47 1.85 -40.88
N SER B 246 58.05 2.88 -40.15
CA SER B 246 57.09 2.72 -39.02
C SER B 246 55.71 2.28 -39.50
N GLN B 247 55.25 2.91 -40.58
CA GLN B 247 53.86 2.69 -41.09
C GLN B 247 52.70 2.93 -40.07
N GLY B 248 53.02 3.44 -38.86
CA GLY B 248 52.10 3.43 -37.70
C GLY B 248 52.24 2.20 -36.81
N PHE B 252 57.27 3.58 -33.61
CA PHE B 252 57.30 4.87 -32.91
C PHE B 252 58.49 5.73 -33.29
N TYR B 253 58.33 7.04 -33.07
CA TYR B 253 59.34 8.04 -33.43
C TYR B 253 59.19 9.37 -32.66
N GLY B 254 60.23 10.19 -32.75
CA GLY B 254 60.35 11.41 -31.93
C GLY B 254 60.55 12.70 -32.69
N ARG B 255 60.95 13.73 -31.94
CA ARG B 255 61.12 15.11 -32.45
C ARG B 255 62.17 15.21 -33.55
N GLU B 256 63.14 14.31 -33.52
CA GLU B 256 64.14 14.20 -34.60
C GLU B 256 63.60 14.02 -36.03
N CYS B 257 62.39 13.46 -36.17
CA CYS B 257 61.79 13.29 -37.52
C CYS B 257 61.44 14.62 -38.20
N ASP B 258 61.16 15.64 -37.41
CA ASP B 258 60.94 16.99 -37.93
C ASP B 258 62.24 17.58 -38.45
N TRP B 259 63.32 17.32 -37.73
CA TRP B 259 64.63 17.84 -38.13
C TRP B 259 65.10 17.26 -39.46
N TRP B 260 64.74 16.01 -39.74
CA TRP B 260 64.94 15.41 -41.08
C TRP B 260 64.37 16.35 -42.16
N SER B 261 63.09 16.67 -41.99
CA SER B 261 62.36 17.56 -42.89
C SER B 261 63.00 18.95 -43.10
N VAL B 262 63.67 19.47 -42.08
CA VAL B 262 64.42 20.75 -42.22
C VAL B 262 65.61 20.57 -43.16
N GLY B 263 66.29 19.44 -43.00
CA GLY B 263 67.35 19.03 -43.92
C GLY B 263 66.87 19.08 -45.36
N VAL B 264 65.76 18.41 -45.62
CA VAL B 264 65.12 18.40 -46.96
C VAL B 264 64.83 19.82 -47.45
N PHE B 265 64.27 20.62 -46.55
CA PHE B 265 63.86 22.01 -46.83
C PHE B 265 65.04 22.86 -47.27
N LEU B 266 66.12 22.79 -46.50
CA LEU B 266 67.36 23.53 -46.80
C LEU B 266 67.94 23.09 -48.14
N TYR B 267 67.89 21.80 -48.41
CA TYR B 267 68.33 21.28 -49.71
C TYR B 267 67.47 21.91 -50.79
N GLU B 268 66.15 21.82 -50.64
CA GLU B 268 65.22 22.33 -51.70
C GLU B 268 65.46 23.80 -51.98
N MET B 269 65.69 24.57 -50.93
CA MET B 269 65.99 26.01 -51.11
C MET B 269 67.27 26.25 -51.87
N LEU B 270 68.36 25.63 -51.42
CA LEU B 270 69.70 25.86 -52.01
C LEU B 270 69.87 25.25 -53.41
N VAL B 271 69.40 24.02 -53.58
CA VAL B 271 69.56 23.27 -54.84
C VAL B 271 68.42 23.56 -55.84
N GLY B 272 67.18 23.68 -55.35
CA GLY B 272 66.03 23.97 -56.21
C GLY B 272 65.19 22.80 -56.66
N ASP B 273 65.71 21.59 -56.45
CA ASP B 273 64.92 20.37 -56.52
C ASP B 273 65.01 19.66 -55.16
N THR B 274 64.11 18.71 -54.94
CA THR B 274 64.07 17.90 -53.71
C THR B 274 65.20 16.84 -53.73
N PRO B 275 65.86 16.58 -52.58
CA PRO B 275 67.01 15.65 -52.55
C PRO B 275 66.72 14.25 -53.05
N PHE B 276 65.55 13.73 -52.74
CA PHE B 276 65.19 12.37 -53.10
C PHE B 276 64.07 12.32 -54.16
N TYR B 277 64.02 13.36 -55.00
CA TYR B 277 63.04 13.45 -56.09
C TYR B 277 63.12 12.20 -56.97
N ALA B 278 61.95 11.66 -57.30
CA ALA B 278 61.79 10.69 -58.39
C ALA B 278 60.45 10.92 -59.09
N ASP B 279 60.33 10.35 -60.28
CA ASP B 279 59.13 10.54 -61.12
C ASP B 279 57.93 9.87 -60.47
N SER B 280 58.15 8.63 -60.02
CA SER B 280 57.18 7.89 -59.17
C SER B 280 57.36 8.21 -57.69
N LEU B 281 56.32 7.91 -56.90
CA LEU B 281 56.39 7.95 -55.42
C LEU B 281 57.28 6.80 -54.89
N VAL B 282 57.06 5.59 -55.39
CA VAL B 282 57.86 4.40 -54.99
C VAL B 282 59.38 4.64 -55.14
N GLY B 283 59.76 5.32 -56.21
CA GLY B 283 61.15 5.70 -56.45
C GLY B 283 61.69 6.59 -55.35
N THR B 284 60.88 7.57 -54.97
CA THR B 284 61.20 8.51 -53.89
C THR B 284 61.38 7.78 -52.56
N TYR B 285 60.41 6.93 -52.20
CA TYR B 285 60.52 6.12 -50.95
C TYR B 285 61.85 5.35 -50.96
N SER B 286 62.06 4.63 -52.06
CA SER B 286 63.27 3.83 -52.28
C SER B 286 64.57 4.64 -52.10
N LYS B 287 64.59 5.85 -52.67
CA LYS B 287 65.71 6.80 -52.51
C LYS B 287 65.88 7.26 -51.06
N ILE B 288 64.78 7.67 -50.42
CA ILE B 288 64.80 8.13 -49.01
C ILE B 288 65.36 7.03 -48.11
N MET B 289 64.82 5.83 -48.25
CA MET B 289 65.31 4.65 -47.50
C MET B 289 66.82 4.43 -47.69
N ASP B 290 67.28 4.60 -48.94
CA ASP B 290 68.72 4.49 -49.33
C ASP B 290 69.53 5.82 -49.24
N HIS B 291 69.15 6.69 -48.32
CA HIS B 291 69.69 8.07 -48.24
C HIS B 291 71.23 8.13 -48.09
N LYS B 292 71.82 7.15 -47.39
CA LYS B 292 73.29 7.08 -47.20
C LYS B 292 74.03 7.20 -48.54
N ASN B 293 73.48 6.53 -49.56
CA ASN B 293 74.00 6.52 -50.94
C ASN B 293 73.33 7.49 -51.91
N SER B 294 72.02 7.64 -51.78
CA SER B 294 71.20 8.36 -52.79
C SER B 294 71.35 9.89 -52.78
N LEU B 295 71.68 10.46 -51.61
CA LEU B 295 71.82 11.92 -51.45
C LEU B 295 73.05 12.39 -52.19
N CYS B 296 72.85 13.11 -53.31
CA CYS B 296 73.96 13.62 -54.13
C CYS B 296 73.72 15.10 -54.47
N PHE B 297 74.66 15.94 -54.05
CA PHE B 297 74.63 17.36 -54.38
C PHE B 297 75.04 17.54 -55.85
N PRO B 298 74.16 18.10 -56.71
CA PRO B 298 74.55 18.19 -58.13
C PRO B 298 75.79 19.07 -58.32
N GLU B 299 76.63 18.70 -59.28
CA GLU B 299 77.95 19.36 -59.47
C GLU B 299 77.85 20.83 -59.88
N ASP B 300 76.73 21.21 -60.51
CA ASP B 300 76.46 22.63 -60.86
C ASP B 300 75.80 23.48 -59.74
N ALA B 301 75.48 22.88 -58.59
CA ALA B 301 74.76 23.56 -57.49
C ALA B 301 75.67 24.49 -56.68
N GLU B 302 75.26 25.76 -56.57
CA GLU B 302 75.96 26.73 -55.71
C GLU B 302 75.59 26.47 -54.24
N ILE B 303 76.43 25.72 -53.54
CA ILE B 303 76.19 25.40 -52.12
C ILE B 303 77.52 25.24 -51.37
N SER B 304 77.62 25.84 -50.19
CA SER B 304 78.86 25.83 -49.39
C SER B 304 79.09 24.49 -48.71
N LYS B 305 80.29 24.34 -48.16
CA LYS B 305 80.68 23.15 -47.39
C LYS B 305 79.87 23.08 -46.11
N HIS B 306 79.83 24.20 -45.38
CA HIS B 306 79.00 24.32 -44.18
C HIS B 306 77.52 23.95 -44.45
N ALA B 307 76.97 24.46 -45.55
CA ALA B 307 75.59 24.14 -45.92
C ALA B 307 75.38 22.65 -46.15
N LYS B 308 76.27 22.09 -46.97
CA LYS B 308 76.29 20.64 -47.25
C LYS B 308 76.44 19.81 -45.96
N ASN B 309 77.28 20.30 -45.05
CA ASN B 309 77.52 19.65 -43.76
C ASN B 309 76.22 19.56 -42.94
N LEU B 310 75.56 20.70 -42.82
CA LEU B 310 74.30 20.77 -42.06
C LEU B 310 73.25 19.83 -42.65
N ILE B 311 73.04 19.93 -43.96
CA ILE B 311 72.05 19.09 -44.66
C ILE B 311 72.32 17.63 -44.34
N CYS B 312 73.58 17.23 -44.50
CA CYS B 312 74.01 15.86 -44.21
C CYS B 312 73.81 15.47 -42.74
N ALA B 313 74.09 16.42 -41.84
CA ALA B 313 73.82 16.24 -40.40
C ALA B 313 72.34 15.94 -40.09
N PHE B 314 71.43 16.56 -40.84
CA PHE B 314 69.97 16.30 -40.73
C PHE B 314 69.51 15.05 -41.46
N LEU B 315 70.13 14.77 -42.61
CA LEU B 315 69.70 13.64 -43.47
C LEU B 315 70.45 12.32 -43.17
N THR B 316 70.45 11.94 -41.90
CA THR B 316 71.00 10.67 -41.40
C THR B 316 69.93 9.81 -40.79
N ASP B 317 70.33 8.60 -40.41
CA ASP B 317 69.52 7.71 -39.60
C ASP B 317 69.14 8.43 -38.28
N ARG B 318 67.93 8.13 -37.81
CA ARG B 318 67.34 8.77 -36.61
C ARG B 318 68.28 8.79 -35.40
N GLU B 319 68.98 7.68 -35.21
CA GLU B 319 69.85 7.44 -34.04
C GLU B 319 70.96 8.47 -33.86
N VAL B 320 71.54 8.92 -34.96
CA VAL B 320 72.69 9.86 -34.92
C VAL B 320 72.36 11.29 -35.44
N ARG B 321 71.07 11.55 -35.64
CA ARG B 321 70.62 12.78 -36.34
C ARG B 321 70.77 14.06 -35.52
N LEU B 322 71.15 15.14 -36.19
CA LEU B 322 71.30 16.45 -35.53
C LEU B 322 69.93 16.86 -35.01
N GLY B 323 69.91 17.36 -33.77
CA GLY B 323 68.65 17.65 -33.06
C GLY B 323 68.03 16.48 -32.31
N ARG B 324 68.77 15.37 -32.18
CA ARG B 324 68.44 14.33 -31.20
C ARG B 324 68.69 14.87 -29.77
N ASN B 325 69.83 15.55 -29.59
CA ASN B 325 70.23 16.14 -28.29
C ASN B 325 69.72 17.59 -28.12
N GLY B 326 68.55 17.88 -28.69
CA GLY B 326 67.99 19.24 -28.65
C GLY B 326 68.60 20.21 -29.64
N VAL B 327 68.11 21.44 -29.56
CA VAL B 327 68.34 22.46 -30.58
C VAL B 327 69.71 23.17 -30.51
N GLU B 328 70.35 23.15 -29.34
CA GLU B 328 71.61 23.93 -29.13
C GLU B 328 72.68 23.57 -30.18
N GLU B 329 72.86 22.27 -30.41
CA GLU B 329 73.81 21.78 -31.42
C GLU B 329 73.47 22.25 -32.85
N ILE B 330 72.18 22.35 -33.16
CA ILE B 330 71.74 22.99 -34.43
C ILE B 330 72.11 24.49 -34.45
N ARG B 331 71.71 25.21 -33.41
CA ARG B 331 71.99 26.65 -33.31
C ARG B 331 73.50 26.93 -33.40
N GLN B 332 74.32 26.07 -32.78
CA GLN B 332 75.78 26.23 -32.75
C GLN B 332 76.52 25.79 -34.05
N HIS B 333 75.80 25.24 -35.03
CA HIS B 333 76.37 24.82 -36.31
C HIS B 333 76.89 26.04 -37.12
N PRO B 334 78.08 25.93 -37.75
CA PRO B 334 78.75 27.11 -38.35
C PRO B 334 78.13 27.71 -39.63
N PHE B 335 77.38 26.89 -40.36
CA PHE B 335 76.47 27.39 -41.41
C PHE B 335 75.66 28.62 -40.98
N PHE B 336 75.16 28.59 -39.75
CA PHE B 336 74.37 29.71 -39.21
C PHE B 336 75.13 30.97 -38.80
N LYS B 337 76.46 30.91 -38.82
CA LYS B 337 77.27 32.11 -38.49
C LYS B 337 77.04 33.17 -39.56
N ASN B 338 76.82 34.41 -39.12
CA ASN B 338 76.54 35.53 -40.05
C ASN B 338 76.65 36.93 -39.45
N ASP B 339 76.76 37.91 -40.33
CA ASP B 339 76.90 39.35 -39.97
C ASP B 339 75.56 40.11 -39.73
N GLN B 340 74.42 39.47 -40.00
CA GLN B 340 73.09 40.13 -40.05
C GLN B 340 72.21 39.96 -38.80
N TRP B 341 72.18 38.75 -38.24
CA TRP B 341 71.29 38.44 -37.11
C TRP B 341 71.88 37.47 -36.11
N HIS B 342 71.34 37.51 -34.90
CA HIS B 342 71.57 36.48 -33.84
C HIS B 342 70.26 35.71 -33.61
N TRP B 343 70.34 34.64 -32.84
CA TRP B 343 69.18 33.80 -32.56
C TRP B 343 68.13 34.47 -31.70
N ASP B 344 68.58 35.28 -30.75
CA ASP B 344 67.69 36.02 -29.82
C ASP B 344 66.93 37.20 -30.46
N ASN B 345 67.39 37.65 -31.65
CA ASN B 345 66.79 38.80 -32.35
C ASN B 345 66.42 38.62 -33.85
N ILE B 346 66.60 37.42 -34.38
CA ILE B 346 66.47 37.18 -35.86
C ILE B 346 65.17 37.74 -36.42
N ARG B 347 64.07 37.48 -35.71
CA ARG B 347 62.70 37.83 -36.14
C ARG B 347 62.42 39.33 -36.10
N GLU B 348 63.16 40.04 -35.25
CA GLU B 348 63.16 41.50 -35.17
C GLU B 348 64.08 42.19 -36.21
N THR B 349 64.83 41.41 -36.99
CA THR B 349 65.71 41.93 -38.06
C THR B 349 65.01 41.96 -39.40
N ALA B 350 65.61 42.65 -40.37
CA ALA B 350 64.99 42.82 -41.69
C ALA B 350 64.95 41.51 -42.47
N ALA B 351 63.77 41.16 -42.93
CA ALA B 351 63.58 39.94 -43.70
C ALA B 351 64.16 40.10 -45.12
N PRO B 352 64.61 39.01 -45.75
CA PRO B 352 65.07 39.07 -47.16
C PRO B 352 64.05 39.65 -48.15
N VAL B 353 62.80 39.22 -48.01
CA VAL B 353 61.72 39.60 -48.92
C VAL B 353 60.55 40.10 -48.10
N VAL B 354 60.38 41.42 -48.11
CA VAL B 354 59.21 42.05 -47.51
C VAL B 354 58.16 42.09 -48.60
N PRO B 355 56.97 41.51 -48.36
CA PRO B 355 55.95 41.55 -49.42
C PRO B 355 55.46 42.98 -49.70
N GLU B 356 55.41 43.32 -50.99
CA GLU B 356 54.87 44.58 -51.48
C GLU B 356 53.37 44.34 -51.71
N LEU B 357 52.56 44.87 -50.81
CA LEU B 357 51.13 44.57 -50.78
C LEU B 357 50.34 45.83 -51.01
N SER B 358 49.32 45.75 -51.86
CA SER B 358 48.57 46.94 -52.29
C SER B 358 47.43 47.31 -51.35
N SER B 359 46.96 46.31 -50.59
CA SER B 359 45.82 46.48 -49.66
C SER B 359 45.75 45.39 -48.58
N ASP B 360 44.88 45.60 -47.59
CA ASP B 360 44.62 44.60 -46.54
C ASP B 360 43.98 43.29 -47.00
N ILE B 361 43.40 43.28 -48.20
CA ILE B 361 42.89 42.03 -48.83
C ILE B 361 43.73 41.56 -50.01
N ASP B 362 44.98 42.00 -50.08
CA ASP B 362 45.88 41.59 -51.16
C ASP B 362 46.25 40.12 -50.97
N SER B 363 45.84 39.29 -51.93
CA SER B 363 46.10 37.84 -51.91
C SER B 363 47.01 37.37 -53.05
N SER B 364 47.84 38.28 -53.55
CA SER B 364 48.62 38.03 -54.78
C SER B 364 49.64 36.93 -54.62
N ASN B 365 50.12 36.73 -53.39
CA ASN B 365 51.03 35.64 -53.07
C ASN B 365 50.36 34.28 -52.86
N PHE B 366 49.05 34.23 -53.10
CA PHE B 366 48.30 32.98 -53.05
C PHE B 366 47.77 32.63 -54.44
N ASP B 367 48.05 31.40 -54.85
CA ASP B 367 47.61 30.89 -56.14
C ASP B 367 46.10 30.73 -56.18
N ASP B 368 45.54 30.86 -57.37
CA ASP B 368 44.08 30.75 -57.54
C ASP B 368 43.63 29.32 -57.35
N ILE B 369 42.33 29.18 -57.07
CA ILE B 369 41.71 27.93 -56.66
C ILE B 369 40.35 27.77 -57.36
N GLU B 370 40.19 26.70 -58.14
CA GLU B 370 38.89 26.30 -58.72
C GLU B 370 38.39 25.04 -58.00
N ASP B 371 37.07 24.94 -57.81
CA ASP B 371 36.51 23.74 -57.18
C ASP B 371 36.47 22.54 -58.16
N GLU B 377 27.88 17.00 -49.54
CA GLU B 377 26.85 16.16 -48.95
C GLU B 377 26.80 16.27 -47.40
N THR B 378 25.58 16.37 -46.88
CA THR B 378 25.32 16.51 -45.44
C THR B 378 24.97 15.18 -44.79
N PHE B 379 24.86 15.22 -43.46
CA PHE B 379 24.36 14.08 -42.68
C PHE B 379 22.91 13.77 -43.10
N PRO B 380 22.58 12.47 -43.26
CA PRO B 380 21.18 12.17 -43.50
C PRO B 380 20.31 12.41 -42.27
N ILE B 381 19.03 12.69 -42.51
CA ILE B 381 18.05 12.83 -41.42
C ILE B 381 17.99 11.48 -40.71
N PRO B 382 18.39 11.45 -39.44
CA PRO B 382 18.52 10.16 -38.76
C PRO B 382 17.17 9.66 -38.27
N LYS B 383 17.03 8.34 -38.21
CA LYS B 383 15.82 7.71 -37.73
C LYS B 383 15.81 7.58 -36.20
N ALA B 384 16.99 7.49 -35.60
CA ALA B 384 17.16 7.56 -34.13
C ALA B 384 18.34 8.46 -33.77
N PHE B 385 18.55 8.68 -32.48
CA PHE B 385 19.73 9.45 -32.00
C PHE B 385 21.03 8.84 -32.50
N VAL B 386 21.89 9.67 -33.09
CA VAL B 386 23.22 9.22 -33.59
C VAL B 386 24.45 10.06 -33.16
N GLY B 387 24.21 11.28 -32.69
CA GLY B 387 25.25 12.10 -32.07
C GLY B 387 26.35 12.62 -32.99
N ASN B 388 25.97 13.06 -34.18
CA ASN B 388 26.96 13.63 -35.13
C ASN B 388 27.63 14.91 -34.69
N GLN B 389 26.99 15.64 -33.79
CA GLN B 389 27.57 16.87 -33.22
C GLN B 389 28.41 16.64 -31.96
N LEU B 390 28.36 15.44 -31.39
CA LEU B 390 29.07 15.13 -30.14
C LEU B 390 30.58 15.28 -30.22
N PRO B 391 31.18 14.88 -31.36
CA PRO B 391 32.63 15.00 -31.53
C PRO B 391 33.21 16.39 -31.50
N PHE B 392 32.35 17.40 -31.66
CA PHE B 392 32.74 18.81 -31.77
C PHE B 392 32.34 19.68 -30.58
N ILE B 393 31.82 19.05 -29.53
CA ILE B 393 31.51 19.77 -28.32
C ILE B 393 32.82 20.15 -27.68
N GLY B 394 32.97 21.44 -27.42
CA GLY B 394 34.21 22.00 -26.86
C GLY B 394 34.99 22.85 -27.85
N PHE B 395 34.64 22.80 -29.13
CA PHE B 395 35.45 23.49 -30.15
C PHE B 395 35.39 25.00 -30.06
N THR B 396 34.27 25.53 -29.63
CA THR B 396 34.09 26.97 -29.68
C THR B 396 35.07 27.65 -28.73
N TYR B 397 35.74 28.68 -29.24
CA TYR B 397 36.71 29.47 -28.47
C TYR B 397 36.61 30.95 -28.87
N TYR B 398 36.42 31.84 -27.89
CA TYR B 398 36.47 33.31 -28.13
C TYR B 398 37.66 33.88 -27.37
N ARG B 399 38.64 34.41 -28.09
CA ARG B 399 39.82 35.05 -27.46
C ARG B 399 39.38 36.40 -26.85
N ALA C 6 31.21 43.10 -29.20
CA ALA C 6 29.94 43.91 -29.20
C ALA C 6 28.97 43.77 -27.97
N SER C 7 27.87 44.52 -28.05
CA SER C 7 26.77 44.40 -27.08
C SER C 7 26.17 42.99 -27.04
N ARG C 8 26.22 42.28 -28.17
CA ARG C 8 25.81 40.85 -28.24
C ARG C 8 26.50 39.93 -27.24
N GLN C 9 27.81 40.11 -27.08
CA GLN C 9 28.57 39.28 -26.15
C GLN C 9 28.17 39.63 -24.72
N ARG C 10 27.88 40.91 -24.50
CA ARG C 10 27.34 41.38 -23.21
C ARG C 10 25.92 40.85 -22.95
N LYS C 11 25.07 40.85 -23.98
CA LYS C 11 23.68 40.33 -23.91
C LYS C 11 23.70 38.82 -23.52
N LEU C 12 24.48 38.05 -24.26
CA LEU C 12 24.65 36.62 -24.00
C LEU C 12 25.19 36.31 -22.61
N GLU C 13 26.24 37.04 -22.22
CA GLU C 13 26.81 36.90 -20.87
C GLU C 13 25.75 37.16 -19.80
N ALA C 14 24.91 38.17 -20.06
CA ALA C 14 23.84 38.56 -19.12
C ALA C 14 22.79 37.48 -18.96
N LEU C 15 22.47 36.79 -20.04
CA LEU C 15 21.55 35.63 -19.99
C LEU C 15 22.09 34.55 -19.07
N ILE C 16 23.36 34.23 -19.28
CA ILE C 16 24.03 33.19 -18.48
C ILE C 16 24.19 33.59 -16.99
N ARG C 17 24.38 34.88 -16.72
CA ARG C 17 24.50 35.38 -15.33
C ARG C 17 23.20 35.21 -14.56
N ASP C 18 22.10 35.50 -15.25
CA ASP C 18 20.75 35.53 -14.65
C ASP C 18 20.32 34.19 -14.03
N PRO C 19 19.99 34.18 -12.72
CA PRO C 19 19.57 32.91 -12.09
C PRO C 19 18.19 32.36 -12.55
N ARG C 20 17.38 33.19 -13.20
CA ARG C 20 16.12 32.74 -13.83
C ARG C 20 16.27 32.10 -15.21
N SER C 21 17.48 32.17 -15.76
CA SER C 21 17.70 31.74 -17.13
C SER C 21 17.78 30.22 -17.27
N PRO C 22 17.13 29.66 -18.31
CA PRO C 22 17.38 28.26 -18.63
C PRO C 22 18.82 27.91 -19.07
N ILE C 23 19.63 28.91 -19.36
CA ILE C 23 21.02 28.71 -19.77
C ILE C 23 22.01 29.31 -18.78
N ASN C 24 21.60 29.49 -17.54
CA ASN C 24 22.61 29.72 -16.48
C ASN C 24 23.62 28.56 -16.35
N VAL C 25 24.72 28.81 -15.67
CA VAL C 25 25.80 27.81 -15.51
C VAL C 25 25.30 26.46 -14.97
N GLU C 26 24.45 26.52 -13.95
CA GLU C 26 23.96 25.28 -13.31
C GLU C 26 23.12 24.45 -14.29
N SER C 27 22.30 25.12 -15.07
CA SER C 27 21.54 24.47 -16.15
C SER C 27 22.42 23.88 -17.25
N LEU C 28 23.39 24.64 -17.69
CA LEU C 28 24.33 24.16 -18.69
C LEU C 28 25.08 22.89 -18.21
N LEU C 29 25.48 22.88 -16.94
CA LEU C 29 26.04 21.67 -16.31
C LEU C 29 25.06 20.50 -16.25
N ASP C 30 23.82 20.78 -15.88
CA ASP C 30 22.80 19.74 -15.88
C ASP C 30 22.76 19.11 -17.26
N GLY C 31 22.71 19.97 -18.27
CA GLY C 31 22.81 19.55 -19.68
C GLY C 31 23.88 18.51 -19.92
N LEU C 32 25.08 18.79 -19.43
CA LEU C 32 26.20 17.88 -19.58
C LEU C 32 26.02 16.58 -18.79
N ASN C 33 25.85 16.70 -17.49
CA ASN C 33 25.61 15.53 -16.63
C ASN C 33 24.52 14.62 -17.18
N SER C 34 23.40 15.20 -17.58
CA SER C 34 22.27 14.45 -18.13
C SER C 34 22.64 13.68 -19.40
N LEU C 35 23.30 14.37 -20.30
CA LEU C 35 23.76 13.75 -21.53
C LEU C 35 24.66 12.54 -21.26
N VAL C 36 25.58 12.68 -20.31
CA VAL C 36 26.48 11.59 -19.92
C VAL C 36 25.73 10.42 -19.27
N LEU C 37 24.82 10.73 -18.36
CA LEU C 37 23.93 9.72 -17.75
C LEU C 37 23.06 8.99 -18.74
N ASP C 38 22.58 9.71 -19.76
CA ASP C 38 21.69 9.13 -20.79
C ASP C 38 22.42 8.27 -21.81
N LEU C 39 23.66 8.62 -22.11
CA LEU C 39 24.50 7.92 -23.09
C LEU C 39 25.41 6.79 -22.56
N ASP C 40 25.80 6.86 -21.28
CA ASP C 40 26.77 5.91 -20.69
C ASP C 40 26.15 4.55 -20.34
N PHE C 41 25.94 3.77 -21.38
CA PHE C 41 25.46 2.39 -21.31
C PHE C 41 26.16 1.57 -22.40
N PRO C 42 26.55 0.31 -22.09
CA PRO C 42 27.42 -0.47 -23.01
C PRO C 42 26.90 -0.54 -24.45
N ALA C 43 25.60 -0.74 -24.59
CA ALA C 43 24.99 -0.88 -25.92
C ALA C 43 25.18 0.36 -26.77
N LEU C 44 24.99 1.52 -26.14
CA LEU C 44 25.09 2.83 -26.82
C LEU C 44 26.53 3.15 -27.24
N ARG C 45 27.51 2.65 -26.48
CA ARG C 45 28.92 2.93 -26.76
C ARG C 45 29.49 2.17 -28.00
N LYS C 46 28.71 1.25 -28.54
CA LYS C 46 29.01 0.68 -29.87
C LYS C 46 28.97 1.76 -30.99
N ASN C 47 28.24 2.84 -30.74
CA ASN C 47 28.28 4.06 -31.58
C ASN C 47 29.57 4.83 -31.23
N LYS C 48 30.44 5.01 -32.21
CA LYS C 48 31.76 5.66 -31.99
C LYS C 48 31.68 7.15 -31.59
N ASN C 49 30.70 7.89 -32.13
CA ASN C 49 30.45 9.27 -31.67
C ASN C 49 30.24 9.33 -30.16
N ILE C 50 29.38 8.45 -29.69
CA ILE C 50 29.00 8.36 -28.29
C ILE C 50 30.19 7.93 -27.44
N ASP C 51 30.90 6.89 -27.88
CA ASP C 51 32.00 6.33 -27.07
C ASP C 51 33.10 7.36 -26.87
N ASN C 52 33.53 7.96 -27.96
CA ASN C 52 34.60 8.95 -27.92
C ASN C 52 34.22 10.22 -27.16
N PHE C 53 32.98 10.67 -27.31
CA PHE C 53 32.44 11.77 -26.48
C PHE C 53 32.57 11.46 -24.99
N LEU C 54 32.12 10.29 -24.59
CA LEU C 54 32.19 9.86 -23.18
C LEU C 54 33.61 9.78 -22.64
N ASN C 55 34.50 9.20 -23.42
CA ASN C 55 35.92 9.13 -23.09
C ASN C 55 36.50 10.51 -22.87
N ARG C 56 36.22 11.43 -23.78
CA ARG C 56 36.64 12.83 -23.63
C ARG C 56 36.16 13.47 -22.32
N TYR C 57 34.90 13.21 -21.98
CA TYR C 57 34.24 13.82 -20.82
C TYR C 57 34.11 12.90 -19.58
N GLU C 58 34.80 11.77 -19.56
CA GLU C 58 34.76 10.86 -18.39
C GLU C 58 35.37 11.47 -17.13
N LYS C 59 36.61 11.94 -17.24
CA LYS C 59 37.34 12.52 -16.10
C LYS C 59 36.63 13.74 -15.51
N ILE C 60 36.37 14.72 -16.37
CA ILE C 60 35.83 16.01 -15.94
C ILE C 60 34.46 15.88 -15.27
N VAL C 61 33.66 14.92 -15.72
CA VAL C 61 32.31 14.67 -15.16
C VAL C 61 32.36 13.91 -13.82
N LYS C 62 33.38 13.07 -13.63
CA LYS C 62 33.66 12.56 -12.28
C LYS C 62 33.93 13.77 -11.34
N LYS C 63 34.95 14.57 -11.70
CA LYS C 63 35.37 15.76 -10.90
C LYS C 63 34.14 16.60 -10.48
N ILE C 64 33.29 16.92 -11.45
CA ILE C 64 32.07 17.73 -11.24
C ILE C 64 31.07 17.08 -10.27
N ARG C 65 30.87 15.78 -10.41
CA ARG C 65 29.93 15.06 -9.54
C ARG C 65 30.36 15.15 -8.09
N GLY C 66 31.67 15.05 -7.88
CA GLY C 66 32.25 15.20 -6.54
C GLY C 66 32.10 16.59 -5.94
N LEU C 67 32.38 17.60 -6.74
CA LEU C 67 32.29 18.99 -6.31
C LEU C 67 30.86 19.47 -6.06
N GLN C 68 29.95 19.06 -6.93
CA GLN C 68 28.55 19.50 -6.87
C GLN C 68 27.82 18.91 -5.68
N MET C 69 26.80 19.65 -5.25
CA MET C 69 25.99 19.27 -4.09
C MET C 69 25.30 17.94 -4.39
N LYS C 70 25.18 17.13 -3.36
CA LYS C 70 24.64 15.77 -3.47
C LYS C 70 24.02 15.30 -2.15
N ALA C 71 23.15 14.30 -2.25
CA ALA C 71 22.41 13.73 -1.09
C ALA C 71 23.33 13.30 0.04
N GLU C 72 24.49 12.80 -0.34
CA GLU C 72 25.53 12.40 0.61
C GLU C 72 26.03 13.57 1.48
N ASP C 73 25.89 14.80 1.00
CA ASP C 73 26.24 16.00 1.80
C ASP C 73 25.32 16.25 3.03
N TYR C 74 24.18 15.58 3.06
CA TYR C 74 23.19 15.67 4.14
C TYR C 74 23.02 14.35 4.88
N ASP C 75 22.81 14.44 6.19
CA ASP C 75 22.41 13.30 7.04
C ASP C 75 20.89 13.32 7.25
N VAL C 76 20.24 12.21 6.96
CA VAL C 76 18.79 12.08 7.12
C VAL C 76 18.46 11.73 8.55
N VAL C 77 17.68 12.60 9.18
CA VAL C 77 17.30 12.45 10.58
C VAL C 77 15.97 11.71 10.69
N LYS C 78 14.99 12.15 9.92
CA LYS C 78 13.66 11.55 9.94
C LYS C 78 12.91 11.84 8.64
N VAL C 79 12.05 10.92 8.24
CA VAL C 79 11.04 11.19 7.21
C VAL C 79 9.85 11.87 7.90
N ILE C 80 9.56 13.09 7.50
CA ILE C 80 8.45 13.88 8.09
C ILE C 80 7.24 14.07 7.15
N GLY C 81 7.36 13.57 5.92
CA GLY C 81 6.26 13.59 4.98
C GLY C 81 6.44 12.57 3.87
N ARG C 82 5.32 12.02 3.40
CA ARG C 82 5.27 11.16 2.24
C ARG C 82 4.22 11.78 1.30
N GLY C 83 4.49 11.70 0.00
CA GLY C 83 3.61 12.25 -1.02
C GLY C 83 3.61 11.40 -2.27
N ALA C 84 2.78 11.82 -3.22
CA ALA C 84 2.51 11.05 -4.44
C ALA C 84 3.75 10.55 -5.18
N PHE C 85 4.77 11.39 -5.27
CA PHE C 85 5.99 11.11 -6.05
C PHE C 85 7.28 11.06 -5.21
N GLY C 86 7.13 11.11 -3.90
CA GLY C 86 8.29 10.89 -3.04
C GLY C 86 8.04 11.13 -1.56
N GLU C 87 9.01 11.80 -0.94
CA GLU C 87 8.99 12.04 0.50
C GLU C 87 9.74 13.30 0.90
N VAL C 88 9.45 13.72 2.13
CA VAL C 88 10.09 14.87 2.76
C VAL C 88 10.85 14.39 3.96
N GLN C 89 12.12 14.78 4.01
CA GLN C 89 13.06 14.34 5.02
C GLN C 89 13.52 15.53 5.82
N LEU C 90 13.48 15.39 7.13
CA LEU C 90 14.24 16.27 7.99
C LEU C 90 15.69 15.86 7.85
N VAL C 91 16.53 16.82 7.48
CA VAL C 91 17.97 16.58 7.27
C VAL C 91 18.86 17.58 7.99
N ARG C 92 20.14 17.23 8.07
CA ARG C 92 21.17 18.14 8.56
C ARG C 92 22.33 18.08 7.59
N HIS C 93 22.76 19.26 7.14
CA HIS C 93 23.88 19.35 6.21
C HIS C 93 25.16 19.14 7.00
N LYS C 94 25.92 18.12 6.63
CA LYS C 94 27.07 17.58 7.43
C LYS C 94 28.09 18.66 7.84
N ALA C 95 28.57 19.40 6.84
CA ALA C 95 29.55 20.48 7.04
C ALA C 95 29.06 21.67 7.89
N SER C 96 28.03 22.38 7.41
CA SER C 96 27.43 23.53 8.15
C SER C 96 26.69 23.16 9.43
N GLN C 97 26.29 21.90 9.55
CA GLN C 97 25.49 21.38 10.68
C GLN C 97 24.09 21.96 10.74
N LYS C 98 23.69 22.63 9.67
CA LYS C 98 22.40 23.32 9.62
C LYS C 98 21.28 22.36 9.24
N VAL C 99 20.11 22.59 9.82
CA VAL C 99 18.96 21.73 9.62
C VAL C 99 18.01 22.28 8.56
N TYR C 100 17.54 21.38 7.71
CA TYR C 100 16.62 21.75 6.62
C TYR C 100 15.57 20.67 6.46
N ALA C 101 14.50 21.04 5.79
CA ALA C 101 13.56 20.07 5.24
C ALA C 101 13.97 19.84 3.81
N MET C 102 14.00 18.58 3.40
CA MET C 102 14.42 18.18 2.04
C MET C 102 13.34 17.36 1.37
N LYS C 103 12.85 17.86 0.25
CA LYS C 103 11.81 17.18 -0.50
C LYS C 103 12.46 16.41 -1.61
N LEU C 104 12.11 15.14 -1.72
CA LEU C 104 12.61 14.25 -2.78
C LEU C 104 11.48 13.93 -3.74
N LEU C 105 11.81 13.94 -5.02
CA LEU C 105 10.89 13.51 -6.08
C LEU C 105 11.52 12.47 -6.98
N SER C 106 10.82 11.34 -7.15
CA SER C 106 11.28 10.21 -7.97
C SER C 106 11.17 10.49 -9.45
N LYS C 107 12.31 10.46 -10.15
CA LYS C 107 12.32 10.64 -11.59
C LYS C 107 11.51 9.56 -12.30
N PHE C 108 11.82 8.31 -11.96
CA PHE C 108 11.14 7.15 -12.54
C PHE C 108 9.63 7.30 -12.47
N GLU C 109 9.13 7.61 -11.27
CA GLU C 109 7.69 7.68 -11.03
C GLU C 109 7.06 8.81 -11.83
N MET C 110 7.65 9.99 -11.76
CA MET C 110 7.21 11.17 -12.53
C MET C 110 7.11 10.88 -14.03
N ILE C 111 8.15 10.25 -14.57
CA ILE C 111 8.17 9.84 -15.98
C ILE C 111 7.07 8.80 -16.23
N LYS C 112 7.14 7.69 -15.49
CA LYS C 112 6.19 6.57 -15.60
C LYS C 112 4.74 7.06 -15.55
N ARG C 113 4.45 7.92 -14.58
CA ARG C 113 3.08 8.43 -14.38
C ARG C 113 2.84 9.78 -15.05
N SER C 114 3.32 9.90 -16.29
CA SER C 114 3.19 11.08 -17.19
C SER C 114 2.98 12.45 -16.50
N ASP C 115 3.79 12.72 -15.50
CA ASP C 115 3.68 13.94 -14.70
C ASP C 115 5.10 14.39 -14.32
N SER C 116 5.70 15.16 -15.23
CA SER C 116 7.13 15.55 -15.13
C SER C 116 7.39 17.06 -15.36
N ALA C 117 6.41 17.90 -15.06
CA ALA C 117 6.55 19.39 -15.15
C ALA C 117 6.09 20.24 -13.95
N PHE C 118 5.33 19.66 -13.02
CA PHE C 118 4.83 20.42 -11.85
C PHE C 118 5.90 21.06 -10.97
N PHE C 119 7.05 20.39 -10.88
CA PHE C 119 8.15 20.82 -9.99
C PHE C 119 8.77 22.17 -10.36
N TRP C 120 8.71 22.52 -11.63
CA TRP C 120 9.30 23.76 -12.13
C TRP C 120 8.73 24.98 -11.41
N GLU C 121 7.41 25.13 -11.44
CA GLU C 121 6.78 26.26 -10.73
C GLU C 121 6.96 26.17 -9.23
N GLU C 122 6.86 24.95 -8.70
CA GLU C 122 7.15 24.74 -7.29
C GLU C 122 8.55 25.25 -6.91
N ARG C 123 9.53 24.92 -7.73
CA ARG C 123 10.92 25.33 -7.50
C ARG C 123 11.08 26.83 -7.57
N ASP C 124 10.57 27.39 -8.65
CA ASP C 124 10.62 28.82 -8.87
C ASP C 124 9.92 29.62 -7.78
N ILE C 125 8.71 29.20 -7.41
CA ILE C 125 7.95 29.86 -6.33
C ILE C 125 8.83 29.93 -5.08
N MET C 126 9.37 28.79 -4.66
CA MET C 126 10.13 28.73 -3.41
C MET C 126 11.49 29.43 -3.51
N ALA C 127 12.10 29.38 -4.68
CA ALA C 127 13.40 30.04 -4.91
C ALA C 127 13.32 31.55 -4.92
N PHE C 128 12.26 32.07 -5.53
CA PHE C 128 12.19 33.48 -5.95
C PHE C 128 11.10 34.34 -5.35
N ALA C 129 10.13 33.72 -4.68
CA ALA C 129 8.98 34.47 -4.13
C ALA C 129 9.45 35.56 -3.21
N ASN C 130 10.49 35.23 -2.43
CA ASN C 130 11.17 36.18 -1.57
C ASN C 130 10.14 36.88 -0.70
N SER C 131 9.42 36.05 0.04
CA SER C 131 8.21 36.46 0.75
C SER C 131 8.10 35.68 2.06
N PRO C 132 7.72 36.37 3.14
CA PRO C 132 7.58 35.66 4.40
C PRO C 132 6.40 34.70 4.47
N TRP C 133 5.48 34.77 3.51
CA TRP C 133 4.40 33.79 3.37
C TRP C 133 4.75 32.52 2.57
N VAL C 134 5.96 32.45 2.03
CA VAL C 134 6.37 31.33 1.19
C VAL C 134 7.67 30.74 1.70
N VAL C 135 7.70 29.42 1.73
CA VAL C 135 8.87 28.69 2.26
C VAL C 135 10.05 28.91 1.32
N GLN C 136 11.20 29.22 1.91
CA GLN C 136 12.42 29.50 1.15
C GLN C 136 13.12 28.21 0.72
N LEU C 137 13.41 28.13 -0.57
CA LEU C 137 14.29 27.10 -1.13
C LEU C 137 15.72 27.64 -1.13
N PHE C 138 16.63 26.87 -0.54
CA PHE C 138 18.04 27.22 -0.51
C PHE C 138 18.80 26.54 -1.63
N TYR C 139 18.53 25.26 -1.83
CA TYR C 139 19.19 24.48 -2.84
C TYR C 139 18.22 23.56 -3.52
N ALA C 140 18.44 23.39 -4.81
CA ALA C 140 17.83 22.33 -5.58
C ALA C 140 18.95 21.62 -6.30
N PHE C 141 18.87 20.30 -6.31
CA PHE C 141 19.85 19.50 -7.04
C PHE C 141 19.26 18.15 -7.42
N GLN C 142 20.03 17.38 -8.19
CA GLN C 142 19.59 16.07 -8.64
C GLN C 142 20.71 15.04 -8.72
N ASP C 143 20.35 13.80 -8.47
CA ASP C 143 21.12 12.61 -8.90
C ASP C 143 20.35 11.92 -10.05
N ASP C 144 20.87 10.77 -10.51
CA ASP C 144 20.20 9.99 -11.57
C ASP C 144 18.82 9.43 -11.20
N ARG C 145 18.56 9.24 -9.91
CA ARG C 145 17.25 8.75 -9.43
C ARG C 145 16.24 9.82 -9.04
N TYR C 146 16.72 10.91 -8.43
CA TYR C 146 15.87 11.85 -7.69
C TYR C 146 16.12 13.32 -7.97
N LEU C 147 15.04 14.11 -7.85
CA LEU C 147 15.15 15.57 -7.64
C LEU C 147 15.06 15.84 -6.16
N TYR C 148 15.90 16.74 -5.68
CA TYR C 148 15.94 17.19 -4.28
C TYR C 148 15.66 18.67 -4.18
N MET C 149 14.85 19.06 -3.21
CA MET C 149 14.61 20.47 -2.89
C MET C 149 14.86 20.71 -1.41
N VAL C 150 15.89 21.48 -1.11
CA VAL C 150 16.27 21.83 0.27
C VAL C 150 15.60 23.15 0.62
N MET C 151 14.77 23.10 1.65
CA MET C 151 13.91 24.22 2.08
C MET C 151 14.11 24.50 3.54
N GLU C 152 13.64 25.65 3.97
CA GLU C 152 13.71 25.98 5.40
C GLU C 152 12.73 25.08 6.15
N TYR C 153 13.21 24.49 7.23
CA TYR C 153 12.41 23.58 8.04
C TYR C 153 11.38 24.38 8.83
N MET C 154 10.15 23.90 8.78
CA MET C 154 8.99 24.50 9.44
C MET C 154 8.58 23.66 10.63
N PRO C 155 9.19 23.96 11.79
CA PRO C 155 9.06 23.02 12.91
C PRO C 155 7.70 23.03 13.60
N GLY C 156 6.90 24.07 13.36
CA GLY C 156 5.57 24.20 13.96
C GLY C 156 4.54 23.27 13.37
N GLY C 157 4.88 22.60 12.29
CA GLY C 157 3.99 21.63 11.66
C GLY C 157 2.89 22.30 10.87
N ASP C 158 1.93 21.51 10.40
CA ASP C 158 0.85 22.03 9.56
C ASP C 158 -0.42 22.30 10.34
N LEU C 159 -1.39 22.91 9.67
CA LEU C 159 -2.64 23.31 10.32
C LEU C 159 -3.55 22.14 10.60
N VAL C 160 -3.36 21.05 9.86
CA VAL C 160 -4.11 19.80 10.13
C VAL C 160 -3.79 19.33 11.56
N ASN C 161 -2.50 19.32 11.85
CA ASN C 161 -1.98 19.06 13.18
C ASN C 161 -2.55 19.97 14.27
N LEU C 162 -2.54 21.27 14.01
CA LEU C 162 -3.05 22.27 14.95
C LEU C 162 -4.52 22.07 15.29
N MET C 163 -5.35 21.95 14.25
CA MET C 163 -6.78 21.69 14.39
C MET C 163 -7.09 20.42 15.16
N SER C 164 -6.29 19.38 14.96
CA SER C 164 -6.44 18.12 15.72
C SER C 164 -6.03 18.21 17.20
N ASN C 165 -5.16 19.14 17.54
CA ASN C 165 -4.65 19.32 18.93
C ASN C 165 -5.27 20.47 19.71
N TYR C 166 -6.06 21.29 19.03
CA TYR C 166 -6.77 22.38 19.70
C TYR C 166 -8.17 22.56 19.13
N ASP C 167 -9.13 22.77 20.02
CA ASP C 167 -10.39 23.43 19.64
C ASP C 167 -9.93 24.84 19.36
N VAL C 168 -10.19 25.29 18.14
CA VAL C 168 -9.69 26.57 17.66
C VAL C 168 -10.77 27.59 17.97
N PRO C 169 -10.48 28.58 18.82
CA PRO C 169 -11.46 29.63 19.01
C PRO C 169 -11.46 30.57 17.83
N GLU C 170 -12.49 31.39 17.75
CA GLU C 170 -12.68 32.26 16.59
C GLU C 170 -11.51 33.24 16.41
N LYS C 171 -11.03 33.82 17.50
CA LYS C 171 -9.86 34.76 17.47
C LYS C 171 -8.63 34.18 16.80
N TRP C 172 -8.36 32.92 17.09
CA TRP C 172 -7.31 32.15 16.42
C TRP C 172 -7.60 32.00 14.94
N ALA C 173 -8.78 31.46 14.64
CA ALA C 173 -9.23 31.24 13.24
C ALA C 173 -9.13 32.50 12.42
N LYS C 174 -9.50 33.61 13.04
CA LYS C 174 -9.37 34.93 12.44
C LYS C 174 -7.92 35.20 12.06
N PHE C 175 -7.00 34.95 13.00
CA PHE C 175 -5.57 35.13 12.77
C PHE C 175 -5.11 34.28 11.58
N TYR C 176 -5.34 32.99 11.68
CA TYR C 176 -4.85 32.05 10.67
C TYR C 176 -5.47 32.32 9.28
N THR C 177 -6.76 32.60 9.25
CA THR C 177 -7.45 32.92 7.99
C THR C 177 -6.85 34.16 7.34
N ALA C 178 -6.64 35.18 8.14
CA ALA C 178 -6.03 36.43 7.66
C ALA C 178 -4.63 36.19 7.08
N GLU C 179 -3.84 35.35 7.77
CA GLU C 179 -2.52 34.97 7.29
C GLU C 179 -2.62 34.20 5.98
N VAL C 180 -3.54 33.24 5.92
CA VAL C 180 -3.80 32.56 4.65
C VAL C 180 -4.21 33.56 3.54
N VAL C 181 -5.09 34.50 3.87
CA VAL C 181 -5.53 35.52 2.90
C VAL C 181 -4.33 36.28 2.30
N LEU C 182 -3.46 36.78 3.16
CA LEU C 182 -2.28 37.54 2.70
C LEU C 182 -1.30 36.68 1.90
N ALA C 183 -1.16 35.42 2.32
CA ALA C 183 -0.29 34.46 1.64
C ALA C 183 -0.78 34.21 0.23
N LEU C 184 -2.06 33.94 0.11
CA LEU C 184 -2.66 33.71 -1.20
C LEU C 184 -2.59 34.94 -2.11
N ASP C 185 -2.77 36.12 -1.52
CA ASP C 185 -2.63 37.35 -2.25
C ASP C 185 -1.23 37.49 -2.85
N ALA C 186 -0.20 37.10 -2.08
CA ALA C 186 1.18 37.10 -2.56
C ALA C 186 1.34 36.19 -3.76
N ILE C 187 0.82 34.98 -3.63
CA ILE C 187 0.87 33.97 -4.70
C ILE C 187 0.21 34.50 -5.97
N HIS C 188 -0.97 35.08 -5.77
CA HIS C 188 -1.73 35.70 -6.85
C HIS C 188 -0.96 36.86 -7.53
N SER C 189 -0.27 37.66 -6.75
CA SER C 189 0.61 38.73 -7.25
C SER C 189 1.77 38.22 -8.11
N MET C 190 2.24 37.02 -7.82
CA MET C 190 3.26 36.35 -8.67
C MET C 190 2.68 35.76 -9.96
N GLY C 191 1.39 35.94 -10.19
CA GLY C 191 0.73 35.50 -11.41
C GLY C 191 0.25 34.06 -11.38
N LEU C 192 0.10 33.54 -10.18
CA LEU C 192 -0.20 32.13 -9.95
C LEU C 192 -1.58 31.91 -9.33
N ILE C 193 -2.22 30.83 -9.75
CA ILE C 193 -3.35 30.25 -9.03
C ILE C 193 -2.86 28.99 -8.34
N HIS C 194 -3.13 28.87 -7.04
CA HIS C 194 -2.66 27.75 -6.21
C HIS C 194 -3.31 26.42 -6.58
N ARG C 195 -4.63 26.45 -6.71
CA ARG C 195 -5.50 25.27 -7.07
C ARG C 195 -5.67 24.15 -6.01
N ASP C 196 -4.97 24.26 -4.89
CA ASP C 196 -5.00 23.20 -3.85
C ASP C 196 -4.68 23.77 -2.47
N VAL C 197 -5.46 24.77 -2.09
CA VAL C 197 -5.37 25.40 -0.79
C VAL C 197 -6.06 24.48 0.22
N LYS C 198 -5.27 23.86 1.08
CA LYS C 198 -5.76 22.97 2.15
C LYS C 198 -4.81 23.11 3.32
N PRO C 199 -5.25 22.74 4.54
CA PRO C 199 -4.37 22.98 5.69
C PRO C 199 -3.13 22.10 5.72
N ASP C 200 -3.10 21.05 4.91
CA ASP C 200 -1.89 20.27 4.67
C ASP C 200 -0.78 21.12 4.09
N ASN C 201 -1.18 22.09 3.28
CA ASN C 201 -0.26 22.97 2.56
C ASN C 201 0.01 24.26 3.31
N MET C 202 -0.32 24.28 4.59
CA MET C 202 -0.13 25.42 5.45
C MET C 202 0.71 24.99 6.62
N LEU C 203 1.79 25.71 6.86
CA LEU C 203 2.82 25.29 7.78
C LEU C 203 3.21 26.42 8.71
N LEU C 204 3.57 26.07 9.94
CA LEU C 204 3.91 27.05 10.97
C LEU C 204 5.39 27.05 11.29
N ASP C 205 5.97 28.24 11.26
CA ASP C 205 7.42 28.40 11.46
C ASP C 205 7.75 28.43 12.94
N LYS C 206 9.03 28.48 13.28
CA LYS C 206 9.48 28.45 14.70
C LYS C 206 8.71 29.39 15.64
N HIS C 207 8.16 30.48 15.10
CA HIS C 207 7.34 31.45 15.84
C HIS C 207 5.82 31.33 15.71
N GLY C 208 5.37 30.24 15.10
CA GLY C 208 3.94 29.92 14.98
C GLY C 208 3.16 30.65 13.88
N HIS C 209 3.90 31.28 12.97
CA HIS C 209 3.33 32.00 11.83
C HIS C 209 3.33 31.19 10.55
N LEU C 210 2.37 31.50 9.69
CA LEU C 210 2.11 30.74 8.49
C LEU C 210 3.15 30.97 7.41
N LYS C 211 3.49 29.88 6.75
CA LYS C 211 4.05 29.91 5.40
C LYS C 211 3.40 28.82 4.57
N LEU C 212 3.23 29.08 3.29
CA LEU C 212 2.71 28.09 2.36
C LEU C 212 3.83 27.21 1.85
N ALA C 213 3.49 25.93 1.70
CA ALA C 213 4.37 24.95 1.08
C ALA C 213 3.58 24.00 0.22
N ASP C 214 4.30 23.15 -0.52
CA ASP C 214 3.72 22.28 -1.55
C ASP C 214 2.96 23.11 -2.60
N PHE C 215 3.71 23.54 -3.59
CA PHE C 215 3.18 24.31 -4.71
C PHE C 215 3.05 23.46 -5.98
N GLY C 216 2.77 22.16 -5.79
CA GLY C 216 2.72 21.19 -6.89
C GLY C 216 1.55 21.33 -7.85
N THR C 217 0.50 22.00 -7.39
CA THR C 217 -0.68 22.26 -8.25
C THR C 217 -0.68 23.65 -8.87
N CYS C 218 0.24 24.51 -8.46
CA CYS C 218 0.25 25.91 -8.91
C CYS C 218 0.41 26.02 -10.42
N MET C 219 -0.37 26.91 -11.00
CA MET C 219 -0.37 27.16 -12.44
C MET C 219 -0.19 28.66 -12.67
N LYS C 220 0.55 28.99 -13.73
CA LYS C 220 0.74 30.39 -14.13
C LYS C 220 -0.54 30.82 -14.82
N MET C 221 -1.06 31.99 -14.46
CA MET C 221 -2.26 32.52 -15.10
C MET C 221 -1.93 33.05 -16.48
N ASP C 222 -2.96 33.20 -17.30
CA ASP C 222 -2.85 33.93 -18.55
C ASP C 222 -2.60 35.41 -18.23
N GLU C 223 -2.51 36.23 -19.28
CA GLU C 223 -2.62 37.68 -19.13
C GLU C 223 -4.07 38.13 -18.72
N THR C 224 -5.08 37.28 -19.01
CA THR C 224 -6.49 37.45 -18.50
C THR C 224 -6.83 36.68 -17.19
N GLY C 225 -5.84 36.24 -16.43
CA GLY C 225 -6.08 35.69 -15.10
C GLY C 225 -6.65 34.27 -15.01
N MET C 226 -7.13 33.73 -16.12
CA MET C 226 -7.65 32.34 -16.17
C MET C 226 -6.55 31.28 -16.34
N VAL C 227 -6.94 30.01 -16.21
CA VAL C 227 -5.99 28.92 -16.36
C VAL C 227 -6.68 27.64 -16.91
N HIS C 228 -6.01 27.01 -17.89
CA HIS C 228 -6.49 25.74 -18.50
C HIS C 228 -6.00 24.53 -17.70
N CYS C 229 -6.85 23.51 -17.63
CA CYS C 229 -6.82 22.51 -16.54
C CYS C 229 -5.95 21.26 -16.73
N ASP C 230 -5.31 20.83 -15.64
CA ASP C 230 -4.66 19.52 -15.54
C ASP C 230 -5.07 18.79 -14.25
N VAL C 233 -7.92 17.45 -9.52
CA VAL C 233 -7.17 16.31 -8.99
C VAL C 233 -7.17 16.39 -7.45
N GLY C 234 -6.86 15.27 -6.79
CA GLY C 234 -6.42 15.27 -5.38
C GLY C 234 -7.49 14.97 -4.33
N THR C 235 -7.29 15.47 -3.10
CA THR C 235 -8.31 15.39 -2.05
C THR C 235 -9.41 16.43 -2.34
N PRO C 236 -10.65 15.97 -2.41
CA PRO C 236 -11.78 16.77 -2.89
C PRO C 236 -12.39 17.79 -1.93
N ASP C 237 -12.27 17.56 -0.61
CA ASP C 237 -12.93 18.41 0.43
C ASP C 237 -12.86 19.92 0.17
N TYR C 238 -11.70 20.36 -0.31
CA TYR C 238 -11.42 21.79 -0.49
C TYR C 238 -11.56 22.33 -1.92
N ILE C 239 -11.80 21.43 -2.86
CA ILE C 239 -11.95 21.81 -4.27
C ILE C 239 -13.28 22.55 -4.49
N SER C 240 -13.24 23.54 -5.37
CA SER C 240 -14.41 24.38 -5.71
C SER C 240 -15.26 23.74 -6.82
N PRO C 241 -16.56 24.10 -6.91
CA PRO C 241 -17.43 23.49 -7.92
C PRO C 241 -17.00 23.74 -9.37
N GLU C 242 -16.49 24.93 -9.65
CA GLU C 242 -16.02 25.22 -11.01
C GLU C 242 -14.89 24.26 -11.41
N VAL C 243 -13.92 24.07 -10.52
CA VAL C 243 -12.76 23.18 -10.76
C VAL C 243 -13.23 21.73 -10.89
N LEU C 244 -14.25 21.38 -10.13
CA LEU C 244 -14.87 20.05 -10.23
C LEU C 244 -15.48 19.85 -11.62
N LYS C 245 -16.41 20.74 -12.00
CA LYS C 245 -17.08 20.67 -13.33
C LYS C 245 -16.13 20.84 -14.55
N SER C 246 -15.01 21.53 -14.34
CA SER C 246 -14.02 21.77 -15.42
C SER C 246 -13.30 20.51 -15.86
N GLN C 247 -12.90 19.71 -14.89
CA GLN C 247 -12.02 18.53 -15.09
C GLN C 247 -12.62 17.41 -15.97
N GLY C 248 -13.94 17.49 -16.21
CA GLY C 248 -14.67 16.63 -17.14
C GLY C 248 -14.45 16.93 -18.62
N GLY C 249 -13.96 18.12 -18.93
CA GLY C 249 -13.63 18.48 -20.31
C GLY C 249 -13.25 19.94 -20.48
N ASP C 250 -14.07 20.67 -21.25
CA ASP C 250 -13.88 22.11 -21.43
C ASP C 250 -14.28 22.85 -20.15
N GLY C 251 -13.31 23.51 -19.54
CA GLY C 251 -13.57 24.45 -18.46
C GLY C 251 -12.33 25.17 -18.02
N PHE C 252 -12.47 26.48 -17.82
CA PHE C 252 -11.38 27.34 -17.34
C PHE C 252 -11.82 28.01 -16.04
N TYR C 253 -10.84 28.49 -15.27
CA TYR C 253 -11.10 29.11 -13.95
C TYR C 253 -9.97 30.03 -13.49
N GLY C 254 -10.29 30.85 -12.48
CA GLY C 254 -9.38 31.90 -11.99
C GLY C 254 -9.02 31.86 -10.51
N ARG C 255 -8.45 32.98 -10.06
CA ARG C 255 -7.96 33.13 -8.69
C ARG C 255 -9.05 32.95 -7.64
N GLU C 256 -10.29 33.25 -8.01
CA GLU C 256 -11.46 33.02 -7.12
C GLU C 256 -11.64 31.59 -6.61
N CYS C 257 -11.10 30.61 -7.33
CA CYS C 257 -11.20 29.20 -6.88
C CYS C 257 -10.38 28.90 -5.61
N ASP C 258 -9.31 29.66 -5.41
CA ASP C 258 -8.57 29.59 -4.16
C ASP C 258 -9.37 30.16 -2.99
N TRP C 259 -10.08 31.24 -3.24
CA TRP C 259 -10.89 31.86 -2.21
C TRP C 259 -12.02 30.96 -1.72
N TRP C 260 -12.56 30.12 -2.61
CA TRP C 260 -13.47 29.05 -2.20
C TRP C 260 -12.85 28.24 -1.05
N SER C 261 -11.66 27.75 -1.32
CA SER C 261 -10.91 26.91 -0.36
C SER C 261 -10.66 27.55 0.99
N VAL C 262 -10.51 28.86 1.02
CA VAL C 262 -10.37 29.61 2.29
C VAL C 262 -11.67 29.55 3.07
N GLY C 263 -12.78 29.69 2.36
CA GLY C 263 -14.12 29.47 2.91
C GLY C 263 -14.20 28.13 3.63
N VAL C 264 -13.83 27.08 2.91
CA VAL C 264 -13.79 25.71 3.47
C VAL C 264 -12.91 25.65 4.73
N PHE C 265 -11.75 26.28 4.64
CA PHE C 265 -10.75 26.25 5.72
C PHE C 265 -11.30 26.88 6.99
N LEU C 266 -11.87 28.06 6.83
CA LEU C 266 -12.47 28.78 7.95
C LEU C 266 -13.61 27.99 8.59
N TYR C 267 -14.42 27.34 7.76
CA TYR C 267 -15.44 26.45 8.25
C TYR C 267 -14.77 25.36 9.07
N GLU C 268 -13.77 24.68 8.49
CA GLU C 268 -13.15 23.53 9.19
C GLU C 268 -12.59 23.92 10.54
N MET C 269 -11.98 25.08 10.59
CA MET C 269 -11.42 25.58 11.85
C MET C 269 -12.49 25.80 12.90
N LEU C 270 -13.51 26.54 12.52
CA LEU C 270 -14.57 26.95 13.46
C LEU C 270 -15.52 25.80 13.86
N VAL C 271 -15.91 24.99 12.89
CA VAL C 271 -16.89 23.92 13.08
C VAL C 271 -16.23 22.63 13.49
N GLY C 272 -15.07 22.34 12.93
CA GLY C 272 -14.30 21.13 13.28
C GLY C 272 -14.48 19.92 12.36
N ASP C 273 -15.46 19.99 11.49
CA ASP C 273 -15.58 19.08 10.37
C ASP C 273 -15.62 19.92 9.10
N THR C 274 -15.40 19.25 7.97
CA THR C 274 -15.43 19.89 6.66
C THR C 274 -16.88 20.15 6.23
N PRO C 275 -17.17 21.30 5.57
CA PRO C 275 -18.57 21.65 5.21
C PRO C 275 -19.29 20.63 4.36
N PHE C 276 -18.56 20.00 3.45
CA PHE C 276 -19.13 19.01 2.52
C PHE C 276 -18.60 17.60 2.75
N TYR C 277 -18.26 17.31 4.01
CA TYR C 277 -17.80 15.97 4.41
C TYR C 277 -18.79 14.88 4.00
N ALA C 278 -18.27 13.83 3.43
CA ALA C 278 -18.98 12.55 3.29
C ALA C 278 -17.99 11.41 3.46
N ASP C 279 -18.53 10.22 3.68
CA ASP C 279 -17.71 9.02 3.95
C ASP C 279 -16.93 8.62 2.72
N SER C 280 -17.64 8.61 1.59
CA SER C 280 -17.02 8.45 0.26
C SER C 280 -16.56 9.80 -0.33
N LEU C 281 -15.68 9.74 -1.33
CA LEU C 281 -15.29 10.92 -2.14
C LEU C 281 -16.47 11.39 -3.03
N VAL C 282 -17.11 10.44 -3.73
CA VAL C 282 -18.27 10.75 -4.60
C VAL C 282 -19.34 11.56 -3.86
N GLY C 283 -19.56 11.20 -2.61
CA GLY C 283 -20.55 11.87 -1.76
C GLY C 283 -20.19 13.31 -1.54
N THR C 284 -18.91 13.53 -1.29
CA THR C 284 -18.34 14.88 -1.15
C THR C 284 -18.49 15.73 -2.43
N TYR C 285 -18.07 15.17 -3.56
CA TYR C 285 -18.23 15.88 -4.86
C TYR C 285 -19.69 16.30 -5.02
N SER C 286 -20.57 15.31 -4.85
CA SER C 286 -22.02 15.52 -4.95
C SER C 286 -22.52 16.68 -4.05
N LYS C 287 -22.05 16.69 -2.80
CA LYS C 287 -22.37 17.78 -1.83
C LYS C 287 -21.82 19.13 -2.28
N ILE C 288 -20.57 19.16 -2.69
CA ILE C 288 -19.93 20.42 -3.16
C ILE C 288 -20.69 21.02 -4.32
N MET C 289 -20.98 20.16 -5.31
CA MET C 289 -21.79 20.56 -6.48
C MET C 289 -23.15 21.14 -6.06
N ASP C 290 -23.76 20.52 -5.05
CA ASP C 290 -25.04 20.96 -4.46
C ASP C 290 -24.89 21.95 -3.25
N HIS C 291 -23.84 22.76 -3.26
CA HIS C 291 -23.52 23.64 -2.12
C HIS C 291 -24.64 24.62 -1.70
N LYS C 292 -25.42 25.12 -2.66
CA LYS C 292 -26.55 26.02 -2.35
C LYS C 292 -27.47 25.42 -1.27
N ASN C 293 -27.69 24.11 -1.38
CA ASN C 293 -28.53 23.35 -0.43
C ASN C 293 -27.74 22.62 0.67
N SER C 294 -26.58 22.08 0.32
CA SER C 294 -25.82 21.17 1.22
C SER C 294 -25.06 21.85 2.38
N LEU C 295 -24.69 23.11 2.21
CA LEU C 295 -23.97 23.88 3.25
C LEU C 295 -24.90 24.18 4.41
N CYS C 296 -24.68 23.51 5.53
CA CYS C 296 -25.49 23.72 6.72
C CYS C 296 -24.59 23.87 7.96
N PHE C 297 -24.69 25.01 8.65
CA PHE C 297 -23.98 25.21 9.92
C PHE C 297 -24.67 24.40 10.99
N PRO C 298 -23.96 23.45 11.62
CA PRO C 298 -24.65 22.67 12.65
C PRO C 298 -25.12 23.54 13.82
N GLU C 299 -26.26 23.18 14.39
CA GLU C 299 -26.89 23.98 15.45
C GLU C 299 -26.08 24.06 16.76
N ASP C 300 -25.22 23.07 17.00
CA ASP C 300 -24.29 23.07 18.16
C ASP C 300 -22.93 23.76 17.92
N ALA C 301 -22.70 24.29 16.72
CA ALA C 301 -21.44 24.99 16.37
C ALA C 301 -21.32 26.41 16.94
N GLU C 302 -20.24 26.65 17.69
CA GLU C 302 -19.91 28.00 18.19
C GLU C 302 -19.30 28.84 17.05
N ILE C 303 -20.12 29.67 16.43
CA ILE C 303 -19.67 30.53 15.33
C ILE C 303 -20.50 31.81 15.25
N SER C 304 -19.82 32.94 15.02
CA SER C 304 -20.48 34.24 14.95
C SER C 304 -21.21 34.45 13.63
N LYS C 305 -22.02 35.52 13.58
CA LYS C 305 -22.77 35.90 12.39
C LYS C 305 -21.77 36.35 11.32
N HIS C 306 -20.86 37.22 11.73
CA HIS C 306 -19.77 37.67 10.84
C HIS C 306 -19.00 36.52 10.23
N ALA C 307 -18.66 35.54 11.05
CA ALA C 307 -17.93 34.37 10.57
C ALA C 307 -18.73 33.61 9.53
N LYS C 308 -19.99 33.35 9.86
CA LYS C 308 -20.94 32.68 8.95
C LYS C 308 -21.10 33.44 7.63
N ASN C 309 -21.14 34.77 7.75
CA ASN C 309 -21.27 35.66 6.61
C ASN C 309 -20.09 35.47 5.65
N LEU C 310 -18.89 35.57 6.19
CA LEU C 310 -17.66 35.43 5.40
C LEU C 310 -17.61 34.09 4.69
N ILE C 311 -17.83 33.02 5.45
CA ILE C 311 -17.82 31.66 4.89
C ILE C 311 -18.77 31.58 3.70
N CYS C 312 -19.99 32.03 3.91
CA CYS C 312 -21.01 32.05 2.87
C CYS C 312 -20.61 32.90 1.68
N ALA C 313 -19.96 34.04 1.96
CA ALA C 313 -19.40 34.91 0.91
C ALA C 313 -18.38 34.21 0.03
N PHE C 314 -17.58 33.32 0.62
CA PHE C 314 -16.63 32.46 -0.11
C PHE C 314 -17.27 31.24 -0.79
N LEU C 315 -18.26 30.63 -0.14
CA LEU C 315 -18.87 29.38 -0.63
C LEU C 315 -20.09 29.61 -1.52
N THR C 316 -19.90 30.45 -2.52
CA THR C 316 -20.89 30.70 -3.57
C THR C 316 -20.38 30.23 -4.93
N ASP C 317 -21.25 30.34 -5.92
CA ASP C 317 -20.88 30.19 -7.33
C ASP C 317 -19.78 31.20 -7.66
N ARG C 318 -18.87 30.77 -8.55
CA ARG C 318 -17.68 31.56 -8.95
C ARG C 318 -18.00 33.01 -9.30
N GLU C 319 -19.13 33.19 -9.99
CA GLU C 319 -19.53 34.48 -10.59
C GLU C 319 -19.70 35.60 -9.56
N VAL C 320 -20.26 35.25 -8.40
CA VAL C 320 -20.56 36.25 -7.36
C VAL C 320 -19.65 36.13 -6.11
N ARG C 321 -18.59 35.32 -6.21
CA ARG C 321 -17.75 34.98 -5.04
C ARG C 321 -16.85 36.11 -4.52
N LEU C 322 -16.69 36.17 -3.21
CA LEU C 322 -15.82 37.19 -2.56
C LEU C 322 -14.40 36.95 -3.00
N GLY C 323 -13.69 38.02 -3.34
CA GLY C 323 -12.36 37.93 -3.94
C GLY C 323 -12.34 37.78 -5.47
N ARG C 324 -13.50 37.97 -6.11
CA ARG C 324 -13.56 38.16 -7.56
C ARG C 324 -13.01 39.55 -7.92
N ASN C 325 -13.38 40.55 -7.13
CA ASN C 325 -12.87 41.94 -7.28
C ASN C 325 -11.57 42.23 -6.50
N GLY C 326 -10.73 41.21 -6.35
CA GLY C 326 -9.51 41.34 -5.54
C GLY C 326 -9.72 41.27 -4.04
N VAL C 327 -8.60 41.40 -3.33
CA VAL C 327 -8.49 41.09 -1.91
C VAL C 327 -9.08 42.15 -0.97
N GLU C 328 -9.18 43.40 -1.43
CA GLU C 328 -9.57 44.52 -0.54
C GLU C 328 -10.92 44.25 0.16
N GLU C 329 -11.89 43.81 -0.61
CA GLU C 329 -13.21 43.44 -0.07
C GLU C 329 -13.15 42.32 0.98
N ILE C 330 -12.23 41.37 0.81
CA ILE C 330 -11.93 40.36 1.84
C ILE C 330 -11.35 41.03 3.10
N ARG C 331 -10.28 41.78 2.91
CA ARG C 331 -9.62 42.48 4.02
C ARG C 331 -10.61 43.37 4.79
N GLN C 332 -11.53 44.02 4.08
CA GLN C 332 -12.51 44.96 4.68
C GLN C 332 -13.70 44.31 5.38
N HIS C 333 -13.81 42.99 5.27
CA HIS C 333 -14.91 42.24 5.89
C HIS C 333 -14.84 42.33 7.42
N PRO C 334 -15.99 42.54 8.10
CA PRO C 334 -16.02 42.82 9.54
C PRO C 334 -15.64 41.68 10.50
N PHE C 335 -15.78 40.45 10.06
CA PHE C 335 -15.17 39.29 10.73
C PHE C 335 -13.71 39.52 11.13
N PHE C 336 -12.94 40.15 10.24
CA PHE C 336 -11.51 40.45 10.51
C PHE C 336 -11.21 41.57 11.48
N LYS C 337 -12.23 42.33 11.90
CA LYS C 337 -12.03 43.40 12.89
C LYS C 337 -11.57 42.80 14.22
N ASN C 338 -10.54 43.38 14.83
CA ASN C 338 -9.97 42.86 16.08
C ASN C 338 -9.04 43.82 16.82
N ASP C 339 -8.79 43.49 18.09
CA ASP C 339 -7.93 44.30 18.99
C ASP C 339 -6.43 44.03 18.90
N GLN C 340 -6.05 42.96 18.21
CA GLN C 340 -4.69 42.38 18.30
C GLN C 340 -3.71 42.73 17.16
N TRP C 341 -4.21 42.75 15.93
CA TRP C 341 -3.36 42.98 14.75
C TRP C 341 -4.05 43.78 13.66
N HIS C 342 -3.22 44.38 12.80
CA HIS C 342 -3.64 44.97 11.52
C HIS C 342 -3.05 44.13 10.37
N TRP C 343 -3.49 44.40 9.15
CA TRP C 343 -3.05 43.63 7.98
C TRP C 343 -1.58 43.88 7.65
N ASP C 344 -1.14 45.12 7.85
CA ASP C 344 0.25 45.51 7.53
C ASP C 344 1.30 44.98 8.52
N ASN C 345 0.86 44.50 9.69
CA ASN C 345 1.76 44.00 10.76
C ASN C 345 1.45 42.60 11.36
N ILE C 346 0.42 41.92 10.86
CA ILE C 346 -0.11 40.69 11.49
C ILE C 346 0.99 39.70 11.80
N ARG C 347 1.87 39.50 10.82
CA ARG C 347 2.94 38.47 10.89
C ARG C 347 4.04 38.81 11.89
N GLU C 348 4.18 40.11 12.17
CA GLU C 348 5.10 40.62 13.19
C GLU C 348 4.48 40.65 14.61
N THR C 349 3.20 40.28 14.74
CA THR C 349 2.51 40.16 16.04
C THR C 349 2.62 38.74 16.61
N ALA C 350 2.31 38.60 17.90
CA ALA C 350 2.42 37.31 18.62
C ALA C 350 1.42 36.29 18.13
N ALA C 351 1.92 35.14 17.72
CA ALA C 351 1.08 34.09 17.18
C ALA C 351 0.30 33.44 18.31
N PRO C 352 -0.91 32.91 18.01
CA PRO C 352 -1.68 32.18 19.02
C PRO C 352 -0.91 31.05 19.71
N VAL C 353 -0.19 30.28 18.91
CA VAL C 353 0.55 29.11 19.36
C VAL C 353 2.00 29.18 18.86
N VAL C 354 2.91 29.53 19.76
CA VAL C 354 4.34 29.45 19.50
C VAL C 354 4.80 28.04 19.85
N PRO C 355 5.42 27.29 18.90
CA PRO C 355 5.84 25.93 19.24
C PRO C 355 6.97 25.89 20.28
N GLU C 356 6.81 25.04 21.30
CA GLU C 356 7.82 24.76 22.32
C GLU C 356 8.62 23.59 21.76
N LEU C 357 9.84 23.86 21.35
CA LEU C 357 10.69 22.87 20.67
C LEU C 357 11.95 22.58 21.49
N SER C 358 12.27 21.30 21.64
CA SER C 358 13.36 20.85 22.54
C SER C 358 14.74 20.88 21.89
N SER C 359 14.76 20.84 20.56
CA SER C 359 16.01 20.86 19.79
C SER C 359 15.79 21.26 18.34
N ASP C 360 16.89 21.50 17.64
CA ASP C 360 16.82 21.88 16.21
C ASP C 360 16.32 20.79 15.27
N ILE C 361 16.33 19.55 15.75
CA ILE C 361 15.72 18.40 15.03
C ILE C 361 14.40 17.87 15.65
N ASP C 362 13.75 18.71 16.45
CA ASP C 362 12.48 18.37 17.04
C ASP C 362 11.40 18.32 15.96
N SER C 363 10.85 17.13 15.76
CA SER C 363 9.79 16.89 14.76
C SER C 363 8.45 16.47 15.36
N SER C 364 8.21 16.90 16.59
CA SER C 364 7.06 16.41 17.38
C SER C 364 5.72 16.84 16.81
N ASN C 365 5.70 17.98 16.11
CA ASN C 365 4.50 18.43 15.40
C ASN C 365 4.28 17.76 14.04
N PHE C 366 5.11 16.76 13.72
CA PHE C 366 4.91 15.93 12.52
C PHE C 366 4.63 14.47 12.87
N ASP C 367 3.55 13.95 12.31
CA ASP C 367 3.13 12.57 12.57
C ASP C 367 4.17 11.59 12.05
N ASP C 368 4.23 10.42 12.67
CA ASP C 368 5.13 9.36 12.22
C ASP C 368 4.67 8.82 10.87
N ILE C 369 5.61 8.17 10.19
CA ILE C 369 5.42 7.74 8.80
C ILE C 369 5.99 6.32 8.63
N ASP C 375 14.98 1.05 -2.15
CA ASP C 375 13.58 0.55 -2.21
C ASP C 375 12.89 0.71 -3.57
N VAL C 376 13.10 1.87 -4.22
CA VAL C 376 12.37 2.19 -5.45
C VAL C 376 12.85 1.42 -6.69
N GLU C 377 11.92 1.26 -7.64
CA GLU C 377 12.23 0.76 -9.01
C GLU C 377 12.83 1.88 -9.88
N THR C 378 13.94 1.56 -10.52
CA THR C 378 14.69 2.49 -11.38
C THR C 378 14.39 2.29 -12.86
N PHE C 379 14.92 3.18 -13.67
CA PHE C 379 14.86 3.05 -15.14
C PHE C 379 15.61 1.79 -15.58
N PRO C 380 15.03 1.01 -16.53
CA PRO C 380 15.79 -0.13 -17.04
C PRO C 380 16.95 0.32 -17.89
N ILE C 381 17.97 -0.53 -17.98
CA ILE C 381 19.11 -0.28 -18.88
C ILE C 381 18.55 -0.24 -20.30
N PRO C 382 18.64 0.93 -20.97
CA PRO C 382 18.02 1.07 -22.27
C PRO C 382 18.87 0.45 -23.38
N LYS C 383 18.20 -0.01 -24.42
CA LYS C 383 18.89 -0.60 -25.57
C LYS C 383 19.29 0.48 -26.60
N ALA C 384 18.54 1.59 -26.63
CA ALA C 384 18.94 2.80 -27.39
C ALA C 384 18.73 4.06 -26.57
N PHE C 385 19.18 5.20 -27.11
CA PHE C 385 19.00 6.52 -26.43
C PHE C 385 17.52 6.74 -26.15
N VAL C 386 17.20 7.08 -24.91
CA VAL C 386 15.79 7.37 -24.51
C VAL C 386 15.55 8.70 -23.75
N GLY C 387 16.62 9.28 -23.20
CA GLY C 387 16.57 10.64 -22.66
C GLY C 387 15.76 10.83 -21.40
N ASN C 388 15.87 9.87 -20.49
CA ASN C 388 15.16 9.94 -19.19
C ASN C 388 15.59 11.10 -18.28
N GLN C 389 16.78 11.62 -18.49
CA GLN C 389 17.28 12.79 -17.75
C GLN C 389 16.97 14.14 -18.39
N LEU C 390 16.52 14.13 -19.64
CA LEU C 390 16.25 15.36 -20.38
C LEU C 390 15.20 16.25 -19.73
N PRO C 391 14.14 15.65 -19.15
CA PRO C 391 13.08 16.45 -18.51
C PRO C 391 13.46 17.29 -17.29
N PHE C 392 14.62 16.99 -16.72
CA PHE C 392 15.11 17.61 -15.50
C PHE C 392 16.33 18.50 -15.68
N ILE C 393 16.70 18.76 -16.93
CA ILE C 393 17.76 19.70 -17.22
C ILE C 393 17.24 21.08 -16.88
N GLY C 394 17.97 21.78 -16.03
CA GLY C 394 17.58 23.09 -15.55
C GLY C 394 17.17 23.13 -14.10
N PHE C 395 16.94 21.97 -13.49
CA PHE C 395 16.44 21.92 -12.11
C PHE C 395 17.41 22.42 -11.06
N THR C 396 18.69 22.23 -11.30
CA THR C 396 19.66 22.56 -10.27
C THR C 396 19.66 24.06 -10.00
N TYR C 397 19.62 24.41 -8.72
CA TYR C 397 19.65 25.81 -8.28
C TYR C 397 20.45 25.91 -6.98
N TYR C 398 21.45 26.79 -6.97
CA TYR C 398 22.25 27.09 -5.76
C TYR C 398 21.99 28.56 -5.39
N ARG C 399 21.35 28.79 -4.25
CA ARG C 399 21.11 30.15 -3.74
C ARG C 399 22.43 30.74 -3.27
N ALA D 6 -16.44 -35.56 6.55
CA ALA D 6 -16.79 -36.95 6.10
C ALA D 6 -17.40 -37.77 7.28
N SER D 7 -16.70 -38.79 7.77
CA SER D 7 -17.06 -39.43 9.05
C SER D 7 -17.04 -38.43 10.23
N ARG D 8 -16.19 -37.40 10.13
CA ARG D 8 -16.16 -36.29 11.11
C ARG D 8 -17.49 -35.57 11.30
N GLN D 9 -18.19 -35.31 10.20
CA GLN D 9 -19.51 -34.66 10.29
C GLN D 9 -20.54 -35.61 10.92
N ARG D 10 -20.39 -36.91 10.66
CA ARG D 10 -21.18 -37.95 11.36
C ARG D 10 -20.84 -38.07 12.86
N LYS D 11 -19.56 -38.00 13.18
CA LYS D 11 -19.08 -38.04 14.59
C LYS D 11 -19.66 -36.88 15.41
N LEU D 12 -19.50 -35.67 14.85
CA LEU D 12 -20.00 -34.44 15.45
C LEU D 12 -21.53 -34.46 15.61
N GLU D 13 -22.22 -34.89 14.58
CA GLU D 13 -23.69 -35.04 14.63
C GLU D 13 -24.10 -35.99 15.78
N ALA D 14 -23.35 -37.07 15.93
CA ALA D 14 -23.60 -38.07 16.99
C ALA D 14 -23.44 -37.54 18.41
N LEU D 15 -22.45 -36.67 18.60
CA LEU D 15 -22.28 -35.94 19.88
C LEU D 15 -23.53 -35.10 20.21
N ILE D 16 -23.98 -34.34 19.22
CA ILE D 16 -25.14 -33.46 19.36
C ILE D 16 -26.45 -34.25 19.56
N ARG D 17 -26.56 -35.43 18.96
CA ARG D 17 -27.75 -36.28 19.14
C ARG D 17 -27.88 -36.78 20.61
N ASP D 18 -26.75 -37.14 21.19
CA ASP D 18 -26.68 -37.79 22.51
C ASP D 18 -27.26 -36.93 23.65
N PRO D 19 -28.27 -37.42 24.41
CA PRO D 19 -28.86 -36.60 25.50
C PRO D 19 -27.96 -36.38 26.71
N ARG D 20 -26.91 -37.17 26.83
CA ARG D 20 -25.89 -36.96 27.87
C ARG D 20 -24.80 -35.94 27.48
N SER D 21 -24.81 -35.47 26.24
CA SER D 21 -23.74 -34.58 25.75
C SER D 21 -23.90 -33.11 26.23
N PRO D 22 -22.78 -32.47 26.59
CA PRO D 22 -22.83 -31.03 26.91
C PRO D 22 -23.14 -30.13 25.70
N ILE D 23 -23.07 -30.69 24.51
CA ILE D 23 -23.40 -29.95 23.28
C ILE D 23 -24.64 -30.48 22.54
N ASN D 24 -25.54 -31.16 23.25
CA ASN D 24 -26.86 -31.44 22.67
C ASN D 24 -27.62 -30.15 22.34
N VAL D 25 -28.66 -30.28 21.55
CA VAL D 25 -29.46 -29.12 21.10
C VAL D 25 -29.95 -28.26 22.27
N GLU D 26 -30.46 -28.89 23.32
CA GLU D 26 -31.03 -28.14 24.46
C GLU D 26 -29.94 -27.33 25.14
N SER D 27 -28.76 -27.91 25.29
CA SER D 27 -27.60 -27.22 25.85
C SER D 27 -27.15 -26.07 24.97
N LEU D 28 -27.07 -26.32 23.68
CA LEU D 28 -26.67 -25.27 22.75
C LEU D 28 -27.63 -24.07 22.80
N LEU D 29 -28.93 -24.36 22.90
CA LEU D 29 -29.95 -23.31 23.14
C LEU D 29 -29.78 -22.58 24.47
N ASP D 30 -29.51 -23.33 25.54
CA ASP D 30 -29.18 -22.71 26.83
C ASP D 30 -28.03 -21.73 26.66
N GLY D 31 -26.99 -22.18 25.97
CA GLY D 31 -25.88 -21.33 25.56
C GLY D 31 -26.31 -19.98 24.99
N LEU D 32 -27.24 -20.03 24.03
CA LEU D 32 -27.75 -18.82 23.38
C LEU D 32 -28.56 -17.98 24.33
N ASN D 33 -29.60 -18.57 24.90
CA ASN D 33 -30.44 -17.85 25.88
C ASN D 33 -29.61 -17.16 26.96
N SER D 34 -28.66 -17.90 27.51
CA SER D 34 -27.80 -17.40 28.59
C SER D 34 -26.99 -16.20 28.13
N LEU D 35 -26.40 -16.32 26.96
CA LEU D 35 -25.63 -15.22 26.37
C LEU D 35 -26.47 -13.95 26.19
N VAL D 36 -27.68 -14.11 25.71
CA VAL D 36 -28.61 -12.99 25.57
C VAL D 36 -29.01 -12.39 26.92
N LEU D 37 -29.36 -13.25 27.87
CA LEU D 37 -29.66 -12.82 29.25
C LEU D 37 -28.50 -12.08 29.93
N ASP D 38 -27.28 -12.54 29.67
CA ASP D 38 -26.07 -11.98 30.29
C ASP D 38 -25.65 -10.66 29.67
N LEU D 39 -25.91 -10.49 28.38
CA LEU D 39 -25.54 -9.27 27.61
C LEU D 39 -26.61 -8.17 27.54
N ASP D 40 -27.89 -8.52 27.65
CA ASP D 40 -29.02 -7.58 27.44
C ASP D 40 -29.26 -6.66 28.64
N PHE D 41 -28.37 -5.68 28.76
CA PHE D 41 -28.44 -4.63 29.77
C PHE D 41 -27.96 -3.32 29.14
N PRO D 42 -28.63 -2.18 29.42
CA PRO D 42 -28.32 -0.91 28.74
C PRO D 42 -26.82 -0.54 28.67
N ALA D 43 -26.11 -0.72 29.79
CA ALA D 43 -24.70 -0.36 29.90
C ALA D 43 -23.82 -1.14 28.91
N LEU D 44 -24.12 -2.44 28.80
CA LEU D 44 -23.37 -3.34 27.92
C LEU D 44 -23.61 -3.03 26.43
N ARG D 45 -24.82 -2.56 26.11
CA ARG D 45 -25.18 -2.27 24.71
C ARG D 45 -24.49 -1.03 24.12
N LYS D 46 -23.78 -0.28 24.96
CA LYS D 46 -22.86 0.77 24.48
C LYS D 46 -21.71 0.17 23.67
N ASN D 47 -21.43 -1.11 23.88
CA ASN D 47 -20.53 -1.90 23.02
C ASN D 47 -21.31 -2.31 21.76
N LYS D 48 -20.83 -1.87 20.59
CA LYS D 48 -21.53 -2.11 19.31
C LYS D 48 -21.61 -3.59 18.91
N ASN D 49 -20.57 -4.37 19.22
CA ASN D 49 -20.63 -5.84 18.99
C ASN D 49 -21.83 -6.45 19.68
N ILE D 50 -21.99 -6.08 20.94
CA ILE D 50 -23.04 -6.58 21.80
C ILE D 50 -24.41 -6.10 21.30
N ASP D 51 -24.51 -4.82 21.00
CA ASP D 51 -25.81 -4.24 20.60
C ASP D 51 -26.35 -4.87 19.33
N ASN D 52 -25.49 -4.91 18.32
CA ASN D 52 -25.85 -5.50 17.03
C ASN D 52 -26.13 -7.01 17.08
N PHE D 53 -25.37 -7.73 17.89
CA PHE D 53 -25.65 -9.15 18.16
C PHE D 53 -27.06 -9.34 18.72
N LEU D 54 -27.38 -8.56 19.73
CA LEU D 54 -28.70 -8.62 20.37
C LEU D 54 -29.86 -8.28 19.42
N ASN D 55 -29.67 -7.23 18.64
CA ASN D 55 -30.62 -6.85 17.59
C ASN D 55 -30.87 -7.97 16.60
N ARG D 56 -29.80 -8.57 16.12
CA ARG D 56 -29.90 -9.75 15.22
C ARG D 56 -30.69 -10.89 15.85
N TYR D 57 -30.43 -11.16 17.12
CA TYR D 57 -31.03 -12.31 17.83
C TYR D 57 -32.21 -11.97 18.74
N GLU D 58 -32.76 -10.76 18.63
CA GLU D 58 -33.91 -10.34 19.46
C GLU D 58 -35.19 -11.14 19.13
N LYS D 59 -35.56 -11.13 17.86
CA LYS D 59 -36.78 -11.82 17.39
C LYS D 59 -36.77 -13.33 17.68
N ILE D 60 -35.72 -13.99 17.20
CA ILE D 60 -35.62 -15.46 17.30
C ILE D 60 -35.59 -15.97 18.75
N VAL D 61 -34.99 -15.20 19.65
CA VAL D 61 -34.93 -15.56 21.09
C VAL D 61 -36.26 -15.33 21.79
N LYS D 62 -37.04 -14.35 21.35
CA LYS D 62 -38.44 -14.25 21.80
C LYS D 62 -39.18 -15.53 21.41
N LYS D 63 -39.17 -15.83 20.12
CA LYS D 63 -39.83 -17.04 19.56
C LYS D 63 -39.51 -18.31 20.40
N ILE D 64 -38.22 -18.52 20.63
CA ILE D 64 -37.72 -19.66 21.41
C ILE D 64 -38.25 -19.69 22.86
N ARG D 65 -38.23 -18.55 23.51
CA ARG D 65 -38.71 -18.46 24.90
C ARG D 65 -40.17 -18.87 25.00
N GLY D 66 -40.96 -18.46 24.00
CA GLY D 66 -42.37 -18.83 23.91
C GLY D 66 -42.62 -20.31 23.68
N LEU D 67 -41.86 -20.90 22.76
CA LEU D 67 -41.97 -22.32 22.45
C LEU D 67 -41.48 -23.22 23.57
N GLN D 68 -40.38 -22.84 24.19
CA GLN D 68 -39.74 -23.66 25.22
C GLN D 68 -40.57 -23.71 26.49
N MET D 69 -40.41 -24.81 27.21
CA MET D 69 -41.13 -25.04 28.46
C MET D 69 -40.75 -23.96 29.47
N LYS D 70 -41.72 -23.57 30.28
CA LYS D 70 -41.58 -22.49 31.24
C LYS D 70 -42.53 -22.65 32.43
N ALA D 71 -42.21 -21.99 33.54
CA ALA D 71 -43.03 -22.05 34.80
C ALA D 71 -44.50 -21.70 34.57
N GLU D 72 -44.73 -20.75 33.67
CA GLU D 72 -46.10 -20.35 33.28
C GLU D 72 -46.93 -21.53 32.72
N ASP D 73 -46.25 -22.54 32.17
CA ASP D 73 -46.94 -23.74 31.65
C ASP D 73 -47.60 -24.61 32.73
N TYR D 74 -47.23 -24.36 34.00
CA TYR D 74 -47.75 -25.07 35.18
C TYR D 74 -48.53 -24.15 36.13
N ASP D 75 -49.59 -24.69 36.72
CA ASP D 75 -50.37 -24.05 37.81
C ASP D 75 -49.90 -24.60 39.16
N VAL D 76 -49.52 -23.70 40.06
CA VAL D 76 -49.04 -24.08 41.37
C VAL D 76 -50.25 -24.33 42.26
N VAL D 77 -50.33 -25.55 42.78
CA VAL D 77 -51.43 -25.98 43.67
C VAL D 77 -51.08 -25.76 45.15
N LYS D 78 -49.89 -26.20 45.55
CA LYS D 78 -49.42 -26.06 46.94
C LYS D 78 -47.88 -26.15 47.02
N VAL D 79 -47.29 -25.46 47.99
CA VAL D 79 -45.87 -25.67 48.36
C VAL D 79 -45.84 -26.83 49.33
N ILE D 80 -45.16 -27.91 48.95
CA ILE D 80 -45.08 -29.13 49.76
C ILE D 80 -43.71 -29.36 50.40
N GLY D 81 -42.75 -28.53 50.05
CA GLY D 81 -41.42 -28.59 50.63
C GLY D 81 -40.69 -27.28 50.50
N ARG D 82 -39.85 -27.00 51.49
CA ARG D 82 -38.90 -25.90 51.43
C ARG D 82 -37.53 -26.53 51.68
N GLY D 83 -36.51 -25.97 51.03
CA GLY D 83 -35.13 -26.42 51.21
C GLY D 83 -34.12 -25.28 51.16
N ALA D 84 -32.86 -25.62 51.37
CA ALA D 84 -31.77 -24.64 51.50
C ALA D 84 -31.74 -23.58 50.42
N PHE D 85 -31.95 -23.99 49.17
CA PHE D 85 -31.85 -23.11 47.97
C PHE D 85 -33.16 -22.92 47.19
N GLY D 86 -34.26 -23.43 47.72
CA GLY D 86 -35.58 -23.13 47.15
C GLY D 86 -36.74 -23.89 47.77
N GLU D 87 -37.65 -24.36 46.92
CA GLU D 87 -38.88 -24.99 47.36
C GLU D 87 -39.38 -26.02 46.37
N VAL D 88 -40.25 -26.87 46.87
CA VAL D 88 -40.92 -27.90 46.10
C VAL D 88 -42.39 -27.58 46.06
N GLN D 89 -42.93 -27.58 44.86
CA GLN D 89 -44.30 -27.22 44.58
C GLN D 89 -45.03 -28.40 44.01
N LEU D 90 -46.20 -28.68 44.54
CA LEU D 90 -47.16 -29.52 43.85
C LEU D 90 -47.75 -28.68 42.73
N VAL D 91 -47.63 -29.17 41.50
CA VAL D 91 -48.10 -28.44 40.31
C VAL D 91 -48.98 -29.29 39.40
N ARG D 92 -49.67 -28.62 38.50
CA ARG D 92 -50.42 -29.27 37.42
C ARG D 92 -50.08 -28.57 36.12
N HIS D 93 -49.66 -29.35 35.12
CA HIS D 93 -49.33 -28.79 33.80
C HIS D 93 -50.64 -28.44 33.08
N LYS D 94 -50.79 -27.18 32.71
CA LYS D 94 -52.09 -26.60 32.26
C LYS D 94 -52.74 -27.35 31.09
N ALA D 95 -51.98 -27.57 30.04
CA ALA D 95 -52.44 -28.31 28.82
C ALA D 95 -52.79 -29.77 29.05
N SER D 96 -51.81 -30.58 29.47
CA SER D 96 -52.02 -32.02 29.77
C SER D 96 -52.90 -32.30 30.98
N GLN D 97 -53.01 -31.34 31.88
CA GLN D 97 -53.71 -31.48 33.17
C GLN D 97 -53.03 -32.47 34.14
N LYS D 98 -51.79 -32.85 33.84
CA LYS D 98 -51.07 -33.87 34.62
C LYS D 98 -50.39 -33.24 35.81
N VAL D 99 -50.36 -33.99 36.91
CA VAL D 99 -49.81 -33.50 38.17
C VAL D 99 -48.37 -33.95 38.37
N TYR D 100 -47.55 -33.03 38.84
CA TYR D 100 -46.14 -33.28 39.13
C TYR D 100 -45.70 -32.60 40.40
N ALA D 101 -44.57 -33.05 40.93
CA ALA D 101 -43.82 -32.30 41.93
C ALA D 101 -42.76 -31.55 41.18
N MET D 102 -42.60 -30.27 41.51
CA MET D 102 -41.65 -29.38 40.85
C MET D 102 -40.73 -28.77 41.85
N LYS D 103 -39.43 -29.03 41.69
CA LYS D 103 -38.42 -28.49 42.58
C LYS D 103 -37.84 -27.25 41.94
N LEU D 104 -37.78 -26.17 42.72
CA LEU D 104 -37.20 -24.91 42.28
C LEU D 104 -35.88 -24.67 43.01
N LEU D 105 -34.88 -24.20 42.28
CA LEU D 105 -33.60 -23.78 42.86
C LEU D 105 -33.24 -22.37 42.43
N SER D 106 -32.94 -21.53 43.42
CA SER D 106 -32.57 -20.11 43.19
C SER D 106 -31.16 -19.96 42.67
N LYS D 107 -31.03 -19.37 41.49
CA LYS D 107 -29.73 -19.09 40.89
C LYS D 107 -28.92 -18.16 41.76
N PHE D 108 -29.52 -17.02 42.11
CA PHE D 108 -28.88 -16.02 42.97
C PHE D 108 -28.26 -16.66 44.22
N GLU D 109 -29.06 -17.46 44.92
CA GLU D 109 -28.63 -18.03 46.20
C GLU D 109 -27.47 -19.00 45.98
N MET D 110 -27.65 -19.90 45.03
CA MET D 110 -26.58 -20.88 44.64
C MET D 110 -25.23 -20.19 44.32
N ILE D 111 -25.30 -19.14 43.51
CA ILE D 111 -24.12 -18.35 43.18
C ILE D 111 -23.59 -17.69 44.44
N LYS D 112 -24.44 -16.89 45.10
CA LYS D 112 -24.07 -16.14 46.33
C LYS D 112 -23.41 -17.05 47.37
N ARG D 113 -24.02 -18.20 47.61
CA ARG D 113 -23.51 -19.16 48.59
C ARG D 113 -22.64 -20.26 47.98
N SER D 114 -21.73 -19.85 47.09
CA SER D 114 -20.70 -20.72 46.41
C SER D 114 -21.03 -22.22 46.28
N ASP D 115 -22.25 -22.48 45.86
CA ASP D 115 -22.74 -23.84 45.74
C ASP D 115 -23.62 -23.93 44.49
N SER D 116 -22.96 -24.14 43.35
CA SER D 116 -23.60 -24.06 42.02
C SER D 116 -23.27 -25.26 41.09
N ALA D 117 -22.97 -26.41 41.69
CA ALA D 117 -22.73 -27.66 40.94
C ALA D 117 -23.48 -28.92 41.40
N PHE D 118 -24.07 -28.91 42.59
CA PHE D 118 -24.76 -30.09 43.12
C PHE D 118 -25.90 -30.61 42.25
N PHE D 119 -26.58 -29.69 41.57
CA PHE D 119 -27.80 -30.00 40.80
C PHE D 119 -27.54 -30.90 39.60
N TRP D 120 -26.33 -30.83 39.05
CA TRP D 120 -25.96 -31.63 37.89
C TRP D 120 -26.13 -33.12 38.13
N GLU D 121 -25.49 -33.65 39.17
CA GLU D 121 -25.71 -35.06 39.54
C GLU D 121 -27.16 -35.36 39.94
N GLU D 122 -27.78 -34.45 40.69
CA GLU D 122 -29.19 -34.60 41.05
C GLU D 122 -30.07 -34.77 39.83
N ARG D 123 -29.82 -33.93 38.84
CA ARG D 123 -30.57 -33.96 37.58
C ARG D 123 -30.34 -35.27 36.85
N ASP D 124 -29.07 -35.59 36.67
CA ASP D 124 -28.67 -36.80 35.94
C ASP D 124 -29.19 -38.06 36.60
N ILE D 125 -29.06 -38.15 37.93
CA ILE D 125 -29.62 -39.28 38.70
C ILE D 125 -31.12 -39.48 38.42
N MET D 126 -31.90 -38.44 38.56
CA MET D 126 -33.34 -38.52 38.34
C MET D 126 -33.73 -38.72 36.87
N ALA D 127 -32.97 -38.14 35.97
CA ALA D 127 -33.22 -38.28 34.52
C ALA D 127 -32.93 -39.67 33.97
N PHE D 128 -31.83 -40.25 34.44
CA PHE D 128 -31.19 -41.41 33.79
C PHE D 128 -31.06 -42.69 34.62
N ALA D 129 -31.37 -42.63 35.92
CA ALA D 129 -31.28 -43.80 36.80
C ALA D 129 -32.09 -44.96 36.27
N ASN D 130 -33.25 -44.60 35.74
CA ASN D 130 -34.12 -45.54 35.08
C ASN D 130 -34.41 -46.71 36.01
N SER D 131 -34.97 -46.35 37.17
CA SER D 131 -35.09 -47.26 38.31
C SER D 131 -36.33 -46.97 39.18
N PRO D 132 -37.04 -48.01 39.63
CA PRO D 132 -38.21 -47.78 40.45
C PRO D 132 -37.90 -47.30 41.86
N TRP D 133 -36.64 -47.36 42.25
CA TRP D 133 -36.19 -46.79 43.55
C TRP D 133 -35.83 -45.30 43.50
N VAL D 134 -35.88 -44.71 42.31
CA VAL D 134 -35.42 -43.33 42.12
C VAL D 134 -36.53 -42.55 41.44
N VAL D 135 -36.78 -41.36 41.95
CA VAL D 135 -37.86 -40.53 41.47
C VAL D 135 -37.51 -40.07 40.06
N GLN D 136 -38.46 -40.24 39.15
CA GLN D 136 -38.27 -39.93 37.75
C GLN D 136 -38.37 -38.44 37.51
N LEU D 137 -37.37 -37.89 36.84
CA LEU D 137 -37.41 -36.53 36.28
C LEU D 137 -37.98 -36.59 34.86
N PHE D 138 -38.99 -35.80 34.61
CA PHE D 138 -39.57 -35.69 33.27
C PHE D 138 -39.00 -34.50 32.50
N TYR D 139 -38.91 -33.38 33.17
CA TYR D 139 -38.43 -32.15 32.55
C TYR D 139 -37.51 -31.43 33.50
N ALA D 140 -36.51 -30.80 32.91
CA ALA D 140 -35.74 -29.78 33.58
C ALA D 140 -35.69 -28.56 32.67
N PHE D 141 -35.85 -27.40 33.27
CA PHE D 141 -35.77 -26.15 32.53
C PHE D 141 -35.39 -25.00 33.44
N GLN D 142 -35.16 -23.83 32.83
CA GLN D 142 -34.76 -22.65 33.58
C GLN D 142 -35.32 -21.33 33.05
N ASP D 143 -35.53 -20.41 33.98
CA ASP D 143 -35.72 -18.97 33.78
C ASP D 143 -34.42 -18.27 34.09
N ASP D 144 -34.42 -16.95 33.98
CA ASP D 144 -33.33 -16.11 34.51
C ASP D 144 -33.13 -16.16 36.03
N ARG D 145 -34.18 -16.49 36.78
CA ARG D 145 -34.11 -16.57 38.27
C ARG D 145 -33.84 -17.96 38.83
N TYR D 146 -34.43 -18.96 38.19
CA TYR D 146 -34.59 -20.29 38.77
C TYR D 146 -34.25 -21.46 37.86
N LEU D 147 -33.76 -22.53 38.47
CA LEU D 147 -33.77 -23.86 37.85
C LEU D 147 -35.02 -24.57 38.35
N TYR D 148 -35.65 -25.29 37.44
CA TYR D 148 -36.82 -26.11 37.74
C TYR D 148 -36.55 -27.57 37.41
N MET D 149 -37.02 -28.46 38.29
CA MET D 149 -37.01 -29.89 38.03
C MET D 149 -38.39 -30.47 38.26
N VAL D 150 -38.98 -30.95 37.19
CA VAL D 150 -40.31 -31.58 37.21
C VAL D 150 -40.13 -33.09 37.37
N MET D 151 -40.71 -33.60 38.44
CA MET D 151 -40.56 -34.98 38.86
C MET D 151 -41.91 -35.61 39.06
N GLU D 152 -41.93 -36.94 39.16
CA GLU D 152 -43.17 -37.63 39.49
C GLU D 152 -43.54 -37.36 40.95
N TYR D 153 -44.78 -37.01 41.16
CA TYR D 153 -45.29 -36.66 42.49
C TYR D 153 -45.43 -37.93 43.33
N MET D 154 -44.94 -37.85 44.56
CA MET D 154 -44.92 -38.96 45.52
C MET D 154 -45.92 -38.65 46.63
N PRO D 155 -47.19 -39.03 46.42
CA PRO D 155 -48.25 -38.61 47.33
C PRO D 155 -48.25 -39.24 48.73
N GLY D 156 -47.53 -40.34 48.91
CA GLY D 156 -47.43 -41.00 50.21
C GLY D 156 -46.60 -40.29 51.24
N GLY D 157 -45.89 -39.24 50.84
CA GLY D 157 -45.06 -38.43 51.76
C GLY D 157 -43.76 -39.09 52.13
N ASP D 158 -43.05 -38.52 53.11
CA ASP D 158 -41.75 -39.08 53.52
C ASP D 158 -41.82 -40.01 54.75
N LEU D 159 -40.71 -40.68 55.04
CA LEU D 159 -40.63 -41.61 56.19
C LEU D 159 -40.64 -40.90 57.54
N VAL D 160 -40.25 -39.64 57.59
CA VAL D 160 -40.31 -38.83 58.82
C VAL D 160 -41.77 -38.72 59.25
N ASN D 161 -42.61 -38.40 58.27
CA ASN D 161 -44.06 -38.40 58.41
C ASN D 161 -44.61 -39.72 58.94
N LEU D 162 -44.21 -40.82 58.30
CA LEU D 162 -44.69 -42.15 58.64
C LEU D 162 -44.37 -42.52 60.10
N MET D 163 -43.11 -42.37 60.46
CA MET D 163 -42.63 -42.67 61.82
C MET D 163 -43.34 -41.83 62.88
N SER D 164 -43.64 -40.57 62.55
CA SER D 164 -44.41 -39.71 63.48
C SER D 164 -45.89 -40.08 63.64
N ASN D 165 -46.46 -40.74 62.65
CA ASN D 165 -47.88 -41.15 62.66
C ASN D 165 -48.14 -42.61 62.95
N TYR D 166 -47.09 -43.43 63.04
CA TYR D 166 -47.22 -44.83 63.43
C TYR D 166 -46.09 -45.28 64.33
N ASP D 167 -46.42 -46.07 65.35
CA ASP D 167 -45.46 -46.99 65.94
C ASP D 167 -45.20 -47.99 64.85
N VAL D 168 -43.94 -48.11 64.45
CA VAL D 168 -43.56 -48.98 63.35
C VAL D 168 -43.20 -50.32 63.94
N PRO D 169 -43.97 -51.37 63.61
CA PRO D 169 -43.53 -52.70 64.05
C PRO D 169 -42.36 -53.19 63.21
N GLU D 170 -41.72 -54.23 63.68
CA GLU D 170 -40.51 -54.75 63.05
C GLU D 170 -40.73 -55.19 61.60
N LYS D 171 -41.85 -55.90 61.36
CA LYS D 171 -42.20 -56.37 60.00
C LYS D 171 -42.19 -55.22 59.01
N TRP D 172 -42.75 -54.09 59.42
CA TRP D 172 -42.74 -52.86 58.59
C TRP D 172 -41.32 -52.38 58.35
N ALA D 173 -40.60 -52.18 59.46
CA ALA D 173 -39.21 -51.72 59.40
C ALA D 173 -38.35 -52.60 58.52
N LYS D 174 -38.57 -53.90 58.59
CA LYS D 174 -37.91 -54.89 57.72
C LYS D 174 -38.17 -54.56 56.24
N PHE D 175 -39.43 -54.33 55.92
CA PHE D 175 -39.85 -53.96 54.57
C PHE D 175 -39.13 -52.68 54.12
N TYR D 176 -39.28 -51.61 54.89
CA TYR D 176 -38.75 -50.29 54.51
C TYR D 176 -37.23 -50.33 54.43
N THR D 177 -36.59 -50.98 55.39
CA THR D 177 -35.12 -51.12 55.38
C THR D 177 -34.65 -51.82 54.11
N ALA D 178 -35.30 -52.92 53.79
CA ALA D 178 -34.96 -53.71 52.59
C ALA D 178 -35.11 -52.90 51.32
N GLU D 179 -36.18 -52.12 51.26
CA GLU D 179 -36.39 -51.19 50.13
C GLU D 179 -35.29 -50.12 50.09
N VAL D 180 -34.95 -49.53 51.24
CA VAL D 180 -33.81 -48.60 51.31
C VAL D 180 -32.53 -49.30 50.83
N VAL D 181 -32.30 -50.53 51.28
CA VAL D 181 -31.09 -51.29 50.89
C VAL D 181 -30.98 -51.41 49.38
N LEU D 182 -32.05 -51.86 48.73
CA LEU D 182 -32.08 -52.01 47.26
C LEU D 182 -31.92 -50.68 46.52
N ALA D 183 -32.53 -49.64 47.08
CA ALA D 183 -32.44 -48.28 46.53
C ALA D 183 -31.01 -47.77 46.57
N LEU D 184 -30.38 -47.88 47.72
CA LEU D 184 -28.97 -47.48 47.86
C LEU D 184 -28.02 -48.31 46.98
N ASP D 185 -28.32 -49.59 46.83
CA ASP D 185 -27.55 -50.43 45.92
C ASP D 185 -27.62 -49.92 44.49
N ALA D 186 -28.80 -49.48 44.07
CA ALA D 186 -28.98 -48.90 42.73
C ALA D 186 -28.13 -47.66 42.54
N ILE D 187 -28.18 -46.78 43.52
CA ILE D 187 -27.38 -45.54 43.53
C ILE D 187 -25.88 -45.85 43.44
N HIS D 188 -25.46 -46.81 44.26
CA HIS D 188 -24.08 -47.28 44.26
C HIS D 188 -23.64 -47.88 42.91
N SER D 189 -24.54 -48.61 42.27
CA SER D 189 -24.30 -49.18 40.91
C SER D 189 -24.09 -48.10 39.84
N MET D 190 -24.73 -46.95 40.04
CA MET D 190 -24.52 -45.79 39.16
C MET D 190 -23.19 -45.05 39.43
N GLY D 191 -22.41 -45.55 40.37
CA GLY D 191 -21.10 -44.99 40.70
C GLY D 191 -21.14 -43.87 41.72
N LEU D 192 -22.21 -43.83 42.49
CA LEU D 192 -22.49 -42.71 43.40
C LEU D 192 -22.49 -43.12 44.85
N ILE D 193 -21.99 -42.21 45.70
CA ILE D 193 -22.20 -42.25 47.16
C ILE D 193 -23.21 -41.16 47.50
N HIS D 194 -24.26 -41.54 48.23
CA HIS D 194 -25.37 -40.63 48.57
C HIS D 194 -24.94 -39.52 49.54
N ARG D 195 -24.25 -39.92 50.60
CA ARG D 195 -23.72 -39.02 51.69
C ARG D 195 -24.74 -38.37 52.66
N ASP D 196 -26.02 -38.61 52.44
CA ASP D 196 -27.07 -37.98 53.26
C ASP D 196 -28.34 -38.81 53.26
N VAL D 197 -28.17 -40.07 53.63
CA VAL D 197 -29.27 -41.02 53.77
C VAL D 197 -29.99 -40.73 55.09
N LYS D 198 -31.19 -40.20 54.99
CA LYS D 198 -32.04 -39.88 56.13
C LYS D 198 -33.50 -40.05 55.69
N PRO D 199 -34.45 -40.24 56.62
CA PRO D 199 -35.83 -40.48 56.21
C PRO D 199 -36.54 -39.29 55.54
N ASP D 200 -35.99 -38.10 55.71
CA ASP D 200 -36.39 -36.90 54.95
C ASP D 200 -36.25 -37.09 53.45
N ASN D 201 -35.25 -37.88 53.07
CA ASN D 201 -34.90 -38.18 51.67
C ASN D 201 -35.48 -39.49 51.13
N MET D 202 -36.47 -40.02 51.84
CA MET D 202 -37.11 -41.29 51.51
C MET D 202 -38.58 -41.00 51.38
N LEU D 203 -39.14 -41.34 50.23
CA LEU D 203 -40.49 -40.96 49.86
C LEU D 203 -41.32 -42.15 49.44
N LEU D 204 -42.62 -42.07 49.71
CA LEU D 204 -43.57 -43.14 49.41
C LEU D 204 -44.51 -42.79 48.26
N ASP D 205 -44.58 -43.69 47.27
CA ASP D 205 -45.42 -43.52 46.08
C ASP D 205 -46.90 -43.81 46.37
N LYS D 206 -47.76 -43.66 45.37
CA LYS D 206 -49.21 -43.94 45.53
C LYS D 206 -49.56 -45.31 46.17
N HIS D 207 -48.71 -46.29 45.96
CA HIS D 207 -48.87 -47.63 46.53
C HIS D 207 -48.10 -47.90 47.84
N GLY D 208 -47.49 -46.86 48.41
CA GLY D 208 -46.78 -46.95 49.68
C GLY D 208 -45.37 -47.52 49.63
N HIS D 209 -44.80 -47.60 48.43
CA HIS D 209 -43.44 -48.08 48.20
C HIS D 209 -42.42 -46.95 48.09
N LEU D 210 -41.20 -47.26 48.52
CA LEU D 210 -40.10 -46.31 48.59
C LEU D 210 -39.60 -45.87 47.23
N LYS D 211 -39.27 -44.59 47.16
CA LYS D 211 -38.34 -44.04 46.16
C LYS D 211 -37.48 -43.00 46.83
N LEU D 212 -36.22 -42.92 46.42
CA LEU D 212 -35.30 -41.89 46.91
C LEU D 212 -35.45 -40.58 46.15
N ALA D 213 -35.36 -39.49 46.90
CA ALA D 213 -35.38 -38.16 46.35
C ALA D 213 -34.44 -37.27 47.15
N ASP D 214 -34.18 -36.09 46.61
CA ASP D 214 -33.11 -35.18 47.08
C ASP D 214 -31.73 -35.84 46.98
N PHE D 215 -31.13 -35.69 45.80
CA PHE D 215 -29.78 -36.18 45.53
C PHE D 215 -28.72 -35.08 45.53
N GLY D 216 -28.94 -34.06 46.36
CA GLY D 216 -28.09 -32.87 46.40
C GLY D 216 -26.71 -33.06 47.01
N THR D 217 -26.54 -34.11 47.80
CA THR D 217 -25.24 -34.46 48.40
C THR D 217 -24.46 -35.54 47.66
N CYS D 218 -25.11 -36.16 46.67
CA CYS D 218 -24.51 -37.26 45.93
C CYS D 218 -23.22 -36.84 45.24
N MET D 219 -22.22 -37.71 45.35
CA MET D 219 -20.90 -37.52 44.73
C MET D 219 -20.56 -38.74 43.88
N LYS D 220 -19.89 -38.49 42.75
CA LYS D 220 -19.41 -39.56 41.87
C LYS D 220 -18.19 -40.14 42.55
N MET D 221 -18.12 -41.46 42.63
CA MET D 221 -16.94 -42.13 43.18
C MET D 221 -15.78 -42.04 42.20
N ASP D 222 -14.57 -42.25 42.72
CA ASP D 222 -13.41 -42.46 41.86
C ASP D 222 -13.55 -43.82 41.13
N GLU D 223 -12.54 -44.14 40.34
CA GLU D 223 -12.35 -45.52 39.86
C GLU D 223 -12.00 -46.51 41.02
N THR D 224 -11.46 -46.01 42.15
CA THR D 224 -11.29 -46.78 43.42
C THR D 224 -12.43 -46.65 44.47
N GLY D 225 -13.60 -46.18 44.09
CA GLY D 225 -14.78 -46.17 45.00
C GLY D 225 -14.85 -45.11 46.10
N MET D 226 -13.74 -44.42 46.35
CA MET D 226 -13.67 -43.35 47.36
C MET D 226 -14.17 -42.01 46.83
N VAL D 227 -14.29 -41.04 47.73
CA VAL D 227 -14.72 -39.71 47.35
C VAL D 227 -14.11 -38.63 48.26
N HIS D 228 -13.63 -37.55 47.65
CA HIS D 228 -13.07 -36.39 48.38
C HIS D 228 -14.05 -35.22 48.44
N THR D 231 -16.53 -29.05 53.64
CA THR D 231 -15.97 -30.36 53.27
C THR D 231 -16.65 -31.57 53.95
N ALA D 232 -17.49 -31.31 54.95
CA ALA D 232 -18.35 -32.32 55.57
C ALA D 232 -19.84 -31.92 55.55
N VAL D 233 -20.64 -32.72 54.85
CA VAL D 233 -22.08 -32.46 54.69
C VAL D 233 -22.91 -33.28 55.70
N GLY D 234 -24.15 -32.82 55.95
CA GLY D 234 -25.21 -33.57 56.66
C GLY D 234 -25.73 -32.96 57.96
N THR D 235 -27.02 -33.22 58.25
CA THR D 235 -27.57 -33.12 59.63
C THR D 235 -27.01 -34.29 60.44
N PRO D 236 -26.60 -34.08 61.72
CA PRO D 236 -25.57 -34.94 62.31
C PRO D 236 -26.00 -36.31 62.80
N ASP D 237 -27.25 -36.44 63.24
CA ASP D 237 -27.77 -37.73 63.78
C ASP D 237 -27.41 -38.97 62.95
N TYR D 238 -27.45 -38.82 61.63
CA TYR D 238 -27.24 -39.90 60.68
C TYR D 238 -25.83 -40.00 60.07
N ILE D 239 -24.98 -39.03 60.38
CA ILE D 239 -23.61 -38.98 59.88
C ILE D 239 -22.73 -40.03 60.57
N SER D 240 -21.85 -40.62 59.77
CA SER D 240 -20.95 -41.68 60.22
C SER D 240 -19.67 -41.10 60.81
N PRO D 241 -19.00 -41.85 61.70
CA PRO D 241 -17.76 -41.34 62.31
C PRO D 241 -16.63 -40.97 61.32
N GLU D 242 -16.48 -41.74 60.25
CA GLU D 242 -15.45 -41.42 59.24
C GLU D 242 -15.70 -40.03 58.61
N VAL D 243 -16.96 -39.80 58.22
CA VAL D 243 -17.36 -38.53 57.58
C VAL D 243 -17.20 -37.38 58.60
N LEU D 244 -17.45 -37.67 59.89
CA LEU D 244 -17.23 -36.69 60.98
C LEU D 244 -15.74 -36.33 61.06
N LYS D 245 -14.90 -37.33 61.27
CA LYS D 245 -13.41 -37.11 61.37
C LYS D 245 -12.76 -36.57 60.06
N SER D 246 -13.38 -36.81 58.91
CA SER D 246 -12.87 -36.31 57.60
C SER D 246 -12.90 -34.76 57.54
N GLY D 251 -9.71 -35.86 54.47
CA GLY D 251 -10.16 -37.23 54.68
C GLY D 251 -11.08 -37.72 53.57
N PHE D 252 -10.97 -39.02 53.25
CA PHE D 252 -11.73 -39.66 52.17
C PHE D 252 -12.55 -40.83 52.71
N TYR D 253 -13.60 -41.18 51.97
CA TYR D 253 -14.55 -42.24 52.38
C TYR D 253 -15.33 -42.85 51.22
N GLY D 254 -15.98 -43.98 51.50
CA GLY D 254 -16.67 -44.79 50.48
C GLY D 254 -18.15 -45.08 50.74
N ARG D 255 -18.66 -46.03 49.95
CA ARG D 255 -20.07 -46.42 49.96
C ARG D 255 -20.55 -46.92 51.31
N GLU D 256 -19.63 -47.49 52.07
CA GLU D 256 -19.93 -47.93 53.46
C GLU D 256 -20.50 -46.85 54.39
N CYS D 257 -20.23 -45.57 54.13
CA CYS D 257 -20.77 -44.47 54.97
C CYS D 257 -22.31 -44.33 54.86
N ASP D 258 -22.86 -44.72 53.72
CA ASP D 258 -24.32 -44.77 53.54
C ASP D 258 -24.92 -45.88 54.38
N TRP D 259 -24.23 -47.01 54.42
CA TRP D 259 -24.71 -48.16 55.18
C TRP D 259 -24.77 -47.87 56.68
N TRP D 260 -23.84 -47.04 57.18
CA TRP D 260 -23.93 -46.53 58.56
C TRP D 260 -25.31 -45.91 58.79
N SER D 261 -25.67 -44.97 57.94
CA SER D 261 -26.96 -44.27 57.99
C SER D 261 -28.20 -45.17 57.96
N VAL D 262 -28.12 -46.32 57.26
CA VAL D 262 -29.21 -47.31 57.26
C VAL D 262 -29.34 -47.92 58.65
N GLY D 263 -28.21 -48.23 59.27
CA GLY D 263 -28.14 -48.66 60.67
C GLY D 263 -28.91 -47.71 61.56
N VAL D 264 -28.57 -46.42 61.48
CA VAL D 264 -29.25 -45.38 62.24
C VAL D 264 -30.76 -45.38 61.96
N PHE D 265 -31.12 -45.49 60.68
CA PHE D 265 -32.52 -45.45 60.20
C PHE D 265 -33.32 -46.58 60.83
N LEU D 266 -32.77 -47.79 60.76
CA LEU D 266 -33.41 -48.96 61.31
C LEU D 266 -33.61 -48.81 62.82
N TYR D 267 -32.60 -48.25 63.49
CA TYR D 267 -32.69 -47.98 64.91
C TYR D 267 -33.83 -47.01 65.13
N GLU D 268 -33.84 -45.89 64.40
CA GLU D 268 -34.88 -44.86 64.59
C GLU D 268 -36.30 -45.43 64.39
N MET D 269 -36.48 -46.28 63.39
CA MET D 269 -37.77 -46.91 63.15
C MET D 269 -38.20 -47.80 64.30
N LEU D 270 -37.31 -48.71 64.70
CA LEU D 270 -37.63 -49.71 65.72
C LEU D 270 -37.72 -49.15 67.15
N VAL D 271 -36.79 -48.28 67.50
CA VAL D 271 -36.69 -47.69 68.84
C VAL D 271 -37.54 -46.43 68.99
N GLY D 272 -37.54 -45.58 67.97
CA GLY D 272 -38.32 -44.31 68.00
C GLY D 272 -37.57 -43.05 68.37
N ASP D 273 -36.36 -43.21 68.89
CA ASP D 273 -35.41 -42.12 69.03
C ASP D 273 -34.16 -42.50 68.27
N THR D 274 -33.31 -41.51 68.03
CA THR D 274 -32.04 -41.71 67.30
C THR D 274 -31.01 -42.33 68.24
N PRO D 275 -30.15 -43.22 67.72
CA PRO D 275 -29.23 -43.96 68.59
C PRO D 275 -28.26 -43.09 69.38
N PHE D 276 -27.80 -42.02 68.76
CA PHE D 276 -26.81 -41.13 69.39
C PHE D 276 -27.37 -39.75 69.71
N TYR D 277 -28.67 -39.69 69.97
CA TYR D 277 -29.35 -38.44 70.32
C TYR D 277 -28.63 -37.78 71.51
N ALA D 278 -28.44 -36.48 71.39
CA ALA D 278 -28.11 -35.61 72.53
C ALA D 278 -28.74 -34.23 72.33
N ASP D 279 -28.82 -33.47 73.43
CA ASP D 279 -29.53 -32.18 73.43
C ASP D 279 -28.76 -31.20 72.57
N SER D 280 -27.45 -31.18 72.80
CA SER D 280 -26.51 -30.43 71.94
C SER D 280 -26.06 -31.27 70.74
N LEU D 281 -25.53 -30.57 69.74
CA LEU D 281 -24.88 -31.21 68.57
C LEU D 281 -23.54 -31.85 68.98
N VAL D 282 -22.73 -31.10 69.72
CA VAL D 282 -21.42 -31.60 70.21
C VAL D 282 -21.55 -32.94 70.97
N GLY D 283 -22.61 -33.05 71.77
CA GLY D 283 -22.92 -34.29 72.51
C GLY D 283 -23.13 -35.46 71.55
N THR D 284 -23.90 -35.20 70.49
CA THR D 284 -24.19 -36.18 69.44
C THR D 284 -22.92 -36.62 68.74
N TYR D 285 -22.12 -35.66 68.30
CA TYR D 285 -20.84 -36.00 67.65
C TYR D 285 -20.02 -36.90 68.56
N SER D 286 -19.87 -36.44 69.81
CA SER D 286 -19.14 -37.15 70.86
C SER D 286 -19.62 -38.61 71.02
N LYS D 287 -20.95 -38.77 71.06
CA LYS D 287 -21.58 -40.12 71.13
C LYS D 287 -21.30 -40.98 69.89
N ILE D 288 -21.49 -40.39 68.71
CA ILE D 288 -21.24 -41.10 67.44
C ILE D 288 -19.79 -41.57 67.39
N MET D 289 -18.86 -40.67 67.68
CA MET D 289 -17.41 -40.99 67.73
C MET D 289 -17.15 -42.17 68.70
N ASP D 290 -17.84 -42.15 69.85
CA ASP D 290 -17.76 -43.20 70.91
C ASP D 290 -18.78 -44.37 70.75
N HIS D 291 -19.14 -44.66 69.52
CA HIS D 291 -20.25 -45.61 69.25
C HIS D 291 -20.06 -47.01 69.84
N LYS D 292 -18.81 -47.48 69.94
CA LYS D 292 -18.47 -48.78 70.57
C LYS D 292 -19.11 -48.94 71.96
N ASN D 293 -19.08 -47.84 72.72
CA ASN D 293 -19.66 -47.75 74.08
C ASN D 293 -21.05 -47.11 74.15
N SER D 294 -21.29 -46.09 73.33
CA SER D 294 -22.49 -45.24 73.44
C SER D 294 -23.80 -45.85 72.94
N LEU D 295 -23.71 -46.76 71.98
CA LEU D 295 -24.91 -47.42 71.41
C LEU D 295 -25.54 -48.36 72.43
N CYS D 296 -26.71 -48.01 72.94
CA CYS D 296 -27.41 -48.86 73.93
C CYS D 296 -28.92 -48.98 73.60
N PHE D 297 -29.39 -50.22 73.47
CA PHE D 297 -30.80 -50.48 73.18
C PHE D 297 -31.65 -50.35 74.43
N PRO D 298 -32.63 -49.43 74.45
CA PRO D 298 -33.37 -49.24 75.69
C PRO D 298 -34.17 -50.50 76.09
N GLU D 299 -34.31 -50.71 77.39
CA GLU D 299 -34.96 -51.92 77.90
C GLU D 299 -36.46 -52.07 77.53
N ASP D 300 -37.12 -50.94 77.25
CA ASP D 300 -38.54 -50.93 76.77
C ASP D 300 -38.74 -51.05 75.25
N ALA D 301 -37.65 -51.12 74.50
CA ALA D 301 -37.70 -51.13 73.03
C ALA D 301 -38.07 -52.48 72.42
N GLU D 302 -39.09 -52.47 71.56
CA GLU D 302 -39.59 -53.68 70.92
C GLU D 302 -38.70 -54.05 69.74
N ILE D 303 -37.69 -54.90 69.97
CA ILE D 303 -36.71 -55.22 68.94
C ILE D 303 -36.10 -56.62 69.10
N SER D 304 -36.00 -57.35 68.00
CA SER D 304 -35.45 -58.70 67.99
C SER D 304 -33.91 -58.73 68.08
N LYS D 305 -33.39 -59.94 68.29
CA LYS D 305 -31.92 -60.16 68.35
C LYS D 305 -31.34 -59.90 66.96
N HIS D 306 -31.97 -60.51 65.96
CA HIS D 306 -31.58 -60.31 64.56
C HIS D 306 -31.54 -58.82 64.19
N ALA D 307 -32.56 -58.09 64.58
CA ALA D 307 -32.62 -56.65 64.32
C ALA D 307 -31.44 -55.92 64.98
N LYS D 308 -31.24 -56.20 66.27
CA LYS D 308 -30.12 -55.64 67.04
C LYS D 308 -28.76 -55.99 66.40
N ASN D 309 -28.66 -57.23 65.91
CA ASN D 309 -27.46 -57.73 65.26
C ASN D 309 -27.13 -56.89 64.02
N LEU D 310 -28.14 -56.72 63.17
CA LEU D 310 -27.98 -55.95 61.93
C LEU D 310 -27.55 -54.51 62.21
N ILE D 311 -28.28 -53.86 63.11
CA ILE D 311 -27.98 -52.48 63.49
C ILE D 311 -26.52 -52.38 63.91
N CYS D 312 -26.12 -53.28 64.80
CA CYS D 312 -24.73 -53.34 65.29
C CYS D 312 -23.72 -53.61 64.17
N ALA D 313 -24.09 -54.49 63.25
CA ALA D 313 -23.28 -54.75 62.05
C ALA D 313 -23.04 -53.50 61.19
N PHE D 314 -24.03 -52.62 61.12
CA PHE D 314 -23.92 -51.31 60.41
C PHE D 314 -23.20 -50.24 61.24
N LEU D 315 -23.42 -50.24 62.54
CA LEU D 315 -22.90 -49.17 63.42
C LEU D 315 -21.53 -49.50 64.03
N THR D 316 -20.60 -49.87 63.14
CA THR D 316 -19.20 -50.13 63.48
C THR D 316 -18.29 -49.15 62.79
N ASP D 317 -16.99 -49.25 63.12
CA ASP D 317 -15.92 -48.58 62.37
C ASP D 317 -15.97 -48.98 60.90
N ARG D 318 -15.63 -48.01 60.03
CA ARG D 318 -15.70 -48.17 58.55
C ARG D 318 -15.05 -49.45 58.04
N GLU D 319 -13.90 -49.77 58.63
CA GLU D 319 -13.05 -50.89 58.21
C GLU D 319 -13.75 -52.26 58.24
N VAL D 320 -14.58 -52.49 59.25
CA VAL D 320 -15.23 -53.80 59.44
C VAL D 320 -16.76 -53.76 59.19
N ARG D 321 -17.24 -52.66 58.63
CA ARG D 321 -18.70 -52.41 58.50
C ARG D 321 -19.41 -53.26 57.46
N LEU D 322 -20.65 -53.67 57.78
CA LEU D 322 -21.48 -54.48 56.87
C LEU D 322 -21.75 -53.64 55.64
N GLY D 323 -21.60 -54.27 54.49
CA GLY D 323 -21.65 -53.54 53.19
C GLY D 323 -20.33 -52.91 52.72
N ARG D 324 -19.23 -53.26 53.37
CA ARG D 324 -17.88 -53.02 52.81
C ARG D 324 -17.63 -53.96 51.62
N ASN D 325 -18.03 -55.22 51.77
CA ASN D 325 -17.91 -56.25 50.70
C ASN D 325 -19.13 -56.32 49.76
N GLY D 326 -19.78 -55.18 49.54
CA GLY D 326 -21.02 -55.15 48.78
C GLY D 326 -22.27 -55.61 49.52
N VAL D 327 -23.36 -55.59 48.78
CA VAL D 327 -24.71 -55.72 49.32
C VAL D 327 -25.13 -57.17 49.69
N GLU D 328 -24.48 -58.17 49.09
CA GLU D 328 -24.94 -59.59 49.24
C GLU D 328 -25.00 -60.00 50.71
N GLU D 329 -23.95 -59.66 51.45
CA GLU D 329 -23.90 -59.94 52.88
C GLU D 329 -25.03 -59.25 53.67
N ILE D 330 -25.42 -58.05 53.24
CA ILE D 330 -26.60 -57.38 53.80
C ILE D 330 -27.87 -58.18 53.46
N ARG D 331 -28.05 -58.46 52.19
CA ARG D 331 -29.23 -59.21 51.72
C ARG D 331 -29.35 -60.57 52.42
N GLN D 332 -28.22 -61.22 52.65
CA GLN D 332 -28.16 -62.55 53.29
C GLN D 332 -28.32 -62.54 54.81
N HIS D 333 -28.40 -61.37 55.43
CA HIS D 333 -28.58 -61.25 56.90
C HIS D 333 -29.94 -61.77 57.32
N PRO D 334 -29.99 -62.55 58.43
CA PRO D 334 -31.23 -63.27 58.78
C PRO D 334 -32.42 -62.42 59.27
N PHE D 335 -32.15 -61.22 59.78
CA PHE D 335 -33.19 -60.19 60.01
C PHE D 335 -34.16 -60.06 58.83
N PHE D 336 -33.61 -60.10 57.63
CA PHE D 336 -34.43 -59.98 56.42
C PHE D 336 -35.23 -61.20 56.02
N LYS D 337 -35.05 -62.34 56.69
CA LYS D 337 -35.86 -63.54 56.40
C LYS D 337 -37.31 -63.28 56.80
N ASN D 338 -38.22 -63.65 55.91
CA ASN D 338 -39.67 -63.42 56.13
C ASN D 338 -40.61 -64.21 55.20
N ASP D 339 -41.87 -64.27 55.61
CA ASP D 339 -42.92 -65.01 54.88
C ASP D 339 -43.62 -64.23 53.75
N GLN D 340 -43.33 -62.94 53.63
CA GLN D 340 -44.09 -62.00 52.79
C GLN D 340 -43.45 -61.67 51.45
N TRP D 341 -42.14 -61.42 51.44
CA TRP D 341 -41.44 -60.98 50.23
C TRP D 341 -40.05 -61.56 50.06
N HIS D 342 -39.57 -61.57 48.81
CA HIS D 342 -38.16 -61.83 48.46
C HIS D 342 -37.55 -60.55 47.92
N TRP D 343 -36.24 -60.56 47.72
CA TRP D 343 -35.53 -59.37 47.23
C TRP D 343 -35.87 -59.04 45.78
N ASP D 344 -36.09 -60.07 44.97
CA ASP D 344 -36.44 -59.90 43.53
C ASP D 344 -37.87 -59.43 43.24
N ASN D 345 -38.74 -59.52 44.25
CA ASN D 345 -40.15 -59.09 44.12
C ASN D 345 -40.73 -58.15 45.18
N ILE D 346 -39.90 -57.68 46.12
CA ILE D 346 -40.39 -56.92 47.29
C ILE D 346 -41.32 -55.78 46.89
N ARG D 347 -40.89 -55.03 45.88
CA ARG D 347 -41.57 -53.79 45.44
C ARG D 347 -42.91 -54.05 44.76
N GLU D 348 -43.06 -55.26 44.22
CA GLU D 348 -44.30 -55.78 43.64
C GLU D 348 -45.26 -56.43 44.66
N THR D 349 -44.84 -56.51 45.92
CA THR D 349 -45.69 -57.01 47.03
C THR D 349 -46.42 -55.87 47.74
N ALA D 350 -47.38 -56.22 48.58
CA ALA D 350 -48.23 -55.24 49.28
C ALA D 350 -47.46 -54.45 50.32
N ALA D 351 -47.51 -53.14 50.22
CA ALA D 351 -46.83 -52.26 51.16
C ALA D 351 -47.57 -52.26 52.48
N PRO D 352 -46.85 -51.99 53.60
CA PRO D 352 -47.50 -51.89 54.92
C PRO D 352 -48.59 -50.84 55.02
N VAL D 353 -48.32 -49.67 54.44
CA VAL D 353 -49.24 -48.51 54.47
C VAL D 353 -49.45 -48.00 53.07
N VAL D 354 -50.60 -48.32 52.51
CA VAL D 354 -51.03 -47.76 51.23
C VAL D 354 -51.73 -46.45 51.55
N PRO D 355 -51.28 -45.33 50.95
CA PRO D 355 -51.96 -44.07 51.25
C PRO D 355 -53.38 -44.02 50.70
N GLU D 356 -54.32 -43.58 51.54
CA GLU D 356 -55.73 -43.38 51.16
C GLU D 356 -55.83 -41.91 50.70
N LEU D 357 -55.94 -41.73 49.39
CA LEU D 357 -55.84 -40.42 48.75
C LEU D 357 -57.15 -40.07 48.05
N SER D 358 -57.63 -38.86 48.29
CA SER D 358 -58.95 -38.43 47.81
C SER D 358 -58.97 -37.90 46.37
N SER D 359 -57.80 -37.45 45.91
CA SER D 359 -57.64 -36.87 44.56
C SER D 359 -56.19 -36.86 44.10
N ASP D 360 -55.99 -36.54 42.81
CA ASP D 360 -54.64 -36.40 42.23
C ASP D 360 -53.79 -35.24 42.76
N ILE D 361 -54.43 -34.26 43.40
CA ILE D 361 -53.70 -33.19 44.13
C ILE D 361 -53.78 -33.31 45.68
N ASP D 362 -54.04 -34.51 46.18
CA ASP D 362 -54.08 -34.75 47.63
C ASP D 362 -52.66 -34.68 48.21
N SER D 363 -52.44 -33.69 49.08
CA SER D 363 -51.13 -33.47 49.74
C SER D 363 -51.16 -33.67 51.25
N SER D 364 -52.08 -34.50 51.72
CA SER D 364 -52.35 -34.61 53.16
C SER D 364 -51.19 -35.21 53.96
N ASN D 365 -50.37 -36.01 53.29
CA ASN D 365 -49.14 -36.57 53.89
C ASN D 365 -47.94 -35.63 53.86
N PHE D 366 -48.17 -34.41 53.42
CA PHE D 366 -47.14 -33.37 53.47
C PHE D 366 -47.53 -32.28 54.44
N ASP D 367 -46.61 -31.98 55.35
CA ASP D 367 -46.83 -30.99 56.38
C ASP D 367 -46.96 -29.63 55.73
N ASP D 368 -47.69 -28.73 56.39
CA ASP D 368 -47.79 -27.37 55.91
C ASP D 368 -46.47 -26.65 56.06
N ILE D 369 -46.33 -25.57 55.31
CA ILE D 369 -45.07 -24.86 55.16
C ILE D 369 -45.30 -23.39 55.35
N GLU D 370 -44.58 -22.82 56.32
CA GLU D 370 -44.52 -21.38 56.52
C GLU D 370 -43.53 -20.77 55.53
N VAL D 376 -36.32 -13.15 49.26
CA VAL D 376 -36.02 -13.10 47.83
C VAL D 376 -35.13 -11.90 47.47
N GLU D 377 -34.15 -12.15 46.59
CA GLU D 377 -33.34 -11.08 45.98
C GLU D 377 -32.71 -11.61 44.69
N THR D 378 -32.73 -10.76 43.66
CA THR D 378 -32.19 -11.09 42.33
C THR D 378 -30.79 -10.50 42.11
N PHE D 379 -30.17 -10.91 41.00
CA PHE D 379 -28.86 -10.37 40.59
C PHE D 379 -29.00 -8.87 40.33
N PRO D 380 -28.01 -8.06 40.79
CA PRO D 380 -28.07 -6.65 40.44
C PRO D 380 -27.80 -6.45 38.96
N ILE D 381 -28.33 -5.36 38.42
CA ILE D 381 -28.04 -4.97 37.06
C ILE D 381 -26.54 -4.71 36.98
N PRO D 382 -25.81 -5.51 36.17
CA PRO D 382 -24.37 -5.42 36.16
C PRO D 382 -23.89 -4.28 35.31
N LYS D 383 -22.75 -3.73 35.68
CA LYS D 383 -22.14 -2.60 34.96
C LYS D 383 -21.26 -3.10 33.80
N ALA D 384 -20.73 -4.31 33.93
CA ALA D 384 -20.04 -5.02 32.83
C ALA D 384 -20.46 -6.50 32.82
N PHE D 385 -20.01 -7.22 31.79
CA PHE D 385 -20.31 -8.65 31.67
C PHE D 385 -19.85 -9.38 32.92
N VAL D 386 -20.74 -10.20 33.49
CA VAL D 386 -20.42 -11.02 34.69
C VAL D 386 -20.76 -12.53 34.61
N GLY D 387 -21.61 -12.92 33.67
CA GLY D 387 -21.86 -14.33 33.37
C GLY D 387 -22.58 -15.13 34.44
N ASN D 388 -23.59 -14.53 35.07
CA ASN D 388 -24.39 -15.22 36.09
C ASN D 388 -25.21 -16.41 35.59
N GLN D 389 -25.49 -16.45 34.28
CA GLN D 389 -26.18 -17.57 33.65
C GLN D 389 -25.26 -18.69 33.15
N LEU D 390 -23.96 -18.44 33.11
CA LEU D 390 -22.98 -19.41 32.58
C LEU D 390 -22.95 -20.74 33.33
N PRO D 391 -23.08 -20.71 34.65
CA PRO D 391 -23.07 -21.95 35.44
C PRO D 391 -24.19 -22.95 35.18
N PHE D 392 -25.25 -22.49 34.52
CA PHE D 392 -26.46 -23.28 34.29
C PHE D 392 -26.69 -23.67 32.85
N ILE D 393 -25.72 -23.38 32.00
CA ILE D 393 -25.79 -23.80 30.62
C ILE D 393 -25.64 -25.32 30.61
N GLY D 394 -26.61 -25.99 30.01
CA GLY D 394 -26.67 -27.44 29.97
C GLY D 394 -27.78 -28.05 30.81
N PHE D 395 -28.38 -27.27 31.69
CA PHE D 395 -29.40 -27.82 32.61
C PHE D 395 -30.68 -28.30 31.95
N THR D 396 -31.07 -27.66 30.87
CA THR D 396 -32.37 -27.94 30.28
C THR D 396 -32.39 -29.34 29.73
N TYR D 397 -33.46 -30.07 30.07
CA TYR D 397 -33.65 -31.46 29.66
C TYR D 397 -35.12 -31.70 29.40
N TYR D 398 -35.44 -32.20 28.20
CA TYR D 398 -36.82 -32.63 27.87
C TYR D 398 -36.81 -34.15 27.61
N ARG D 399 -37.48 -34.91 28.49
CA ARG D 399 -37.60 -36.38 28.33
C ARG D 399 -38.52 -36.66 27.15
C2 5YO E . -13.83 -11.23 -4.69
C4 5YO E . -12.90 -9.03 -4.12
C6 5YO E . -11.81 -8.11 -4.70
C7 5YO E . -12.45 -9.46 -2.75
C8 5YO E . -11.63 -10.56 -2.56
C11 5YO E . -12.49 -9.09 -0.39
C16 5YO E . -14.83 -13.42 -5.16
C17 5YO E . -14.06 -14.69 -5.46
C19 5YO E . -12.72 -13.63 -7.14
C21 5YO E . -13.50 -15.92 -7.46
C23 5YO E . -12.17 -17.58 -8.56
O1 5YO E . -14.38 -11.25 -3.60
N3 5YO E . -13.07 -10.16 -5.02
C9 5YO E . -11.24 -10.93 -1.30
C10 5YO E . -11.67 -10.19 -0.21
O12 5YO E . -12.89 -8.39 0.71
C13 5YO E . -13.74 -7.24 0.58
C14 5YO E . -12.89 -8.73 -1.68
N15 5YO E . -13.98 -12.26 -5.54
N18 5YO E . -13.72 -14.66 -6.88
C20 5YO E . -13.38 -12.28 -6.88
C22 5YO E . -12.27 -16.31 -8.02
N24 5YO E . -13.19 -18.42 -8.57
C25 5YO E . -14.36 -18.08 -8.06
C26 5YO E . -14.55 -16.84 -7.49
F27 5YO E . -15.77 -16.54 -6.98
C2 5YO F . 45.98 24.94 -43.70
C4 5YO F . 45.64 22.81 -44.85
C6 5YO F . 46.23 22.08 -46.05
C7 5YO F . 44.14 22.79 -44.97
C8 5YO F . 43.42 23.82 -45.50
C11 5YO F . 42.14 21.53 -44.59
C16 5YO F . 46.18 27.02 -42.39
C17 5YO F . 45.67 28.40 -42.84
C19 5YO F . 46.88 28.27 -44.89
C21 5YO F . 46.81 30.41 -43.73
C23 5YO F . 46.91 32.47 -44.92
O1 5YO F . 45.32 24.47 -42.79
N3 5YO F . 46.19 24.17 -44.79
C9 5YO F . 42.04 23.70 -45.59
C10 5YO F . 41.40 22.57 -45.14
O12 5YO F . 41.49 20.41 -44.17
C13 5YO F . 42.21 19.32 -43.59
C14 5YO F . 43.51 21.67 -44.52
N15 5YO F . 46.45 26.19 -43.58
N18 5YO F . 46.74 29.01 -43.62
C20 5YO F . 47.29 26.83 -44.61
C22 5YO F . 46.77 31.10 -44.96
N24 5YO F . 47.07 33.16 -43.81
C25 5YO F . 47.12 32.53 -42.64
C26 5YO F . 47.02 31.16 -42.57
F27 5YO F . 47.10 30.59 -41.35
C2 5YO G . 4.90 18.56 0.33
C4 5YO G . 3.40 16.77 -0.45
C6 5YO G . 2.45 15.78 0.20
C7 5YO G . 4.51 15.99 -1.08
C8 5YO G . 5.59 15.58 -0.35
C11 5YO G . 5.40 14.96 -3.02
C16 5YO G . 6.43 20.34 1.04
C17 5YO G . 7.44 20.28 2.19
C19 5YO G . 5.74 19.43 3.67
C21 5YO G . 7.49 20.89 4.53
C23 5YO G . 8.42 20.61 6.74
O1 5YO G . 5.46 18.56 -0.76
N3 5YO G . 3.88 17.70 0.57
C9 5YO G . 6.61 14.87 -0.95
C10 5YO G . 6.51 14.56 -2.28
O12 5YO G . 5.35 14.64 -4.33
C13 5YO G . 4.26 15.03 -5.18
C14 5YO G . 4.40 15.70 -2.40
N15 5YO G . 5.33 19.40 1.28
N18 5YO G . 6.71 20.51 3.43
C20 5YO G . 4.68 19.48 2.60
C22 5YO G . 7.62 20.13 5.71
N24 5YO G . 9.06 21.76 6.64
C25 5YO G . 8.98 22.50 5.54
C26 5YO G . 8.19 22.09 4.47
F27 5YO G . 8.12 22.87 3.38
C2 5YO H . -36.04 -32.23 48.00
C4 5YO H . -34.86 -30.67 49.46
C6 5YO H . -34.87 -30.26 50.93
C7 5YO H . -34.94 -29.39 48.69
C8 5YO H . -36.09 -28.91 48.17
C11 5YO H . -33.72 -27.50 47.87
C16 5YO H . -37.14 -33.84 46.49
C17 5YO H . -38.56 -33.58 45.98
C19 5YO H . -39.45 -33.69 48.20
C21 5YO H . -40.68 -34.74 46.41
C23 5YO H . -43.11 -34.86 46.43
O1 5YO H . -35.21 -32.01 47.14
N3 5YO H . -35.96 -31.59 49.19
C9 5YO H . -36.07 -27.69 47.48
C10 5YO H . -34.90 -26.97 47.34
O12 5YO H . -32.55 -26.80 47.71
C13 5YO H . -31.32 -27.30 48.25
C14 5YO H . -33.76 -28.71 48.54
N15 5YO H . -37.03 -33.13 47.76
N18 5YO H . -39.43 -34.34 46.89
C20 5YO H . -38.05 -33.52 48.75
C22 5YO H . -41.93 -34.36 46.98
N24 5YO H . -43.08 -35.69 45.40
C25 5YO H . -41.93 -36.06 44.86
C26 5YO H . -40.73 -35.62 45.34
F27 5YO H . -39.59 -36.03 44.75
#